data_1LBA
# 
_entry.id   1LBA 
# 
_audit_conform.dict_name       mmcif_pdbx.dic 
_audit_conform.dict_version    5.386 
_audit_conform.dict_location   http://mmcif.pdb.org/dictionaries/ascii/mmcif_pdbx.dic 
# 
loop_
_database_2.database_id 
_database_2.database_code 
_database_2.pdbx_database_accession 
_database_2.pdbx_DOI 
PDB   1LBA         pdb_00001lba 10.2210/pdb1lba/pdb 
WWPDB D_1000174640 ?            ?                   
# 
loop_
_pdbx_audit_revision_history.ordinal 
_pdbx_audit_revision_history.data_content_type 
_pdbx_audit_revision_history.major_revision 
_pdbx_audit_revision_history.minor_revision 
_pdbx_audit_revision_history.revision_date 
1 'Structure model' 1 0 1994-04-30 
2 'Structure model' 1 1 2008-03-24 
3 'Structure model' 1 2 2011-07-13 
4 'Structure model' 1 3 2024-02-14 
# 
_pdbx_audit_revision_details.ordinal             1 
_pdbx_audit_revision_details.revision_ordinal    1 
_pdbx_audit_revision_details.data_content_type   'Structure model' 
_pdbx_audit_revision_details.provider            repository 
_pdbx_audit_revision_details.type                'Initial release' 
_pdbx_audit_revision_details.description         ? 
_pdbx_audit_revision_details.details             ? 
# 
loop_
_pdbx_audit_revision_group.ordinal 
_pdbx_audit_revision_group.revision_ordinal 
_pdbx_audit_revision_group.data_content_type 
_pdbx_audit_revision_group.group 
1 2 'Structure model' 'Version format compliance' 
2 3 'Structure model' 'Version format compliance' 
3 4 'Structure model' 'Data collection'           
4 4 'Structure model' 'Database references'       
5 4 'Structure model' 'Derived calculations'      
6 4 'Structure model' Other                       
# 
loop_
_pdbx_audit_revision_category.ordinal 
_pdbx_audit_revision_category.revision_ordinal 
_pdbx_audit_revision_category.data_content_type 
_pdbx_audit_revision_category.category 
1 4 'Structure model' chem_comp_atom       
2 4 'Structure model' chem_comp_bond       
3 4 'Structure model' database_2           
4 4 'Structure model' pdbx_database_status 
5 4 'Structure model' struct_conn          
6 4 'Structure model' struct_site          
# 
loop_
_pdbx_audit_revision_item.ordinal 
_pdbx_audit_revision_item.revision_ordinal 
_pdbx_audit_revision_item.data_content_type 
_pdbx_audit_revision_item.item 
1  4 'Structure model' '_database_2.pdbx_DOI'                
2  4 'Structure model' '_database_2.pdbx_database_accession' 
3  4 'Structure model' '_pdbx_database_status.process_site'  
4  4 'Structure model' '_struct_conn.ptnr1_auth_comp_id'     
5  4 'Structure model' '_struct_conn.ptnr1_auth_seq_id'      
6  4 'Structure model' '_struct_conn.ptnr1_label_asym_id'    
7  4 'Structure model' '_struct_conn.ptnr1_label_atom_id'    
8  4 'Structure model' '_struct_conn.ptnr1_label_comp_id'    
9  4 'Structure model' '_struct_conn.ptnr1_label_seq_id'     
10 4 'Structure model' '_struct_conn.ptnr2_auth_comp_id'     
11 4 'Structure model' '_struct_conn.ptnr2_auth_seq_id'      
12 4 'Structure model' '_struct_conn.ptnr2_label_asym_id'    
13 4 'Structure model' '_struct_conn.ptnr2_label_atom_id'    
14 4 'Structure model' '_struct_conn.ptnr2_label_comp_id'    
15 4 'Structure model' '_struct_conn.ptnr2_label_seq_id'     
16 4 'Structure model' '_struct_site.pdbx_auth_asym_id'      
17 4 'Structure model' '_struct_site.pdbx_auth_comp_id'      
18 4 'Structure model' '_struct_site.pdbx_auth_seq_id'       
# 
_pdbx_database_status.status_code                     REL 
_pdbx_database_status.entry_id                        1LBA 
_pdbx_database_status.recvd_initial_deposition_date   1993-12-22 
_pdbx_database_status.deposit_site                    ? 
_pdbx_database_status.process_site                    BNL 
_pdbx_database_status.SG_entry                        . 
_pdbx_database_status.pdb_format_compatible           Y 
_pdbx_database_status.status_code_mr                  ? 
_pdbx_database_status.status_code_sf                  ? 
_pdbx_database_status.status_code_cs                  ? 
_pdbx_database_status.status_code_nmr_data            ? 
_pdbx_database_status.methods_development_category    ? 
# 
_audit_author.name           'Cheng, X.' 
_audit_author.pdbx_ordinal   1 
# 
_citation.id                        primary 
_citation.title                     
'The structure of bacteriophage T7 lysozyme, a zinc amidase and an inhibitor of T7 RNA polymerase.' 
_citation.journal_abbrev            Proc.Natl.Acad.Sci.USA 
_citation.journal_volume            91 
_citation.page_first                4034 
_citation.page_last                 4038 
_citation.year                      1994 
_citation.journal_id_ASTM           PNASA6 
_citation.country                   US 
_citation.journal_id_ISSN           0027-8424 
_citation.journal_id_CSD            0040 
_citation.book_publisher            ? 
_citation.pdbx_database_id_PubMed   8171031 
_citation.pdbx_database_id_DOI      10.1073/pnas.91.9.4034 
# 
loop_
_citation_author.citation_id 
_citation_author.name 
_citation_author.ordinal 
_citation_author.identifier_ORCID 
primary 'Cheng, X.'       1 ? 
primary 'Zhang, X.'       2 ? 
primary 'Pflugrath, J.W.' 3 ? 
primary 'Studier, F.W.'   4 ? 
# 
loop_
_entity.id 
_entity.type 
_entity.src_method 
_entity.pdbx_description 
_entity.formula_weight 
_entity.pdbx_number_of_molecules 
_entity.pdbx_ec 
_entity.pdbx_mutation 
_entity.pdbx_fragment 
_entity.details 
1 polymer     man 'T7 LYSOZYME' 16344.479 1  3.5.1.28 ? ? ? 
2 non-polymer syn 'ZINC ION'    65.409    1  ?        ? ? ? 
3 water       nat water         18.015    26 ?        ? ? ? 
# 
_entity_poly.entity_id                      1 
_entity_poly.type                           'polypeptide(L)' 
_entity_poly.nstd_linkage                   no 
_entity_poly.nstd_monomer                   no 
_entity_poly.pdbx_seq_one_letter_code       
;AKQRESTDAIFVHCSATKPSQNVGVREIRQWHKEQGWLDVGYHFIIKRDGTVEAGRDEMAVGSHAKGYNHNSIGVCLVGG
IDDKGKFDANFTPAQMQSLRSLLVTLLAKYEGAVLRAHHEVAPKACPSFDLKRWWEKNELVTSDRG
;
_entity_poly.pdbx_seq_one_letter_code_can   
;AKQRESTDAIFVHCSATKPSQNVGVREIRQWHKEQGWLDVGYHFIIKRDGTVEAGRDEMAVGSHAKGYNHNSIGVCLVGG
IDDKGKFDANFTPAQMQSLRSLLVTLLAKYEGAVLRAHHEVAPKACPSFDLKRWWEKNELVTSDRG
;
_entity_poly.pdbx_strand_id                 A 
_entity_poly.pdbx_target_identifier         ? 
# 
loop_
_pdbx_entity_nonpoly.entity_id 
_pdbx_entity_nonpoly.name 
_pdbx_entity_nonpoly.comp_id 
2 'ZINC ION' ZN  
3 water      HOH 
# 
loop_
_entity_poly_seq.entity_id 
_entity_poly_seq.num 
_entity_poly_seq.mon_id 
_entity_poly_seq.hetero 
1 1   ALA n 
1 2   LYS n 
1 3   GLN n 
1 4   ARG n 
1 5   GLU n 
1 6   SER n 
1 7   THR n 
1 8   ASP n 
1 9   ALA n 
1 10  ILE n 
1 11  PHE n 
1 12  VAL n 
1 13  HIS n 
1 14  CYS n 
1 15  SER n 
1 16  ALA n 
1 17  THR n 
1 18  LYS n 
1 19  PRO n 
1 20  SER n 
1 21  GLN n 
1 22  ASN n 
1 23  VAL n 
1 24  GLY n 
1 25  VAL n 
1 26  ARG n 
1 27  GLU n 
1 28  ILE n 
1 29  ARG n 
1 30  GLN n 
1 31  TRP n 
1 32  HIS n 
1 33  LYS n 
1 34  GLU n 
1 35  GLN n 
1 36  GLY n 
1 37  TRP n 
1 38  LEU n 
1 39  ASP n 
1 40  VAL n 
1 41  GLY n 
1 42  TYR n 
1 43  HIS n 
1 44  PHE n 
1 45  ILE n 
1 46  ILE n 
1 47  LYS n 
1 48  ARG n 
1 49  ASP n 
1 50  GLY n 
1 51  THR n 
1 52  VAL n 
1 53  GLU n 
1 54  ALA n 
1 55  GLY n 
1 56  ARG n 
1 57  ASP n 
1 58  GLU n 
1 59  MET n 
1 60  ALA n 
1 61  VAL n 
1 62  GLY n 
1 63  SER n 
1 64  HIS n 
1 65  ALA n 
1 66  LYS n 
1 67  GLY n 
1 68  TYR n 
1 69  ASN n 
1 70  HIS n 
1 71  ASN n 
1 72  SER n 
1 73  ILE n 
1 74  GLY n 
1 75  VAL n 
1 76  CYS n 
1 77  LEU n 
1 78  VAL n 
1 79  GLY n 
1 80  GLY n 
1 81  ILE n 
1 82  ASP n 
1 83  ASP n 
1 84  LYS n 
1 85  GLY n 
1 86  LYS n 
1 87  PHE n 
1 88  ASP n 
1 89  ALA n 
1 90  ASN n 
1 91  PHE n 
1 92  THR n 
1 93  PRO n 
1 94  ALA n 
1 95  GLN n 
1 96  MET n 
1 97  GLN n 
1 98  SER n 
1 99  LEU n 
1 100 ARG n 
1 101 SER n 
1 102 LEU n 
1 103 LEU n 
1 104 VAL n 
1 105 THR n 
1 106 LEU n 
1 107 LEU n 
1 108 ALA n 
1 109 LYS n 
1 110 TYR n 
1 111 GLU n 
1 112 GLY n 
1 113 ALA n 
1 114 VAL n 
1 115 LEU n 
1 116 ARG n 
1 117 ALA n 
1 118 HIS n 
1 119 HIS n 
1 120 GLU n 
1 121 VAL n 
1 122 ALA n 
1 123 PRO n 
1 124 LYS n 
1 125 ALA n 
1 126 CYS n 
1 127 PRO n 
1 128 SER n 
1 129 PHE n 
1 130 ASP n 
1 131 LEU n 
1 132 LYS n 
1 133 ARG n 
1 134 TRP n 
1 135 TRP n 
1 136 GLU n 
1 137 LYS n 
1 138 ASN n 
1 139 GLU n 
1 140 LEU n 
1 141 VAL n 
1 142 THR n 
1 143 SER n 
1 144 ASP n 
1 145 ARG n 
1 146 GLY n 
# 
_entity_src_gen.entity_id                          1 
_entity_src_gen.pdbx_src_id                        1 
_entity_src_gen.pdbx_alt_source_flag               sample 
_entity_src_gen.pdbx_seq_type                      ? 
_entity_src_gen.pdbx_beg_seq_num                   ? 
_entity_src_gen.pdbx_end_seq_num                   ? 
_entity_src_gen.gene_src_common_name               ? 
_entity_src_gen.gene_src_genus                     'T7-like viruses' 
_entity_src_gen.pdbx_gene_src_gene                 T7 
_entity_src_gen.gene_src_species                   ? 
_entity_src_gen.gene_src_strain                    ? 
_entity_src_gen.gene_src_tissue                    ? 
_entity_src_gen.gene_src_tissue_fraction           ? 
_entity_src_gen.gene_src_details                   ? 
_entity_src_gen.pdbx_gene_src_fragment             ? 
_entity_src_gen.pdbx_gene_src_scientific_name      'Enterobacteria phage T7' 
_entity_src_gen.pdbx_gene_src_ncbi_taxonomy_id     10760 
_entity_src_gen.pdbx_gene_src_variant              ? 
_entity_src_gen.pdbx_gene_src_cell_line            ? 
_entity_src_gen.pdbx_gene_src_atcc                 ? 
_entity_src_gen.pdbx_gene_src_organ                ? 
_entity_src_gen.pdbx_gene_src_organelle            ? 
_entity_src_gen.pdbx_gene_src_cell                 ? 
_entity_src_gen.pdbx_gene_src_cellular_location    ? 
_entity_src_gen.host_org_common_name               ? 
_entity_src_gen.pdbx_host_org_scientific_name      ? 
_entity_src_gen.pdbx_host_org_ncbi_taxonomy_id     ? 
_entity_src_gen.host_org_genus                     ? 
_entity_src_gen.pdbx_host_org_gene                 T7 
_entity_src_gen.pdbx_host_org_organ                ? 
_entity_src_gen.host_org_species                   ? 
_entity_src_gen.pdbx_host_org_tissue               ? 
_entity_src_gen.pdbx_host_org_tissue_fraction      ? 
_entity_src_gen.pdbx_host_org_strain               ? 
_entity_src_gen.pdbx_host_org_variant              ? 
_entity_src_gen.pdbx_host_org_cell_line            ? 
_entity_src_gen.pdbx_host_org_atcc                 ? 
_entity_src_gen.pdbx_host_org_culture_collection   ? 
_entity_src_gen.pdbx_host_org_cell                 ? 
_entity_src_gen.pdbx_host_org_organelle            ? 
_entity_src_gen.pdbx_host_org_cellular_location    ? 
_entity_src_gen.pdbx_host_org_vector_type          T7 
_entity_src_gen.pdbx_host_org_vector               ? 
_entity_src_gen.host_org_details                   ? 
_entity_src_gen.expression_system_id               ? 
_entity_src_gen.plasmid_name                       T7 
_entity_src_gen.plasmid_details                    ? 
_entity_src_gen.pdbx_description                   ? 
# 
loop_
_chem_comp.id 
_chem_comp.type 
_chem_comp.mon_nstd_flag 
_chem_comp.name 
_chem_comp.pdbx_synonyms 
_chem_comp.formula 
_chem_comp.formula_weight 
ALA 'L-peptide linking' y ALANINE         ? 'C3 H7 N O2'     89.093  
ARG 'L-peptide linking' y ARGININE        ? 'C6 H15 N4 O2 1' 175.209 
ASN 'L-peptide linking' y ASPARAGINE      ? 'C4 H8 N2 O3'    132.118 
ASP 'L-peptide linking' y 'ASPARTIC ACID' ? 'C4 H7 N O4'     133.103 
CYS 'L-peptide linking' y CYSTEINE        ? 'C3 H7 N O2 S'   121.158 
GLN 'L-peptide linking' y GLUTAMINE       ? 'C5 H10 N2 O3'   146.144 
GLU 'L-peptide linking' y 'GLUTAMIC ACID' ? 'C5 H9 N O4'     147.129 
GLY 'peptide linking'   y GLYCINE         ? 'C2 H5 N O2'     75.067  
HIS 'L-peptide linking' y HISTIDINE       ? 'C6 H10 N3 O2 1' 156.162 
HOH non-polymer         . WATER           ? 'H2 O'           18.015  
ILE 'L-peptide linking' y ISOLEUCINE      ? 'C6 H13 N O2'    131.173 
LEU 'L-peptide linking' y LEUCINE         ? 'C6 H13 N O2'    131.173 
LYS 'L-peptide linking' y LYSINE          ? 'C6 H15 N2 O2 1' 147.195 
MET 'L-peptide linking' y METHIONINE      ? 'C5 H11 N O2 S'  149.211 
PHE 'L-peptide linking' y PHENYLALANINE   ? 'C9 H11 N O2'    165.189 
PRO 'L-peptide linking' y PROLINE         ? 'C5 H9 N O2'     115.130 
SER 'L-peptide linking' y SERINE          ? 'C3 H7 N O3'     105.093 
THR 'L-peptide linking' y THREONINE       ? 'C4 H9 N O3'     119.119 
TRP 'L-peptide linking' y TRYPTOPHAN      ? 'C11 H12 N2 O2'  204.225 
TYR 'L-peptide linking' y TYROSINE        ? 'C9 H11 N O3'    181.189 
VAL 'L-peptide linking' y VALINE          ? 'C5 H11 N O2'    117.146 
ZN  non-polymer         . 'ZINC ION'      ? 'Zn 2'           65.409  
# 
loop_
_pdbx_poly_seq_scheme.asym_id 
_pdbx_poly_seq_scheme.entity_id 
_pdbx_poly_seq_scheme.seq_id 
_pdbx_poly_seq_scheme.mon_id 
_pdbx_poly_seq_scheme.ndb_seq_num 
_pdbx_poly_seq_scheme.pdb_seq_num 
_pdbx_poly_seq_scheme.auth_seq_num 
_pdbx_poly_seq_scheme.pdb_mon_id 
_pdbx_poly_seq_scheme.auth_mon_id 
_pdbx_poly_seq_scheme.pdb_strand_id 
_pdbx_poly_seq_scheme.pdb_ins_code 
_pdbx_poly_seq_scheme.hetero 
A 1 1   ALA 1   1   1   ALA ALA A . n 
A 1 2   LYS 2   6   6   LYS LYS A . n 
A 1 3   GLN 3   7   7   GLN GLN A . n 
A 1 4   ARG 4   8   8   ARG ARG A . n 
A 1 5   GLU 5   9   9   GLU GLU A . n 
A 1 6   SER 6   10  10  SER SER A . n 
A 1 7   THR 7   11  11  THR THR A . n 
A 1 8   ASP 8   12  12  ASP ASP A . n 
A 1 9   ALA 9   13  13  ALA ALA A . n 
A 1 10  ILE 10  14  14  ILE ILE A . n 
A 1 11  PHE 11  15  15  PHE PHE A . n 
A 1 12  VAL 12  16  16  VAL VAL A . n 
A 1 13  HIS 13  17  17  HIS HIS A . n 
A 1 14  CYS 14  18  18  CYS CYS A . n 
A 1 15  SER 15  19  19  SER SER A . n 
A 1 16  ALA 16  20  20  ALA ALA A . n 
A 1 17  THR 17  21  21  THR THR A . n 
A 1 18  LYS 18  22  22  LYS LYS A . n 
A 1 19  PRO 19  23  23  PRO PRO A . n 
A 1 20  SER 20  24  24  SER SER A . n 
A 1 21  GLN 21  25  25  GLN GLN A . n 
A 1 22  ASN 22  26  26  ASN ASN A . n 
A 1 23  VAL 23  27  27  VAL VAL A . n 
A 1 24  GLY 24  28  28  GLY GLY A . n 
A 1 25  VAL 25  29  29  VAL VAL A . n 
A 1 26  ARG 26  30  30  ARG ARG A . n 
A 1 27  GLU 27  31  31  GLU GLU A . n 
A 1 28  ILE 28  32  32  ILE ILE A . n 
A 1 29  ARG 29  33  33  ARG ARG A . n 
A 1 30  GLN 30  34  34  GLN GLN A . n 
A 1 31  TRP 31  35  35  TRP TRP A . n 
A 1 32  HIS 32  36  36  HIS HIS A . n 
A 1 33  LYS 33  37  37  LYS LYS A . n 
A 1 34  GLU 34  38  38  GLU GLU A . n 
A 1 35  GLN 35  39  39  GLN GLN A . n 
A 1 36  GLY 36  40  40  GLY GLY A . n 
A 1 37  TRP 37  41  41  TRP TRP A . n 
A 1 38  LEU 38  42  42  LEU LEU A . n 
A 1 39  ASP 39  43  43  ASP ASP A . n 
A 1 40  VAL 40  44  44  VAL VAL A . n 
A 1 41  GLY 41  45  45  GLY GLY A . n 
A 1 42  TYR 42  46  46  TYR TYR A . n 
A 1 43  HIS 43  47  47  HIS HIS A . n 
A 1 44  PHE 44  48  48  PHE PHE A . n 
A 1 45  ILE 45  49  49  ILE ILE A . n 
A 1 46  ILE 46  50  50  ILE ILE A . n 
A 1 47  LYS 47  51  51  LYS LYS A . n 
A 1 48  ARG 48  52  52  ARG ARG A . n 
A 1 49  ASP 49  53  53  ASP ASP A . n 
A 1 50  GLY 50  54  54  GLY GLY A . n 
A 1 51  THR 51  55  55  THR THR A . n 
A 1 52  VAL 52  56  56  VAL VAL A . n 
A 1 53  GLU 53  57  57  GLU GLU A . n 
A 1 54  ALA 54  58  58  ALA ALA A . n 
A 1 55  GLY 55  59  59  GLY GLY A . n 
A 1 56  ARG 56  60  60  ARG ARG A . n 
A 1 57  ASP 57  61  61  ASP ASP A . n 
A 1 58  GLU 58  62  62  GLU GLU A . n 
A 1 59  MET 59  63  63  MET MET A . n 
A 1 60  ALA 60  64  64  ALA ALA A . n 
A 1 61  VAL 61  65  65  VAL VAL A . n 
A 1 62  GLY 62  66  66  GLY GLY A . n 
A 1 63  SER 63  67  67  SER SER A . n 
A 1 64  HIS 64  68  68  HIS HIS A . n 
A 1 65  ALA 65  69  69  ALA ALA A . n 
A 1 66  LYS 66  70  70  LYS LYS A . n 
A 1 67  GLY 67  71  71  GLY GLY A . n 
A 1 68  TYR 68  72  72  TYR TYR A . n 
A 1 69  ASN 69  73  73  ASN ASN A . n 
A 1 70  HIS 70  74  74  HIS HIS A . n 
A 1 71  ASN 71  75  75  ASN ASN A . n 
A 1 72  SER 72  76  76  SER SER A . n 
A 1 73  ILE 73  77  77  ILE ILE A . n 
A 1 74  GLY 74  78  78  GLY GLY A . n 
A 1 75  VAL 75  79  79  VAL VAL A . n 
A 1 76  CYS 76  80  80  CYS CYS A . n 
A 1 77  LEU 77  81  81  LEU LEU A . n 
A 1 78  VAL 78  82  82  VAL VAL A . n 
A 1 79  GLY 79  83  83  GLY GLY A . n 
A 1 80  GLY 80  84  84  GLY GLY A . n 
A 1 81  ILE 81  85  85  ILE ILE A . n 
A 1 82  ASP 82  86  86  ASP ASP A . n 
A 1 83  ASP 83  87  87  ASP ASP A . n 
A 1 84  LYS 84  88  88  LYS LYS A . n 
A 1 85  GLY 85  89  89  GLY GLY A . n 
A 1 86  LYS 86  90  90  LYS LYS A . n 
A 1 87  PHE 87  91  91  PHE PHE A . n 
A 1 88  ASP 88  92  92  ASP ASP A . n 
A 1 89  ALA 89  93  93  ALA ALA A . n 
A 1 90  ASN 90  94  94  ASN ASN A . n 
A 1 91  PHE 91  95  95  PHE PHE A . n 
A 1 92  THR 92  96  96  THR THR A . n 
A 1 93  PRO 93  97  97  PRO PRO A . n 
A 1 94  ALA 94  98  98  ALA ALA A . n 
A 1 95  GLN 95  99  99  GLN GLN A . n 
A 1 96  MET 96  100 100 MET MET A . n 
A 1 97  GLN 97  101 101 GLN GLN A . n 
A 1 98  SER 98  102 102 SER SER A . n 
A 1 99  LEU 99  103 103 LEU LEU A . n 
A 1 100 ARG 100 104 104 ARG ARG A . n 
A 1 101 SER 101 105 105 SER SER A . n 
A 1 102 LEU 102 106 106 LEU LEU A . n 
A 1 103 LEU 103 107 107 LEU LEU A . n 
A 1 104 VAL 104 108 108 VAL VAL A . n 
A 1 105 THR 105 109 109 THR THR A . n 
A 1 106 LEU 106 110 110 LEU LEU A . n 
A 1 107 LEU 107 111 111 LEU LEU A . n 
A 1 108 ALA 108 112 112 ALA ALA A . n 
A 1 109 LYS 109 113 113 LYS LYS A . n 
A 1 110 TYR 110 114 114 TYR TYR A . n 
A 1 111 GLU 111 115 115 GLU GLU A . n 
A 1 112 GLY 112 116 116 GLY GLY A . n 
A 1 113 ALA 113 117 117 ALA ALA A . n 
A 1 114 VAL 114 118 118 VAL VAL A . n 
A 1 115 LEU 115 119 119 LEU LEU A . n 
A 1 116 ARG 116 120 120 ARG ARG A . n 
A 1 117 ALA 117 121 121 ALA ALA A . n 
A 1 118 HIS 118 122 122 HIS HIS A . n 
A 1 119 HIS 119 123 123 HIS HIS A . n 
A 1 120 GLU 120 124 124 GLU GLU A . n 
A 1 121 VAL 121 125 125 VAL VAL A . n 
A 1 122 ALA 122 126 126 ALA ALA A . n 
A 1 123 PRO 123 127 127 PRO PRO A . n 
A 1 124 LYS 124 128 128 LYS LYS A . n 
A 1 125 ALA 125 129 129 ALA ALA A . n 
A 1 126 CYS 126 130 130 CYS CYS A . n 
A 1 127 PRO 127 131 131 PRO PRO A . n 
A 1 128 SER 128 132 132 SER SER A . n 
A 1 129 PHE 129 133 133 PHE PHE A . n 
A 1 130 ASP 130 134 134 ASP ASP A . n 
A 1 131 LEU 131 135 135 LEU LEU A . n 
A 1 132 LYS 132 136 136 LYS LYS A . n 
A 1 133 ARG 133 137 137 ARG ARG A . n 
A 1 134 TRP 134 138 138 TRP TRP A . n 
A 1 135 TRP 135 139 139 TRP TRP A . n 
A 1 136 GLU 136 140 140 GLU GLU A . n 
A 1 137 LYS 137 141 141 LYS LYS A . n 
A 1 138 ASN 138 142 142 ASN ASN A . n 
A 1 139 GLU 139 143 143 GLU GLU A . n 
A 1 140 LEU 140 144 144 LEU LEU A . n 
A 1 141 VAL 141 145 145 VAL VAL A . n 
A 1 142 THR 142 146 146 THR THR A . n 
A 1 143 SER 143 147 147 SER SER A . n 
A 1 144 ASP 144 148 148 ASP ASP A . n 
A 1 145 ARG 145 149 149 ARG ARG A . n 
A 1 146 GLY 146 150 150 GLY GLY A . n 
# 
loop_
_pdbx_nonpoly_scheme.asym_id 
_pdbx_nonpoly_scheme.entity_id 
_pdbx_nonpoly_scheme.mon_id 
_pdbx_nonpoly_scheme.ndb_seq_num 
_pdbx_nonpoly_scheme.pdb_seq_num 
_pdbx_nonpoly_scheme.auth_seq_num 
_pdbx_nonpoly_scheme.pdb_mon_id 
_pdbx_nonpoly_scheme.auth_mon_id 
_pdbx_nonpoly_scheme.pdb_strand_id 
_pdbx_nonpoly_scheme.pdb_ins_code 
B 2 ZN  1  151 151 ZN  ZN  A . 
C 3 HOH 1  199 199 HOH HOH A . 
C 3 HOH 2  200 200 HOH HOH A . 
C 3 HOH 3  201 201 HOH HOH A . 
C 3 HOH 4  202 202 HOH HOH A . 
C 3 HOH 5  203 203 HOH HOH A . 
C 3 HOH 6  204 204 HOH HOH A . 
C 3 HOH 7  205 205 HOH HOH A . 
C 3 HOH 8  206 206 HOH HOH A . 
C 3 HOH 9  207 207 HOH HOH A . 
C 3 HOH 10 208 208 HOH HOH A . 
C 3 HOH 11 209 209 HOH HOH A . 
C 3 HOH 12 210 210 HOH HOH A . 
C 3 HOH 13 211 211 HOH HOH A . 
C 3 HOH 14 212 212 HOH HOH A . 
C 3 HOH 15 213 213 HOH HOH A . 
C 3 HOH 16 214 214 HOH HOH A . 
C 3 HOH 17 215 215 HOH HOH A . 
C 3 HOH 18 216 216 HOH HOH A . 
C 3 HOH 19 217 217 HOH HOH A . 
C 3 HOH 20 218 218 HOH HOH A . 
C 3 HOH 21 219 219 HOH HOH A . 
C 3 HOH 22 220 220 HOH HOH A . 
C 3 HOH 23 221 221 HOH HOH A . 
C 3 HOH 24 222 222 HOH HOH A . 
C 3 HOH 25 223 223 HOH HOH A . 
C 3 HOH 26 224 224 HOH HOH A . 
# 
loop_
_software.name 
_software.classification 
_software.version 
_software.citation_id 
_software.pdbx_ordinal 
X-PLOR 'model building' . ? 1 
X-PLOR refinement       . ? 2 
X-PLOR phasing          . ? 3 
# 
_cell.entry_id           1LBA 
_cell.length_a           46.500 
_cell.length_b           62.500 
_cell.length_c           110.000 
_cell.angle_alpha        90.00 
_cell.angle_beta         90.00 
_cell.angle_gamma        90.00 
_cell.Z_PDB              8 
_cell.pdbx_unique_axis   ? 
# 
_symmetry.entry_id                         1LBA 
_symmetry.space_group_name_H-M             'C 2 2 21' 
_symmetry.pdbx_full_space_group_name_H-M   ? 
_symmetry.cell_setting                     ? 
_symmetry.Int_Tables_number                20 
# 
_exptl.entry_id          1LBA 
_exptl.method            'X-RAY DIFFRACTION' 
_exptl.crystals_number   ? 
# 
_exptl_crystal.id                    1 
_exptl_crystal.density_meas          ? 
_exptl_crystal.density_Matthews      2.44 
_exptl_crystal.density_percent_sol   49.68 
_exptl_crystal.description           ? 
# 
_diffrn.id                     1 
_diffrn.ambient_temp           ? 
_diffrn.ambient_temp_details   ? 
_diffrn.crystal_id             1 
# 
_diffrn_radiation.diffrn_id                        1 
_diffrn_radiation.wavelength_id                    1 
_diffrn_radiation.pdbx_monochromatic_or_laue_m_l   ? 
_diffrn_radiation.monochromator                    ? 
_diffrn_radiation.pdbx_diffrn_protocol             ? 
_diffrn_radiation.pdbx_scattering_type             x-ray 
# 
_diffrn_radiation_wavelength.id           1 
_diffrn_radiation_wavelength.wavelength   . 
_diffrn_radiation_wavelength.wt           1.0 
# 
_refine.entry_id                                 1LBA 
_refine.ls_number_reflns_obs                     6991 
_refine.ls_number_reflns_all                     ? 
_refine.pdbx_ls_sigma_I                          ? 
_refine.pdbx_ls_sigma_F                          2.0 
_refine.pdbx_data_cutoff_high_absF               ? 
_refine.pdbx_data_cutoff_low_absF                ? 
_refine.pdbx_data_cutoff_high_rms_absF           ? 
_refine.ls_d_res_low                             10. 
_refine.ls_d_res_high                            2.2 
_refine.ls_percent_reflns_obs                    ? 
_refine.ls_R_factor_obs                          0.1900000 
_refine.ls_R_factor_all                          ? 
_refine.ls_R_factor_R_work                       0.1900000 
_refine.ls_R_factor_R_free                       ? 
_refine.ls_R_factor_R_free_error                 ? 
_refine.ls_R_factor_R_free_error_details         ? 
_refine.ls_percent_reflns_R_free                 ? 
_refine.ls_number_reflns_R_free                  ? 
_refine.ls_number_parameters                     ? 
_refine.ls_number_restraints                     ? 
_refine.occupancy_min                            ? 
_refine.occupancy_max                            ? 
_refine.B_iso_mean                               ? 
_refine.aniso_B[1][1]                            ? 
_refine.aniso_B[2][2]                            ? 
_refine.aniso_B[3][3]                            ? 
_refine.aniso_B[1][2]                            ? 
_refine.aniso_B[1][3]                            ? 
_refine.aniso_B[2][3]                            ? 
_refine.solvent_model_details                    ? 
_refine.solvent_model_param_ksol                 ? 
_refine.solvent_model_param_bsol                 ? 
_refine.pdbx_ls_cross_valid_method               ? 
_refine.details                                  ? 
_refine.pdbx_starting_model                      ? 
_refine.pdbx_method_to_determine_struct          ? 
_refine.pdbx_isotropic_thermal_model             ? 
_refine.pdbx_stereochemistry_target_values       ? 
_refine.pdbx_stereochem_target_val_spec_case     ? 
_refine.pdbx_R_Free_selection_details            ? 
_refine.pdbx_overall_ESU_R                       ? 
_refine.pdbx_overall_ESU_R_Free                  ? 
_refine.overall_SU_ML                            ? 
_refine.overall_SU_B                             ? 
_refine.pdbx_refine_id                           'X-RAY DIFFRACTION' 
_refine.pdbx_diffrn_id                           1 
_refine.pdbx_TLS_residual_ADP_flag               ? 
_refine.correlation_coeff_Fo_to_Fc               ? 
_refine.correlation_coeff_Fo_to_Fc_free          ? 
_refine.pdbx_solvent_vdw_probe_radii             ? 
_refine.pdbx_solvent_ion_probe_radii             ? 
_refine.pdbx_solvent_shrinkage_radii             ? 
_refine.pdbx_overall_phase_error                 ? 
_refine.overall_SU_R_Cruickshank_DPI             ? 
_refine.pdbx_overall_SU_R_free_Cruickshank_DPI   ? 
_refine.pdbx_overall_SU_R_Blow_DPI               ? 
_refine.pdbx_overall_SU_R_free_Blow_DPI          ? 
# 
_refine_hist.pdbx_refine_id                   'X-RAY DIFFRACTION' 
_refine_hist.cycle_id                         LAST 
_refine_hist.pdbx_number_atoms_protein        1150 
_refine_hist.pdbx_number_atoms_nucleic_acid   0 
_refine_hist.pdbx_number_atoms_ligand         1 
_refine_hist.number_atoms_solvent             26 
_refine_hist.number_atoms_total               1177 
_refine_hist.d_res_high                       2.2 
_refine_hist.d_res_low                        10. 
# 
loop_
_refine_ls_restr.type 
_refine_ls_restr.dev_ideal 
_refine_ls_restr.dev_ideal_target 
_refine_ls_restr.weight 
_refine_ls_restr.number 
_refine_ls_restr.pdbx_refine_id 
_refine_ls_restr.pdbx_restraint_function 
x_bond_d                0.017 ? ? ? 'X-RAY DIFFRACTION' ? 
x_bond_d_na             ?     ? ? ? 'X-RAY DIFFRACTION' ? 
x_bond_d_prot           ?     ? ? ? 'X-RAY DIFFRACTION' ? 
x_angle_d               ?     ? ? ? 'X-RAY DIFFRACTION' ? 
x_angle_d_na            ?     ? ? ? 'X-RAY DIFFRACTION' ? 
x_angle_d_prot          ?     ? ? ? 'X-RAY DIFFRACTION' ? 
x_angle_deg             3.30  ? ? ? 'X-RAY DIFFRACTION' ? 
x_angle_deg_na          ?     ? ? ? 'X-RAY DIFFRACTION' ? 
x_angle_deg_prot        ?     ? ? ? 'X-RAY DIFFRACTION' ? 
x_dihedral_angle_d      ?     ? ? ? 'X-RAY DIFFRACTION' ? 
x_dihedral_angle_d_na   ?     ? ? ? 'X-RAY DIFFRACTION' ? 
x_dihedral_angle_d_prot ?     ? ? ? 'X-RAY DIFFRACTION' ? 
x_improper_angle_d      ?     ? ? ? 'X-RAY DIFFRACTION' ? 
x_improper_angle_d_na   ?     ? ? ? 'X-RAY DIFFRACTION' ? 
x_improper_angle_d_prot ?     ? ? ? 'X-RAY DIFFRACTION' ? 
x_mcbond_it             ?     ? ? ? 'X-RAY DIFFRACTION' ? 
x_mcangle_it            ?     ? ? ? 'X-RAY DIFFRACTION' ? 
x_scbond_it             ?     ? ? ? 'X-RAY DIFFRACTION' ? 
x_scangle_it            ?     ? ? ? 'X-RAY DIFFRACTION' ? 
# 
_struct.entry_id                  1LBA 
_struct.title                     
'THE STRUCTURE OF BACTERIOPHAGE T7 LYSOZYME, A ZINC AMIDASE AND AN INHIBITOR OF T7 RNA POLYMERASE' 
_struct.pdbx_model_details        ? 
_struct.pdbx_CASP_flag            ? 
_struct.pdbx_model_type_details   ? 
# 
_struct_keywords.entry_id        1LBA 
_struct_keywords.pdbx_keywords   'HYDROLASE(ACTING ON LINEAR AMIDES)' 
_struct_keywords.text            'HYDROLASE(ACTING ON LINEAR AMIDES)' 
# 
loop_
_struct_asym.id 
_struct_asym.pdbx_blank_PDB_chainid_flag 
_struct_asym.pdbx_modified 
_struct_asym.entity_id 
_struct_asym.details 
A N N 1 ? 
B N N 2 ? 
C N N 3 ? 
# 
_struct_ref.id                         1 
_struct_ref.db_name                    UNP 
_struct_ref.db_code                    NAAA_BPT7 
_struct_ref.entity_id                  1 
_struct_ref.pdbx_db_accession          P00806 
_struct_ref.pdbx_align_begin           1 
_struct_ref.pdbx_seq_one_letter_code   
;ARVQFKQRESTDAIFVHCSATKPSQNVGVREIRQWHKEQGWLDVGYHFIIKRDGTVEAGRDEMAVGSHAKGYNHNSIGVC
LVGGIDDKGKFDANFTPAQMQSLRSLLVTLLAKYEGAVLRAHHEVAPKACPSFDLKRWWEKNELVTSDRG
;
_struct_ref.pdbx_db_isoform            ? 
# 
_struct_ref_seq.align_id                      1 
_struct_ref_seq.ref_id                        1 
_struct_ref_seq.pdbx_PDB_id_code              1LBA 
_struct_ref_seq.pdbx_strand_id                A 
_struct_ref_seq.seq_align_beg                 2 
_struct_ref_seq.pdbx_seq_align_beg_ins_code   ? 
_struct_ref_seq.seq_align_end                 146 
_struct_ref_seq.pdbx_seq_align_end_ins_code   ? 
_struct_ref_seq.pdbx_db_accession             P00806 
_struct_ref_seq.db_align_beg                  6 
_struct_ref_seq.pdbx_db_align_beg_ins_code    ? 
_struct_ref_seq.db_align_end                  150 
_struct_ref_seq.pdbx_db_align_end_ins_code    ? 
_struct_ref_seq.pdbx_auth_seq_align_beg       6 
_struct_ref_seq.pdbx_auth_seq_align_end       150 
# 
_pdbx_struct_assembly.id                   1 
_pdbx_struct_assembly.details              author_defined_assembly 
_pdbx_struct_assembly.method_details       ? 
_pdbx_struct_assembly.oligomeric_details   monomeric 
_pdbx_struct_assembly.oligomeric_count     1 
# 
_pdbx_struct_assembly_gen.assembly_id       1 
_pdbx_struct_assembly_gen.oper_expression   1 
_pdbx_struct_assembly_gen.asym_id_list      A,B,C 
# 
_pdbx_struct_oper_list.id                   1 
_pdbx_struct_oper_list.type                 'identity operation' 
_pdbx_struct_oper_list.name                 1_555 
_pdbx_struct_oper_list.symmetry_operation   x,y,z 
_pdbx_struct_oper_list.matrix[1][1]         1.0000000000 
_pdbx_struct_oper_list.matrix[1][2]         0.0000000000 
_pdbx_struct_oper_list.matrix[1][3]         0.0000000000 
_pdbx_struct_oper_list.vector[1]            0.0000000000 
_pdbx_struct_oper_list.matrix[2][1]         0.0000000000 
_pdbx_struct_oper_list.matrix[2][2]         1.0000000000 
_pdbx_struct_oper_list.matrix[2][3]         0.0000000000 
_pdbx_struct_oper_list.vector[2]            0.0000000000 
_pdbx_struct_oper_list.matrix[3][1]         0.0000000000 
_pdbx_struct_oper_list.matrix[3][2]         0.0000000000 
_pdbx_struct_oper_list.matrix[3][3]         1.0000000000 
_pdbx_struct_oper_list.vector[3]            0.0000000000 
# 
_struct_biol.id   1 
# 
loop_
_struct_conf.conf_type_id 
_struct_conf.id 
_struct_conf.pdbx_PDB_helix_id 
_struct_conf.beg_label_comp_id 
_struct_conf.beg_label_asym_id 
_struct_conf.beg_label_seq_id 
_struct_conf.pdbx_beg_PDB_ins_code 
_struct_conf.end_label_comp_id 
_struct_conf.end_label_asym_id 
_struct_conf.end_label_seq_id 
_struct_conf.pdbx_end_PDB_ins_code 
_struct_conf.beg_auth_comp_id 
_struct_conf.beg_auth_asym_id 
_struct_conf.beg_auth_seq_id 
_struct_conf.end_auth_comp_id 
_struct_conf.end_auth_asym_id 
_struct_conf.end_auth_seq_id 
_struct_conf.pdbx_PDB_helix_class 
_struct_conf.details 
_struct_conf.pdbx_PDB_helix_length 
HELX_P HELX_P1 A VAL A 25  ? GLN A 35  ? VAL A 29  GLN A 39  1 ? 11 
HELX_P HELX_P2 B ALA A 94  ? GLU A 111 ? ALA A 98  GLU A 115 1 ? 18 
HELX_P HELX_P3 C LEU A 131 ? TRP A 135 ? LEU A 135 TRP A 139 1 ? 5  
# 
_struct_conf_type.id          HELX_P 
_struct_conf_type.criteria    ? 
_struct_conf_type.reference   ? 
# 
loop_
_struct_conn.id 
_struct_conn.conn_type_id 
_struct_conn.pdbx_leaving_atom_flag 
_struct_conn.pdbx_PDB_id 
_struct_conn.ptnr1_label_asym_id 
_struct_conn.ptnr1_label_comp_id 
_struct_conn.ptnr1_label_seq_id 
_struct_conn.ptnr1_label_atom_id 
_struct_conn.pdbx_ptnr1_label_alt_id 
_struct_conn.pdbx_ptnr1_PDB_ins_code 
_struct_conn.pdbx_ptnr1_standard_comp_id 
_struct_conn.ptnr1_symmetry 
_struct_conn.ptnr2_label_asym_id 
_struct_conn.ptnr2_label_comp_id 
_struct_conn.ptnr2_label_seq_id 
_struct_conn.ptnr2_label_atom_id 
_struct_conn.pdbx_ptnr2_label_alt_id 
_struct_conn.pdbx_ptnr2_PDB_ins_code 
_struct_conn.ptnr1_auth_asym_id 
_struct_conn.ptnr1_auth_comp_id 
_struct_conn.ptnr1_auth_seq_id 
_struct_conn.ptnr2_auth_asym_id 
_struct_conn.ptnr2_auth_comp_id 
_struct_conn.ptnr2_auth_seq_id 
_struct_conn.ptnr2_symmetry 
_struct_conn.pdbx_ptnr3_label_atom_id 
_struct_conn.pdbx_ptnr3_label_seq_id 
_struct_conn.pdbx_ptnr3_label_comp_id 
_struct_conn.pdbx_ptnr3_label_asym_id 
_struct_conn.pdbx_ptnr3_label_alt_id 
_struct_conn.pdbx_ptnr3_PDB_ins_code 
_struct_conn.details 
_struct_conn.pdbx_dist_value 
_struct_conn.pdbx_value_order 
_struct_conn.pdbx_role 
metalc1 metalc ? ? A HIS 13  ND1 ? ? ? 1_555 B ZN . ZN ? ? A HIS 17  A ZN 151 1_555 ? ? ? ? ? ? ? 2.523 ? ? 
metalc2 metalc ? ? A HIS 118 ND1 ? ? ? 1_555 B ZN . ZN ? ? A HIS 122 A ZN 151 1_555 ? ? ? ? ? ? ? 2.669 ? ? 
metalc3 metalc ? ? A CYS 126 SG  ? ? ? 1_555 B ZN . ZN ? ? A CYS 130 A ZN 151 1_555 ? ? ? ? ? ? ? 2.152 ? ? 
# 
_struct_conn_type.id          metalc 
_struct_conn_type.criteria    ? 
_struct_conn_type.reference   ? 
# 
loop_
_pdbx_struct_conn_angle.id 
_pdbx_struct_conn_angle.ptnr1_label_atom_id 
_pdbx_struct_conn_angle.ptnr1_label_alt_id 
_pdbx_struct_conn_angle.ptnr1_label_asym_id 
_pdbx_struct_conn_angle.ptnr1_label_comp_id 
_pdbx_struct_conn_angle.ptnr1_label_seq_id 
_pdbx_struct_conn_angle.ptnr1_auth_atom_id 
_pdbx_struct_conn_angle.ptnr1_auth_asym_id 
_pdbx_struct_conn_angle.ptnr1_auth_comp_id 
_pdbx_struct_conn_angle.ptnr1_auth_seq_id 
_pdbx_struct_conn_angle.ptnr1_PDB_ins_code 
_pdbx_struct_conn_angle.ptnr1_symmetry 
_pdbx_struct_conn_angle.ptnr2_label_atom_id 
_pdbx_struct_conn_angle.ptnr2_label_alt_id 
_pdbx_struct_conn_angle.ptnr2_label_asym_id 
_pdbx_struct_conn_angle.ptnr2_label_comp_id 
_pdbx_struct_conn_angle.ptnr2_label_seq_id 
_pdbx_struct_conn_angle.ptnr2_auth_atom_id 
_pdbx_struct_conn_angle.ptnr2_auth_asym_id 
_pdbx_struct_conn_angle.ptnr2_auth_comp_id 
_pdbx_struct_conn_angle.ptnr2_auth_seq_id 
_pdbx_struct_conn_angle.ptnr2_PDB_ins_code 
_pdbx_struct_conn_angle.ptnr2_symmetry 
_pdbx_struct_conn_angle.ptnr3_label_atom_id 
_pdbx_struct_conn_angle.ptnr3_label_alt_id 
_pdbx_struct_conn_angle.ptnr3_label_asym_id 
_pdbx_struct_conn_angle.ptnr3_label_comp_id 
_pdbx_struct_conn_angle.ptnr3_label_seq_id 
_pdbx_struct_conn_angle.ptnr3_auth_atom_id 
_pdbx_struct_conn_angle.ptnr3_auth_asym_id 
_pdbx_struct_conn_angle.ptnr3_auth_comp_id 
_pdbx_struct_conn_angle.ptnr3_auth_seq_id 
_pdbx_struct_conn_angle.ptnr3_PDB_ins_code 
_pdbx_struct_conn_angle.ptnr3_symmetry 
_pdbx_struct_conn_angle.value 
_pdbx_struct_conn_angle.value_esd 
1 ND1 ? A HIS 13  ? A HIS 17  ? 1_555 ZN ? B ZN . ? A ZN 151 ? 1_555 ND1 ? A HIS 118 ? A HIS 122 ? 1_555 79.4  ? 
2 ND1 ? A HIS 13  ? A HIS 17  ? 1_555 ZN ? B ZN . ? A ZN 151 ? 1_555 SG  ? A CYS 126 ? A CYS 130 ? 1_555 109.1 ? 
3 ND1 ? A HIS 118 ? A HIS 122 ? 1_555 ZN ? B ZN . ? A ZN 151 ? 1_555 SG  ? A CYS 126 ? A CYS 130 ? 1_555 127.3 ? 
# 
_struct_mon_prot_cis.pdbx_id                1 
_struct_mon_prot_cis.label_comp_id          CYS 
_struct_mon_prot_cis.label_seq_id           126 
_struct_mon_prot_cis.label_asym_id          A 
_struct_mon_prot_cis.label_alt_id           . 
_struct_mon_prot_cis.pdbx_PDB_ins_code      ? 
_struct_mon_prot_cis.auth_comp_id           CYS 
_struct_mon_prot_cis.auth_seq_id            130 
_struct_mon_prot_cis.auth_asym_id           A 
_struct_mon_prot_cis.pdbx_label_comp_id_2   PRO 
_struct_mon_prot_cis.pdbx_label_seq_id_2    127 
_struct_mon_prot_cis.pdbx_label_asym_id_2   A 
_struct_mon_prot_cis.pdbx_PDB_ins_code_2    ? 
_struct_mon_prot_cis.pdbx_auth_comp_id_2    PRO 
_struct_mon_prot_cis.pdbx_auth_seq_id_2     131 
_struct_mon_prot_cis.pdbx_auth_asym_id_2    A 
_struct_mon_prot_cis.pdbx_PDB_model_num     1 
_struct_mon_prot_cis.pdbx_omega_angle       16.21 
# 
_struct_sheet.id               S1 
_struct_sheet.type             ? 
_struct_sheet.number_strands   5 
_struct_sheet.details          ? 
# 
loop_
_struct_sheet_order.sheet_id 
_struct_sheet_order.range_id_1 
_struct_sheet_order.range_id_2 
_struct_sheet_order.offset 
_struct_sheet_order.sense 
S1 1 2 ? anti-parallel 
S1 2 3 ? parallel      
S1 3 4 ? parallel      
S1 4 5 ? parallel      
# 
loop_
_struct_sheet_range.sheet_id 
_struct_sheet_range.id 
_struct_sheet_range.beg_label_comp_id 
_struct_sheet_range.beg_label_asym_id 
_struct_sheet_range.beg_label_seq_id 
_struct_sheet_range.pdbx_beg_PDB_ins_code 
_struct_sheet_range.end_label_comp_id 
_struct_sheet_range.end_label_asym_id 
_struct_sheet_range.end_label_seq_id 
_struct_sheet_range.pdbx_end_PDB_ins_code 
_struct_sheet_range.beg_auth_comp_id 
_struct_sheet_range.beg_auth_asym_id 
_struct_sheet_range.beg_auth_seq_id 
_struct_sheet_range.end_auth_comp_id 
_struct_sheet_range.end_auth_asym_id 
_struct_sheet_range.end_auth_seq_id 
S1 1 THR A 51  ? GLY A 55  ? THR A 55  GLY A 59  
S1 2 PHE A 44  ? LYS A 47  ? PHE A 48  LYS A 51  
S1 3 ILE A 73  ? LEU A 77  ? ILE A 77  LEU A 81  
S1 4 ILE A 10  ? CYS A 14  ? ILE A 14  CYS A 18  
S1 5 ALA A 113 ? ALA A 117 ? ALA A 117 ALA A 121 
# 
_struct_site.id                   AC1 
_struct_site.pdbx_evidence_code   Software 
_struct_site.pdbx_auth_asym_id    A 
_struct_site.pdbx_auth_comp_id    ZN 
_struct_site.pdbx_auth_seq_id     151 
_struct_site.pdbx_auth_ins_code   ? 
_struct_site.pdbx_num_residues    4 
_struct_site.details              'BINDING SITE FOR RESIDUE ZN A 151' 
# 
loop_
_struct_site_gen.id 
_struct_site_gen.site_id 
_struct_site_gen.pdbx_num_res 
_struct_site_gen.label_comp_id 
_struct_site_gen.label_asym_id 
_struct_site_gen.label_seq_id 
_struct_site_gen.pdbx_auth_ins_code 
_struct_site_gen.auth_comp_id 
_struct_site_gen.auth_asym_id 
_struct_site_gen.auth_seq_id 
_struct_site_gen.label_atom_id 
_struct_site_gen.label_alt_id 
_struct_site_gen.symmetry 
_struct_site_gen.details 
1 AC1 4 HIS A 13  ? HIS A 17  . ? 1_555 ? 
2 AC1 4 HIS A 118 ? HIS A 122 . ? 1_555 ? 
3 AC1 4 CYS A 126 ? CYS A 130 . ? 1_555 ? 
4 AC1 4 HOH C .   ? HOH A 199 . ? 1_555 ? 
# 
loop_
_pdbx_validate_rmsd_bond.id 
_pdbx_validate_rmsd_bond.PDB_model_num 
_pdbx_validate_rmsd_bond.auth_atom_id_1 
_pdbx_validate_rmsd_bond.auth_asym_id_1 
_pdbx_validate_rmsd_bond.auth_comp_id_1 
_pdbx_validate_rmsd_bond.auth_seq_id_1 
_pdbx_validate_rmsd_bond.PDB_ins_code_1 
_pdbx_validate_rmsd_bond.label_alt_id_1 
_pdbx_validate_rmsd_bond.auth_atom_id_2 
_pdbx_validate_rmsd_bond.auth_asym_id_2 
_pdbx_validate_rmsd_bond.auth_comp_id_2 
_pdbx_validate_rmsd_bond.auth_seq_id_2 
_pdbx_validate_rmsd_bond.PDB_ins_code_2 
_pdbx_validate_rmsd_bond.label_alt_id_2 
_pdbx_validate_rmsd_bond.bond_value 
_pdbx_validate_rmsd_bond.bond_target_value 
_pdbx_validate_rmsd_bond.bond_deviation 
_pdbx_validate_rmsd_bond.bond_standard_deviation 
_pdbx_validate_rmsd_bond.linker_flag 
1 1 NE2 A HIS 17  ? ? CD2 A HIS 17  ? ? 1.280 1.373 -0.093 0.011 N 
2 1 NE2 A HIS 47  ? ? CD2 A HIS 47  ? ? 1.306 1.373 -0.067 0.011 N 
3 1 NE2 A HIS 122 ? ? CD2 A HIS 122 ? ? 1.285 1.373 -0.088 0.011 N 
4 1 NE2 A HIS 123 ? ? CD2 A HIS 123 ? ? 1.306 1.373 -0.067 0.011 N 
# 
loop_
_pdbx_validate_rmsd_angle.id 
_pdbx_validate_rmsd_angle.PDB_model_num 
_pdbx_validate_rmsd_angle.auth_atom_id_1 
_pdbx_validate_rmsd_angle.auth_asym_id_1 
_pdbx_validate_rmsd_angle.auth_comp_id_1 
_pdbx_validate_rmsd_angle.auth_seq_id_1 
_pdbx_validate_rmsd_angle.PDB_ins_code_1 
_pdbx_validate_rmsd_angle.label_alt_id_1 
_pdbx_validate_rmsd_angle.auth_atom_id_2 
_pdbx_validate_rmsd_angle.auth_asym_id_2 
_pdbx_validate_rmsd_angle.auth_comp_id_2 
_pdbx_validate_rmsd_angle.auth_seq_id_2 
_pdbx_validate_rmsd_angle.PDB_ins_code_2 
_pdbx_validate_rmsd_angle.label_alt_id_2 
_pdbx_validate_rmsd_angle.auth_atom_id_3 
_pdbx_validate_rmsd_angle.auth_asym_id_3 
_pdbx_validate_rmsd_angle.auth_comp_id_3 
_pdbx_validate_rmsd_angle.auth_seq_id_3 
_pdbx_validate_rmsd_angle.PDB_ins_code_3 
_pdbx_validate_rmsd_angle.label_alt_id_3 
_pdbx_validate_rmsd_angle.angle_value 
_pdbx_validate_rmsd_angle.angle_target_value 
_pdbx_validate_rmsd_angle.angle_deviation 
_pdbx_validate_rmsd_angle.angle_standard_deviation 
_pdbx_validate_rmsd_angle.linker_flag 
1  1 NE  A ARG 30  ? ? CZ  A ARG 30  ? ? NH1 A ARG 30  ? ? 124.43 120.30 4.13   0.50 N 
2  1 CD1 A TRP 35  ? ? CG  A TRP 35  ? ? CD2 A TRP 35  ? ? 112.43 106.30 6.13   0.80 N 
3  1 CE2 A TRP 35  ? ? CD2 A TRP 35  ? ? CG  A TRP 35  ? ? 101.90 107.30 -5.40  0.80 N 
4  1 CD1 A TRP 41  ? ? CG  A TRP 41  ? ? CD2 A TRP 41  ? ? 111.46 106.30 5.16   0.80 N 
5  1 CE2 A TRP 41  ? ? CD2 A TRP 41  ? ? CG  A TRP 41  ? ? 102.37 107.30 -4.93  0.80 N 
6  1 N   A THR 96  ? ? CA  A THR 96  ? ? CB  A THR 96  ? ? 95.54  110.30 -14.76 1.90 N 
7  1 NE  A ARG 104 ? ? CZ  A ARG 104 ? ? NH1 A ARG 104 ? ? 126.00 120.30 5.70   0.50 N 
8  1 NE  A ARG 104 ? ? CZ  A ARG 104 ? ? NH2 A ARG 104 ? ? 115.39 120.30 -4.91  0.50 N 
9  1 CA  A HIS 123 ? ? CB  A HIS 123 ? ? CG  A HIS 123 ? ? 128.42 113.60 14.82  1.70 N 
10 1 CD1 A TRP 138 ? ? CG  A TRP 138 ? ? CD2 A TRP 138 ? ? 112.94 106.30 6.64   0.80 N 
11 1 CE2 A TRP 138 ? ? CD2 A TRP 138 ? ? CG  A TRP 138 ? ? 102.23 107.30 -5.07  0.80 N 
12 1 CD1 A TRP 139 ? ? CG  A TRP 139 ? ? CD2 A TRP 139 ? ? 111.12 106.30 4.82   0.80 N 
# 
loop_
_pdbx_validate_torsion.id 
_pdbx_validate_torsion.PDB_model_num 
_pdbx_validate_torsion.auth_comp_id 
_pdbx_validate_torsion.auth_asym_id 
_pdbx_validate_torsion.auth_seq_id 
_pdbx_validate_torsion.PDB_ins_code 
_pdbx_validate_torsion.label_alt_id 
_pdbx_validate_torsion.phi 
_pdbx_validate_torsion.psi 
1 1 HIS A 68  ? ? -142.16 -29.24 
2 1 ASN A 75  ? ? -142.66 43.84  
3 1 GLU A 115 ? ? -27.61  116.28 
4 1 HIS A 123 ? ? -56.72  -1.10  
5 1 SER A 132 ? ? 81.46   14.10  
# 
_pdbx_database_remark.id     700 
_pdbx_database_remark.text   
;SHEET
BESIDES THE STRANDS REPRESENTED ON *S1* IN SHEET RECORDS
BELOW, THERE ARE OTHER STRANDS IN THIS STRUCTURE WHICH DO
NOT FORM ANY SHEETS.
;
# 
loop_
_chem_comp_atom.comp_id 
_chem_comp_atom.atom_id 
_chem_comp_atom.type_symbol 
_chem_comp_atom.pdbx_aromatic_flag 
_chem_comp_atom.pdbx_stereo_config 
_chem_comp_atom.pdbx_ordinal 
ALA N    N  N N 1   
ALA CA   C  N S 2   
ALA C    C  N N 3   
ALA O    O  N N 4   
ALA CB   C  N N 5   
ALA OXT  O  N N 6   
ALA H    H  N N 7   
ALA H2   H  N N 8   
ALA HA   H  N N 9   
ALA HB1  H  N N 10  
ALA HB2  H  N N 11  
ALA HB3  H  N N 12  
ALA HXT  H  N N 13  
ARG N    N  N N 14  
ARG CA   C  N S 15  
ARG C    C  N N 16  
ARG O    O  N N 17  
ARG CB   C  N N 18  
ARG CG   C  N N 19  
ARG CD   C  N N 20  
ARG NE   N  N N 21  
ARG CZ   C  N N 22  
ARG NH1  N  N N 23  
ARG NH2  N  N N 24  
ARG OXT  O  N N 25  
ARG H    H  N N 26  
ARG H2   H  N N 27  
ARG HA   H  N N 28  
ARG HB2  H  N N 29  
ARG HB3  H  N N 30  
ARG HG2  H  N N 31  
ARG HG3  H  N N 32  
ARG HD2  H  N N 33  
ARG HD3  H  N N 34  
ARG HE   H  N N 35  
ARG HH11 H  N N 36  
ARG HH12 H  N N 37  
ARG HH21 H  N N 38  
ARG HH22 H  N N 39  
ARG HXT  H  N N 40  
ASN N    N  N N 41  
ASN CA   C  N S 42  
ASN C    C  N N 43  
ASN O    O  N N 44  
ASN CB   C  N N 45  
ASN CG   C  N N 46  
ASN OD1  O  N N 47  
ASN ND2  N  N N 48  
ASN OXT  O  N N 49  
ASN H    H  N N 50  
ASN H2   H  N N 51  
ASN HA   H  N N 52  
ASN HB2  H  N N 53  
ASN HB3  H  N N 54  
ASN HD21 H  N N 55  
ASN HD22 H  N N 56  
ASN HXT  H  N N 57  
ASP N    N  N N 58  
ASP CA   C  N S 59  
ASP C    C  N N 60  
ASP O    O  N N 61  
ASP CB   C  N N 62  
ASP CG   C  N N 63  
ASP OD1  O  N N 64  
ASP OD2  O  N N 65  
ASP OXT  O  N N 66  
ASP H    H  N N 67  
ASP H2   H  N N 68  
ASP HA   H  N N 69  
ASP HB2  H  N N 70  
ASP HB3  H  N N 71  
ASP HD2  H  N N 72  
ASP HXT  H  N N 73  
CYS N    N  N N 74  
CYS CA   C  N R 75  
CYS C    C  N N 76  
CYS O    O  N N 77  
CYS CB   C  N N 78  
CYS SG   S  N N 79  
CYS OXT  O  N N 80  
CYS H    H  N N 81  
CYS H2   H  N N 82  
CYS HA   H  N N 83  
CYS HB2  H  N N 84  
CYS HB3  H  N N 85  
CYS HG   H  N N 86  
CYS HXT  H  N N 87  
GLN N    N  N N 88  
GLN CA   C  N S 89  
GLN C    C  N N 90  
GLN O    O  N N 91  
GLN CB   C  N N 92  
GLN CG   C  N N 93  
GLN CD   C  N N 94  
GLN OE1  O  N N 95  
GLN NE2  N  N N 96  
GLN OXT  O  N N 97  
GLN H    H  N N 98  
GLN H2   H  N N 99  
GLN HA   H  N N 100 
GLN HB2  H  N N 101 
GLN HB3  H  N N 102 
GLN HG2  H  N N 103 
GLN HG3  H  N N 104 
GLN HE21 H  N N 105 
GLN HE22 H  N N 106 
GLN HXT  H  N N 107 
GLU N    N  N N 108 
GLU CA   C  N S 109 
GLU C    C  N N 110 
GLU O    O  N N 111 
GLU CB   C  N N 112 
GLU CG   C  N N 113 
GLU CD   C  N N 114 
GLU OE1  O  N N 115 
GLU OE2  O  N N 116 
GLU OXT  O  N N 117 
GLU H    H  N N 118 
GLU H2   H  N N 119 
GLU HA   H  N N 120 
GLU HB2  H  N N 121 
GLU HB3  H  N N 122 
GLU HG2  H  N N 123 
GLU HG3  H  N N 124 
GLU HE2  H  N N 125 
GLU HXT  H  N N 126 
GLY N    N  N N 127 
GLY CA   C  N N 128 
GLY C    C  N N 129 
GLY O    O  N N 130 
GLY OXT  O  N N 131 
GLY H    H  N N 132 
GLY H2   H  N N 133 
GLY HA2  H  N N 134 
GLY HA3  H  N N 135 
GLY HXT  H  N N 136 
HIS N    N  N N 137 
HIS CA   C  N S 138 
HIS C    C  N N 139 
HIS O    O  N N 140 
HIS CB   C  N N 141 
HIS CG   C  Y N 142 
HIS ND1  N  Y N 143 
HIS CD2  C  Y N 144 
HIS CE1  C  Y N 145 
HIS NE2  N  Y N 146 
HIS OXT  O  N N 147 
HIS H    H  N N 148 
HIS H2   H  N N 149 
HIS HA   H  N N 150 
HIS HB2  H  N N 151 
HIS HB3  H  N N 152 
HIS HD1  H  N N 153 
HIS HD2  H  N N 154 
HIS HE1  H  N N 155 
HIS HE2  H  N N 156 
HIS HXT  H  N N 157 
HOH O    O  N N 158 
HOH H1   H  N N 159 
HOH H2   H  N N 160 
ILE N    N  N N 161 
ILE CA   C  N S 162 
ILE C    C  N N 163 
ILE O    O  N N 164 
ILE CB   C  N S 165 
ILE CG1  C  N N 166 
ILE CG2  C  N N 167 
ILE CD1  C  N N 168 
ILE OXT  O  N N 169 
ILE H    H  N N 170 
ILE H2   H  N N 171 
ILE HA   H  N N 172 
ILE HB   H  N N 173 
ILE HG12 H  N N 174 
ILE HG13 H  N N 175 
ILE HG21 H  N N 176 
ILE HG22 H  N N 177 
ILE HG23 H  N N 178 
ILE HD11 H  N N 179 
ILE HD12 H  N N 180 
ILE HD13 H  N N 181 
ILE HXT  H  N N 182 
LEU N    N  N N 183 
LEU CA   C  N S 184 
LEU C    C  N N 185 
LEU O    O  N N 186 
LEU CB   C  N N 187 
LEU CG   C  N N 188 
LEU CD1  C  N N 189 
LEU CD2  C  N N 190 
LEU OXT  O  N N 191 
LEU H    H  N N 192 
LEU H2   H  N N 193 
LEU HA   H  N N 194 
LEU HB2  H  N N 195 
LEU HB3  H  N N 196 
LEU HG   H  N N 197 
LEU HD11 H  N N 198 
LEU HD12 H  N N 199 
LEU HD13 H  N N 200 
LEU HD21 H  N N 201 
LEU HD22 H  N N 202 
LEU HD23 H  N N 203 
LEU HXT  H  N N 204 
LYS N    N  N N 205 
LYS CA   C  N S 206 
LYS C    C  N N 207 
LYS O    O  N N 208 
LYS CB   C  N N 209 
LYS CG   C  N N 210 
LYS CD   C  N N 211 
LYS CE   C  N N 212 
LYS NZ   N  N N 213 
LYS OXT  O  N N 214 
LYS H    H  N N 215 
LYS H2   H  N N 216 
LYS HA   H  N N 217 
LYS HB2  H  N N 218 
LYS HB3  H  N N 219 
LYS HG2  H  N N 220 
LYS HG3  H  N N 221 
LYS HD2  H  N N 222 
LYS HD3  H  N N 223 
LYS HE2  H  N N 224 
LYS HE3  H  N N 225 
LYS HZ1  H  N N 226 
LYS HZ2  H  N N 227 
LYS HZ3  H  N N 228 
LYS HXT  H  N N 229 
MET N    N  N N 230 
MET CA   C  N S 231 
MET C    C  N N 232 
MET O    O  N N 233 
MET CB   C  N N 234 
MET CG   C  N N 235 
MET SD   S  N N 236 
MET CE   C  N N 237 
MET OXT  O  N N 238 
MET H    H  N N 239 
MET H2   H  N N 240 
MET HA   H  N N 241 
MET HB2  H  N N 242 
MET HB3  H  N N 243 
MET HG2  H  N N 244 
MET HG3  H  N N 245 
MET HE1  H  N N 246 
MET HE2  H  N N 247 
MET HE3  H  N N 248 
MET HXT  H  N N 249 
PHE N    N  N N 250 
PHE CA   C  N S 251 
PHE C    C  N N 252 
PHE O    O  N N 253 
PHE CB   C  N N 254 
PHE CG   C  Y N 255 
PHE CD1  C  Y N 256 
PHE CD2  C  Y N 257 
PHE CE1  C  Y N 258 
PHE CE2  C  Y N 259 
PHE CZ   C  Y N 260 
PHE OXT  O  N N 261 
PHE H    H  N N 262 
PHE H2   H  N N 263 
PHE HA   H  N N 264 
PHE HB2  H  N N 265 
PHE HB3  H  N N 266 
PHE HD1  H  N N 267 
PHE HD2  H  N N 268 
PHE HE1  H  N N 269 
PHE HE2  H  N N 270 
PHE HZ   H  N N 271 
PHE HXT  H  N N 272 
PRO N    N  N N 273 
PRO CA   C  N S 274 
PRO C    C  N N 275 
PRO O    O  N N 276 
PRO CB   C  N N 277 
PRO CG   C  N N 278 
PRO CD   C  N N 279 
PRO OXT  O  N N 280 
PRO H    H  N N 281 
PRO HA   H  N N 282 
PRO HB2  H  N N 283 
PRO HB3  H  N N 284 
PRO HG2  H  N N 285 
PRO HG3  H  N N 286 
PRO HD2  H  N N 287 
PRO HD3  H  N N 288 
PRO HXT  H  N N 289 
SER N    N  N N 290 
SER CA   C  N S 291 
SER C    C  N N 292 
SER O    O  N N 293 
SER CB   C  N N 294 
SER OG   O  N N 295 
SER OXT  O  N N 296 
SER H    H  N N 297 
SER H2   H  N N 298 
SER HA   H  N N 299 
SER HB2  H  N N 300 
SER HB3  H  N N 301 
SER HG   H  N N 302 
SER HXT  H  N N 303 
THR N    N  N N 304 
THR CA   C  N S 305 
THR C    C  N N 306 
THR O    O  N N 307 
THR CB   C  N R 308 
THR OG1  O  N N 309 
THR CG2  C  N N 310 
THR OXT  O  N N 311 
THR H    H  N N 312 
THR H2   H  N N 313 
THR HA   H  N N 314 
THR HB   H  N N 315 
THR HG1  H  N N 316 
THR HG21 H  N N 317 
THR HG22 H  N N 318 
THR HG23 H  N N 319 
THR HXT  H  N N 320 
TRP N    N  N N 321 
TRP CA   C  N S 322 
TRP C    C  N N 323 
TRP O    O  N N 324 
TRP CB   C  N N 325 
TRP CG   C  Y N 326 
TRP CD1  C  Y N 327 
TRP CD2  C  Y N 328 
TRP NE1  N  Y N 329 
TRP CE2  C  Y N 330 
TRP CE3  C  Y N 331 
TRP CZ2  C  Y N 332 
TRP CZ3  C  Y N 333 
TRP CH2  C  Y N 334 
TRP OXT  O  N N 335 
TRP H    H  N N 336 
TRP H2   H  N N 337 
TRP HA   H  N N 338 
TRP HB2  H  N N 339 
TRP HB3  H  N N 340 
TRP HD1  H  N N 341 
TRP HE1  H  N N 342 
TRP HE3  H  N N 343 
TRP HZ2  H  N N 344 
TRP HZ3  H  N N 345 
TRP HH2  H  N N 346 
TRP HXT  H  N N 347 
TYR N    N  N N 348 
TYR CA   C  N S 349 
TYR C    C  N N 350 
TYR O    O  N N 351 
TYR CB   C  N N 352 
TYR CG   C  Y N 353 
TYR CD1  C  Y N 354 
TYR CD2  C  Y N 355 
TYR CE1  C  Y N 356 
TYR CE2  C  Y N 357 
TYR CZ   C  Y N 358 
TYR OH   O  N N 359 
TYR OXT  O  N N 360 
TYR H    H  N N 361 
TYR H2   H  N N 362 
TYR HA   H  N N 363 
TYR HB2  H  N N 364 
TYR HB3  H  N N 365 
TYR HD1  H  N N 366 
TYR HD2  H  N N 367 
TYR HE1  H  N N 368 
TYR HE2  H  N N 369 
TYR HH   H  N N 370 
TYR HXT  H  N N 371 
VAL N    N  N N 372 
VAL CA   C  N S 373 
VAL C    C  N N 374 
VAL O    O  N N 375 
VAL CB   C  N N 376 
VAL CG1  C  N N 377 
VAL CG2  C  N N 378 
VAL OXT  O  N N 379 
VAL H    H  N N 380 
VAL H2   H  N N 381 
VAL HA   H  N N 382 
VAL HB   H  N N 383 
VAL HG11 H  N N 384 
VAL HG12 H  N N 385 
VAL HG13 H  N N 386 
VAL HG21 H  N N 387 
VAL HG22 H  N N 388 
VAL HG23 H  N N 389 
VAL HXT  H  N N 390 
ZN  ZN   ZN N N 391 
# 
loop_
_chem_comp_bond.comp_id 
_chem_comp_bond.atom_id_1 
_chem_comp_bond.atom_id_2 
_chem_comp_bond.value_order 
_chem_comp_bond.pdbx_aromatic_flag 
_chem_comp_bond.pdbx_stereo_config 
_chem_comp_bond.pdbx_ordinal 
ALA N   CA   sing N N 1   
ALA N   H    sing N N 2   
ALA N   H2   sing N N 3   
ALA CA  C    sing N N 4   
ALA CA  CB   sing N N 5   
ALA CA  HA   sing N N 6   
ALA C   O    doub N N 7   
ALA C   OXT  sing N N 8   
ALA CB  HB1  sing N N 9   
ALA CB  HB2  sing N N 10  
ALA CB  HB3  sing N N 11  
ALA OXT HXT  sing N N 12  
ARG N   CA   sing N N 13  
ARG N   H    sing N N 14  
ARG N   H2   sing N N 15  
ARG CA  C    sing N N 16  
ARG CA  CB   sing N N 17  
ARG CA  HA   sing N N 18  
ARG C   O    doub N N 19  
ARG C   OXT  sing N N 20  
ARG CB  CG   sing N N 21  
ARG CB  HB2  sing N N 22  
ARG CB  HB3  sing N N 23  
ARG CG  CD   sing N N 24  
ARG CG  HG2  sing N N 25  
ARG CG  HG3  sing N N 26  
ARG CD  NE   sing N N 27  
ARG CD  HD2  sing N N 28  
ARG CD  HD3  sing N N 29  
ARG NE  CZ   sing N N 30  
ARG NE  HE   sing N N 31  
ARG CZ  NH1  sing N N 32  
ARG CZ  NH2  doub N N 33  
ARG NH1 HH11 sing N N 34  
ARG NH1 HH12 sing N N 35  
ARG NH2 HH21 sing N N 36  
ARG NH2 HH22 sing N N 37  
ARG OXT HXT  sing N N 38  
ASN N   CA   sing N N 39  
ASN N   H    sing N N 40  
ASN N   H2   sing N N 41  
ASN CA  C    sing N N 42  
ASN CA  CB   sing N N 43  
ASN CA  HA   sing N N 44  
ASN C   O    doub N N 45  
ASN C   OXT  sing N N 46  
ASN CB  CG   sing N N 47  
ASN CB  HB2  sing N N 48  
ASN CB  HB3  sing N N 49  
ASN CG  OD1  doub N N 50  
ASN CG  ND2  sing N N 51  
ASN ND2 HD21 sing N N 52  
ASN ND2 HD22 sing N N 53  
ASN OXT HXT  sing N N 54  
ASP N   CA   sing N N 55  
ASP N   H    sing N N 56  
ASP N   H2   sing N N 57  
ASP CA  C    sing N N 58  
ASP CA  CB   sing N N 59  
ASP CA  HA   sing N N 60  
ASP C   O    doub N N 61  
ASP C   OXT  sing N N 62  
ASP CB  CG   sing N N 63  
ASP CB  HB2  sing N N 64  
ASP CB  HB3  sing N N 65  
ASP CG  OD1  doub N N 66  
ASP CG  OD2  sing N N 67  
ASP OD2 HD2  sing N N 68  
ASP OXT HXT  sing N N 69  
CYS N   CA   sing N N 70  
CYS N   H    sing N N 71  
CYS N   H2   sing N N 72  
CYS CA  C    sing N N 73  
CYS CA  CB   sing N N 74  
CYS CA  HA   sing N N 75  
CYS C   O    doub N N 76  
CYS C   OXT  sing N N 77  
CYS CB  SG   sing N N 78  
CYS CB  HB2  sing N N 79  
CYS CB  HB3  sing N N 80  
CYS SG  HG   sing N N 81  
CYS OXT HXT  sing N N 82  
GLN N   CA   sing N N 83  
GLN N   H    sing N N 84  
GLN N   H2   sing N N 85  
GLN CA  C    sing N N 86  
GLN CA  CB   sing N N 87  
GLN CA  HA   sing N N 88  
GLN C   O    doub N N 89  
GLN C   OXT  sing N N 90  
GLN CB  CG   sing N N 91  
GLN CB  HB2  sing N N 92  
GLN CB  HB3  sing N N 93  
GLN CG  CD   sing N N 94  
GLN CG  HG2  sing N N 95  
GLN CG  HG3  sing N N 96  
GLN CD  OE1  doub N N 97  
GLN CD  NE2  sing N N 98  
GLN NE2 HE21 sing N N 99  
GLN NE2 HE22 sing N N 100 
GLN OXT HXT  sing N N 101 
GLU N   CA   sing N N 102 
GLU N   H    sing N N 103 
GLU N   H2   sing N N 104 
GLU CA  C    sing N N 105 
GLU CA  CB   sing N N 106 
GLU CA  HA   sing N N 107 
GLU C   O    doub N N 108 
GLU C   OXT  sing N N 109 
GLU CB  CG   sing N N 110 
GLU CB  HB2  sing N N 111 
GLU CB  HB3  sing N N 112 
GLU CG  CD   sing N N 113 
GLU CG  HG2  sing N N 114 
GLU CG  HG3  sing N N 115 
GLU CD  OE1  doub N N 116 
GLU CD  OE2  sing N N 117 
GLU OE2 HE2  sing N N 118 
GLU OXT HXT  sing N N 119 
GLY N   CA   sing N N 120 
GLY N   H    sing N N 121 
GLY N   H2   sing N N 122 
GLY CA  C    sing N N 123 
GLY CA  HA2  sing N N 124 
GLY CA  HA3  sing N N 125 
GLY C   O    doub N N 126 
GLY C   OXT  sing N N 127 
GLY OXT HXT  sing N N 128 
HIS N   CA   sing N N 129 
HIS N   H    sing N N 130 
HIS N   H2   sing N N 131 
HIS CA  C    sing N N 132 
HIS CA  CB   sing N N 133 
HIS CA  HA   sing N N 134 
HIS C   O    doub N N 135 
HIS C   OXT  sing N N 136 
HIS CB  CG   sing N N 137 
HIS CB  HB2  sing N N 138 
HIS CB  HB3  sing N N 139 
HIS CG  ND1  sing Y N 140 
HIS CG  CD2  doub Y N 141 
HIS ND1 CE1  doub Y N 142 
HIS ND1 HD1  sing N N 143 
HIS CD2 NE2  sing Y N 144 
HIS CD2 HD2  sing N N 145 
HIS CE1 NE2  sing Y N 146 
HIS CE1 HE1  sing N N 147 
HIS NE2 HE2  sing N N 148 
HIS OXT HXT  sing N N 149 
HOH O   H1   sing N N 150 
HOH O   H2   sing N N 151 
ILE N   CA   sing N N 152 
ILE N   H    sing N N 153 
ILE N   H2   sing N N 154 
ILE CA  C    sing N N 155 
ILE CA  CB   sing N N 156 
ILE CA  HA   sing N N 157 
ILE C   O    doub N N 158 
ILE C   OXT  sing N N 159 
ILE CB  CG1  sing N N 160 
ILE CB  CG2  sing N N 161 
ILE CB  HB   sing N N 162 
ILE CG1 CD1  sing N N 163 
ILE CG1 HG12 sing N N 164 
ILE CG1 HG13 sing N N 165 
ILE CG2 HG21 sing N N 166 
ILE CG2 HG22 sing N N 167 
ILE CG2 HG23 sing N N 168 
ILE CD1 HD11 sing N N 169 
ILE CD1 HD12 sing N N 170 
ILE CD1 HD13 sing N N 171 
ILE OXT HXT  sing N N 172 
LEU N   CA   sing N N 173 
LEU N   H    sing N N 174 
LEU N   H2   sing N N 175 
LEU CA  C    sing N N 176 
LEU CA  CB   sing N N 177 
LEU CA  HA   sing N N 178 
LEU C   O    doub N N 179 
LEU C   OXT  sing N N 180 
LEU CB  CG   sing N N 181 
LEU CB  HB2  sing N N 182 
LEU CB  HB3  sing N N 183 
LEU CG  CD1  sing N N 184 
LEU CG  CD2  sing N N 185 
LEU CG  HG   sing N N 186 
LEU CD1 HD11 sing N N 187 
LEU CD1 HD12 sing N N 188 
LEU CD1 HD13 sing N N 189 
LEU CD2 HD21 sing N N 190 
LEU CD2 HD22 sing N N 191 
LEU CD2 HD23 sing N N 192 
LEU OXT HXT  sing N N 193 
LYS N   CA   sing N N 194 
LYS N   H    sing N N 195 
LYS N   H2   sing N N 196 
LYS CA  C    sing N N 197 
LYS CA  CB   sing N N 198 
LYS CA  HA   sing N N 199 
LYS C   O    doub N N 200 
LYS C   OXT  sing N N 201 
LYS CB  CG   sing N N 202 
LYS CB  HB2  sing N N 203 
LYS CB  HB3  sing N N 204 
LYS CG  CD   sing N N 205 
LYS CG  HG2  sing N N 206 
LYS CG  HG3  sing N N 207 
LYS CD  CE   sing N N 208 
LYS CD  HD2  sing N N 209 
LYS CD  HD3  sing N N 210 
LYS CE  NZ   sing N N 211 
LYS CE  HE2  sing N N 212 
LYS CE  HE3  sing N N 213 
LYS NZ  HZ1  sing N N 214 
LYS NZ  HZ2  sing N N 215 
LYS NZ  HZ3  sing N N 216 
LYS OXT HXT  sing N N 217 
MET N   CA   sing N N 218 
MET N   H    sing N N 219 
MET N   H2   sing N N 220 
MET CA  C    sing N N 221 
MET CA  CB   sing N N 222 
MET CA  HA   sing N N 223 
MET C   O    doub N N 224 
MET C   OXT  sing N N 225 
MET CB  CG   sing N N 226 
MET CB  HB2  sing N N 227 
MET CB  HB3  sing N N 228 
MET CG  SD   sing N N 229 
MET CG  HG2  sing N N 230 
MET CG  HG3  sing N N 231 
MET SD  CE   sing N N 232 
MET CE  HE1  sing N N 233 
MET CE  HE2  sing N N 234 
MET CE  HE3  sing N N 235 
MET OXT HXT  sing N N 236 
PHE N   CA   sing N N 237 
PHE N   H    sing N N 238 
PHE N   H2   sing N N 239 
PHE CA  C    sing N N 240 
PHE CA  CB   sing N N 241 
PHE CA  HA   sing N N 242 
PHE C   O    doub N N 243 
PHE C   OXT  sing N N 244 
PHE CB  CG   sing N N 245 
PHE CB  HB2  sing N N 246 
PHE CB  HB3  sing N N 247 
PHE CG  CD1  doub Y N 248 
PHE CG  CD2  sing Y N 249 
PHE CD1 CE1  sing Y N 250 
PHE CD1 HD1  sing N N 251 
PHE CD2 CE2  doub Y N 252 
PHE CD2 HD2  sing N N 253 
PHE CE1 CZ   doub Y N 254 
PHE CE1 HE1  sing N N 255 
PHE CE2 CZ   sing Y N 256 
PHE CE2 HE2  sing N N 257 
PHE CZ  HZ   sing N N 258 
PHE OXT HXT  sing N N 259 
PRO N   CA   sing N N 260 
PRO N   CD   sing N N 261 
PRO N   H    sing N N 262 
PRO CA  C    sing N N 263 
PRO CA  CB   sing N N 264 
PRO CA  HA   sing N N 265 
PRO C   O    doub N N 266 
PRO C   OXT  sing N N 267 
PRO CB  CG   sing N N 268 
PRO CB  HB2  sing N N 269 
PRO CB  HB3  sing N N 270 
PRO CG  CD   sing N N 271 
PRO CG  HG2  sing N N 272 
PRO CG  HG3  sing N N 273 
PRO CD  HD2  sing N N 274 
PRO CD  HD3  sing N N 275 
PRO OXT HXT  sing N N 276 
SER N   CA   sing N N 277 
SER N   H    sing N N 278 
SER N   H2   sing N N 279 
SER CA  C    sing N N 280 
SER CA  CB   sing N N 281 
SER CA  HA   sing N N 282 
SER C   O    doub N N 283 
SER C   OXT  sing N N 284 
SER CB  OG   sing N N 285 
SER CB  HB2  sing N N 286 
SER CB  HB3  sing N N 287 
SER OG  HG   sing N N 288 
SER OXT HXT  sing N N 289 
THR N   CA   sing N N 290 
THR N   H    sing N N 291 
THR N   H2   sing N N 292 
THR CA  C    sing N N 293 
THR CA  CB   sing N N 294 
THR CA  HA   sing N N 295 
THR C   O    doub N N 296 
THR C   OXT  sing N N 297 
THR CB  OG1  sing N N 298 
THR CB  CG2  sing N N 299 
THR CB  HB   sing N N 300 
THR OG1 HG1  sing N N 301 
THR CG2 HG21 sing N N 302 
THR CG2 HG22 sing N N 303 
THR CG2 HG23 sing N N 304 
THR OXT HXT  sing N N 305 
TRP N   CA   sing N N 306 
TRP N   H    sing N N 307 
TRP N   H2   sing N N 308 
TRP CA  C    sing N N 309 
TRP CA  CB   sing N N 310 
TRP CA  HA   sing N N 311 
TRP C   O    doub N N 312 
TRP C   OXT  sing N N 313 
TRP CB  CG   sing N N 314 
TRP CB  HB2  sing N N 315 
TRP CB  HB3  sing N N 316 
TRP CG  CD1  doub Y N 317 
TRP CG  CD2  sing Y N 318 
TRP CD1 NE1  sing Y N 319 
TRP CD1 HD1  sing N N 320 
TRP CD2 CE2  doub Y N 321 
TRP CD2 CE3  sing Y N 322 
TRP NE1 CE2  sing Y N 323 
TRP NE1 HE1  sing N N 324 
TRP CE2 CZ2  sing Y N 325 
TRP CE3 CZ3  doub Y N 326 
TRP CE3 HE3  sing N N 327 
TRP CZ2 CH2  doub Y N 328 
TRP CZ2 HZ2  sing N N 329 
TRP CZ3 CH2  sing Y N 330 
TRP CZ3 HZ3  sing N N 331 
TRP CH2 HH2  sing N N 332 
TRP OXT HXT  sing N N 333 
TYR N   CA   sing N N 334 
TYR N   H    sing N N 335 
TYR N   H2   sing N N 336 
TYR CA  C    sing N N 337 
TYR CA  CB   sing N N 338 
TYR CA  HA   sing N N 339 
TYR C   O    doub N N 340 
TYR C   OXT  sing N N 341 
TYR CB  CG   sing N N 342 
TYR CB  HB2  sing N N 343 
TYR CB  HB3  sing N N 344 
TYR CG  CD1  doub Y N 345 
TYR CG  CD2  sing Y N 346 
TYR CD1 CE1  sing Y N 347 
TYR CD1 HD1  sing N N 348 
TYR CD2 CE2  doub Y N 349 
TYR CD2 HD2  sing N N 350 
TYR CE1 CZ   doub Y N 351 
TYR CE1 HE1  sing N N 352 
TYR CE2 CZ   sing Y N 353 
TYR CE2 HE2  sing N N 354 
TYR CZ  OH   sing N N 355 
TYR OH  HH   sing N N 356 
TYR OXT HXT  sing N N 357 
VAL N   CA   sing N N 358 
VAL N   H    sing N N 359 
VAL N   H2   sing N N 360 
VAL CA  C    sing N N 361 
VAL CA  CB   sing N N 362 
VAL CA  HA   sing N N 363 
VAL C   O    doub N N 364 
VAL C   OXT  sing N N 365 
VAL CB  CG1  sing N N 366 
VAL CB  CG2  sing N N 367 
VAL CB  HB   sing N N 368 
VAL CG1 HG11 sing N N 369 
VAL CG1 HG12 sing N N 370 
VAL CG1 HG13 sing N N 371 
VAL CG2 HG21 sing N N 372 
VAL CG2 HG22 sing N N 373 
VAL CG2 HG23 sing N N 374 
VAL OXT HXT  sing N N 375 
# 
_atom_sites.entry_id                    1LBA 
_atom_sites.fract_transf_matrix[1][1]   -0.01051181 
_atom_sites.fract_transf_matrix[1][2]   -0.01816950 
_atom_sites.fract_transf_matrix[1][3]   -0.00467293 
_atom_sites.fract_transf_matrix[2][1]   0.01207111 
_atom_sites.fract_transf_matrix[2][2]   -0.00855144 
_atom_sites.fract_transf_matrix[2][3]   0.00609600 
_atom_sites.fract_transf_matrix[3][1]   -0.00398224 
_atom_sites.fract_transf_matrix[3][2]   0.00020272 
_atom_sites.fract_transf_matrix[3][3]   0.00816988 
_atom_sites.fract_transf_vector[1]      0.029211 
_atom_sites.fract_transf_vector[2]      0.202847 
_atom_sites.fract_transf_vector[3]      0.104965 
# 
_atom_sites_footnote.id     1 
_atom_sites_footnote.text   'CIS PROLINE - PRO     131' 
# 
loop_
_atom_type.symbol 
C  
N  
O  
S  
ZN 
# 
loop_
_atom_site.group_PDB 
_atom_site.id 
_atom_site.type_symbol 
_atom_site.label_atom_id 
_atom_site.label_alt_id 
_atom_site.label_comp_id 
_atom_site.label_asym_id 
_atom_site.label_entity_id 
_atom_site.label_seq_id 
_atom_site.pdbx_PDB_ins_code 
_atom_site.Cartn_x 
_atom_site.Cartn_y 
_atom_site.Cartn_z 
_atom_site.occupancy 
_atom_site.B_iso_or_equiv 
_atom_site.pdbx_formal_charge 
_atom_site.auth_seq_id 
_atom_site.auth_comp_id 
_atom_site.auth_asym_id 
_atom_site.auth_atom_id 
_atom_site.pdbx_PDB_model_num 
ATOM   1    N  N   . ALA A 1 1   ? 14.340  15.472  -10.287 1.00 70.78 ? 1   ALA A N   1 
ATOM   2    C  CA  . ALA A 1 1   ? 13.439  14.692  -9.457  1.00 70.24 ? 1   ALA A CA  1 
ATOM   3    C  C   . ALA A 1 1   ? 12.683  15.751  -8.643  1.00 70.71 ? 1   ALA A C   1 
ATOM   4    O  O   . ALA A 1 1   ? 13.294  16.806  -8.428  1.00 72.74 ? 1   ALA A O   1 
ATOM   5    C  CB  . ALA A 1 1   ? 14.237  13.797  -8.530  1.00 68.80 ? 1   ALA A CB  1 
ATOM   6    N  N   . LYS A 1 2   ? 11.419  15.578  -8.199  1.00 68.96 ? 6   LYS A N   1 
ATOM   7    C  CA  . LYS A 1 2   ? 10.652  16.628  -7.525  1.00 64.11 ? 6   LYS A CA  1 
ATOM   8    C  C   . LYS A 1 2   ? 9.542   16.130  -6.575  1.00 60.61 ? 6   LYS A C   1 
ATOM   9    O  O   . LYS A 1 2   ? 9.370   14.917  -6.375  1.00 60.31 ? 6   LYS A O   1 
ATOM   10   C  CB  . LYS A 1 2   ? 10.059  17.574  -8.610  1.00 65.06 ? 6   LYS A CB  1 
ATOM   11   C  CG  . LYS A 1 2   ? 9.329   16.939  -9.798  1.00 66.15 ? 6   LYS A CG  1 
ATOM   12   C  CD  . LYS A 1 2   ? 8.946   18.034  -10.803 1.00 66.73 ? 6   LYS A CD  1 
ATOM   13   C  CE  . LYS A 1 2   ? 9.206   17.656  -12.278 1.00 63.84 ? 6   LYS A CE  1 
ATOM   14   N  NZ  . LYS A 1 2   ? 8.329   16.613  -12.776 1.00 62.41 ? 6   LYS A NZ  1 
ATOM   15   N  N   . GLN A 1 3   ? 8.815   17.101  -5.990  1.00 53.72 ? 7   GLN A N   1 
ATOM   16   C  CA  . GLN A 1 3   ? 7.773   16.904  -4.986  1.00 45.92 ? 7   GLN A CA  1 
ATOM   17   C  C   . GLN A 1 3   ? 6.430   16.980  -5.678  1.00 43.95 ? 7   GLN A C   1 
ATOM   18   O  O   . GLN A 1 3   ? 6.354   17.630  -6.722  1.00 45.83 ? 7   GLN A O   1 
ATOM   19   C  CB  . GLN A 1 3   ? 7.786   18.002  -3.940  1.00 44.16 ? 7   GLN A CB  1 
ATOM   20   C  CG  . GLN A 1 3   ? 9.152   18.347  -3.436  1.00 42.83 ? 7   GLN A CG  1 
ATOM   21   C  CD  . GLN A 1 3   ? 9.240   18.309  -1.925  1.00 45.55 ? 7   GLN A CD  1 
ATOM   22   O  OE1 . GLN A 1 3   ? 9.582   17.270  -1.371  1.00 47.31 ? 7   GLN A OE1 1 
ATOM   23   N  NE2 . GLN A 1 3   ? 8.981   19.389  -1.191  1.00 42.11 ? 7   GLN A NE2 1 
ATOM   24   N  N   . ARG A 1 4   ? 5.357   16.384  -5.170  1.00 41.68 ? 8   ARG A N   1 
ATOM   25   C  CA  . ARG A 1 4   ? 4.051   16.484  -5.813  1.00 39.86 ? 8   ARG A CA  1 
ATOM   26   C  C   . ARG A 1 4   ? 3.426   17.865  -5.740  1.00 41.61 ? 8   ARG A C   1 
ATOM   27   O  O   . ARG A 1 4   ? 3.724   18.636  -4.828  1.00 40.78 ? 8   ARG A O   1 
ATOM   28   C  CB  . ARG A 1 4   ? 3.073   15.567  -5.177  1.00 36.97 ? 8   ARG A CB  1 
ATOM   29   C  CG  . ARG A 1 4   ? 3.311   14.116  -5.474  1.00 35.75 ? 8   ARG A CG  1 
ATOM   30   C  CD  . ARG A 1 4   ? 2.410   13.345  -4.573  1.00 28.83 ? 8   ARG A CD  1 
ATOM   31   N  NE  . ARG A 1 4   ? 3.083   13.372  -3.294  1.00 28.53 ? 8   ARG A NE  1 
ATOM   32   C  CZ  . ARG A 1 4   ? 2.454   13.488  -2.151  1.00 17.94 ? 8   ARG A CZ  1 
ATOM   33   N  NH1 . ARG A 1 4   ? 1.168   13.591  -2.103  1.00 24.26 ? 8   ARG A NH1 1 
ATOM   34   N  NH2 . ARG A 1 4   ? 3.115   13.438  -1.032  1.00 20.14 ? 8   ARG A NH2 1 
ATOM   35   N  N   . GLU A 1 5   ? 2.520   18.202  -6.658  1.00 43.87 ? 9   GLU A N   1 
ATOM   36   C  CA  . GLU A 1 5   ? 1.851   19.488  -6.538  1.00 45.61 ? 9   GLU A CA  1 
ATOM   37   C  C   . GLU A 1 5   ? 0.760   19.292  -5.493  1.00 43.48 ? 9   GLU A C   1 
ATOM   38   O  O   . GLU A 1 5   ? 0.739   19.995  -4.482  1.00 44.49 ? 9   GLU A O   1 
ATOM   39   C  CB  . GLU A 1 5   ? 1.218   19.981  -7.883  1.00 49.08 ? 9   GLU A CB  1 
ATOM   40   C  CG  . GLU A 1 5   ? 0.036   19.290  -8.594  1.00 53.98 ? 9   GLU A CG  1 
ATOM   41   C  CD  . GLU A 1 5   ? 0.369   18.038  -9.406  1.00 59.95 ? 9   GLU A CD  1 
ATOM   42   O  OE1 . GLU A 1 5   ? 0.527   16.971  -8.805  1.00 61.58 ? 9   GLU A OE1 1 
ATOM   43   O  OE2 . GLU A 1 5   ? 0.461   18.135  -10.638 1.00 60.84 ? 9   GLU A OE2 1 
ATOM   44   N  N   . SER A 1 6   ? -0.118  18.301  -5.673  1.00 39.48 ? 10  SER A N   1 
ATOM   45   C  CA  . SER A 1 6   ? -1.183  18.067  -4.740  1.00 32.48 ? 10  SER A CA  1 
ATOM   46   C  C   . SER A 1 6   ? -1.198  16.626  -4.222  1.00 31.61 ? 10  SER A C   1 
ATOM   47   O  O   . SER A 1 6   ? -0.346  15.815  -4.595  1.00 26.00 ? 10  SER A O   1 
ATOM   48   C  CB  . SER A 1 6   ? -2.456  18.435  -5.455  1.00 30.92 ? 10  SER A CB  1 
ATOM   49   O  OG  . SER A 1 6   ? -2.580  17.854  -6.727  1.00 29.53 ? 10  SER A OG  1 
ATOM   50   N  N   . THR A 1 7   ? -2.134  16.289  -3.314  1.00 32.09 ? 11  THR A N   1 
ATOM   51   C  CA  . THR A 1 7   ? -2.317  14.943  -2.813  1.00 27.55 ? 11  THR A CA  1 
ATOM   52   C  C   . THR A 1 7   ? -3.807  14.715  -2.776  1.00 24.92 ? 11  THR A C   1 
ATOM   53   O  O   . THR A 1 7   ? -4.525  14.968  -1.812  1.00 29.08 ? 11  THR A O   1 
ATOM   54   C  CB  . THR A 1 7   ? -1.719  14.770  -1.392  1.00 27.41 ? 11  THR A CB  1 
ATOM   55   O  OG1 . THR A 1 7   ? -0.424  15.389  -1.368  1.00 24.37 ? 11  THR A OG1 1 
ATOM   56   C  CG2 . THR A 1 7   ? -1.637  13.291  -1.003  1.00 25.72 ? 11  THR A CG2 1 
ATOM   57   N  N   . ASP A 1 8   ? -4.285  14.252  -3.898  1.00 20.60 ? 12  ASP A N   1 
ATOM   58   C  CA  . ASP A 1 8   ? -5.678  13.921  -4.036  1.00 22.61 ? 12  ASP A CA  1 
ATOM   59   C  C   . ASP A 1 8   ? -6.053  12.591  -3.412  1.00 19.35 ? 12  ASP A C   1 
ATOM   60   O  O   . ASP A 1 8   ? -7.229  12.352  -3.138  1.00 15.08 ? 12  ASP A O   1 
ATOM   61   C  CB  . ASP A 1 8   ? -6.094  13.800  -5.501  1.00 30.94 ? 12  ASP A CB  1 
ATOM   62   C  CG  . ASP A 1 8   ? -6.024  15.026  -6.386  1.00 35.53 ? 12  ASP A CG  1 
ATOM   63   O  OD1 . ASP A 1 8   ? -5.240  15.951  -6.116  1.00 37.03 ? 12  ASP A OD1 1 
ATOM   64   O  OD2 . ASP A 1 8   ? -6.785  15.010  -7.359  1.00 38.86 ? 12  ASP A OD2 1 
ATOM   65   N  N   . ALA A 1 9   ? -5.103  11.660  -3.266  1.00 17.30 ? 13  ALA A N   1 
ATOM   66   C  CA  . ALA A 1 9   ? -5.442  10.349  -2.755  1.00 13.32 ? 13  ALA A CA  1 
ATOM   67   C  C   . ALA A 1 9   ? -4.352  9.637   -1.986  1.00 12.84 ? 13  ALA A C   1 
ATOM   68   O  O   . ALA A 1 9   ? -3.180  10.029  -2.054  1.00 14.76 ? 13  ALA A O   1 
ATOM   69   C  CB  . ALA A 1 9   ? -5.844  9.503   -3.910  1.00 13.21 ? 13  ALA A CB  1 
ATOM   70   N  N   . ILE A 1 10  ? -4.751  8.654   -1.182  1.00 15.01 ? 14  ILE A N   1 
ATOM   71   C  CA  . ILE A 1 10  ? -3.827  7.775   -0.473  1.00 15.25 ? 14  ILE A CA  1 
ATOM   72   C  C   . ILE A 1 10  ? -4.281  6.448   -1.030  1.00 14.66 ? 14  ILE A C   1 
ATOM   73   O  O   . ILE A 1 10  ? -5.463  6.097   -0.884  1.00 14.97 ? 14  ILE A O   1 
ATOM   74   C  CB  . ILE A 1 10  ? -3.976  7.738   1.100   1.00 15.18 ? 14  ILE A CB  1 
ATOM   75   C  CG1 . ILE A 1 10  ? -3.443  8.980   1.800   1.00 15.44 ? 14  ILE A CG1 1 
ATOM   76   C  CG2 . ILE A 1 10  ? -3.029  6.709   1.662   1.00 11.14 ? 14  ILE A CG2 1 
ATOM   77   C  CD1 . ILE A 1 10  ? -4.279  10.257  1.822   1.00 15.11 ? 14  ILE A CD1 1 
ATOM   78   N  N   . PHE A 1 11  ? -3.365  5.762   -1.736  1.00 14.95 ? 15  PHE A N   1 
ATOM   79   C  CA  . PHE A 1 11  ? -3.651  4.431   -2.320  1.00 14.47 ? 15  PHE A CA  1 
ATOM   80   C  C   . PHE A 1 11  ? -3.119  3.355   -1.396  1.00 7.56  ? 15  PHE A C   1 
ATOM   81   O  O   . PHE A 1 11  ? -2.022  3.519   -0.847  1.00 9.51  ? 15  PHE A O   1 
ATOM   82   C  CB  . PHE A 1 11  ? -2.979  4.206   -3.757  1.00 16.40 ? 15  PHE A CB  1 
ATOM   83   C  CG  . PHE A 1 11  ? -3.840  4.693   -4.934  1.00 18.35 ? 15  PHE A CG  1 
ATOM   84   C  CD1 . PHE A 1 11  ? -3.874  6.039   -5.298  1.00 19.19 ? 15  PHE A CD1 1 
ATOM   85   C  CD2 . PHE A 1 11  ? -4.677  3.815   -5.590  1.00 21.64 ? 15  PHE A CD2 1 
ATOM   86   C  CE1 . PHE A 1 11  ? -4.738  6.495   -6.281  1.00 12.03 ? 15  PHE A CE1 1 
ATOM   87   C  CE2 . PHE A 1 11  ? -5.548  4.280   -6.582  1.00 20.56 ? 15  PHE A CE2 1 
ATOM   88   C  CZ  . PHE A 1 11  ? -5.579  5.618   -6.922  1.00 16.23 ? 15  PHE A CZ  1 
ATOM   89   N  N   . VAL A 1 12  ? -3.823  2.252   -1.275  1.00 2.83  ? 16  VAL A N   1 
ATOM   90   C  CA  . VAL A 1 12  ? -3.330  1.120   -0.499  1.00 7.19  ? 16  VAL A CA  1 
ATOM   91   C  C   . VAL A 1 12  ? -3.051  -0.018  -1.495  1.00 8.27  ? 16  VAL A C   1 
ATOM   92   O  O   . VAL A 1 12  ? -3.779  -0.283  -2.481  1.00 3.68  ? 16  VAL A O   1 
ATOM   93   C  CB  . VAL A 1 12  ? -4.400  0.673   0.614   1.00 7.71  ? 16  VAL A CB  1 
ATOM   94   C  CG1 . VAL A 1 12  ? -3.962  -0.575  1.393   1.00 4.91  ? 16  VAL A CG1 1 
ATOM   95   C  CG2 . VAL A 1 12  ? -4.519  1.786   1.662   1.00 8.02  ? 16  VAL A CG2 1 
ATOM   96   N  N   . HIS A 1 13  ? -1.913  -0.692  -1.271  1.00 10.91 ? 17  HIS A N   1 
ATOM   97   C  CA  . HIS A 1 13  ? -1.415  -1.814  -2.068  1.00 9.78  ? 17  HIS A CA  1 
ATOM   98   C  C   . HIS A 1 13  ? -0.956  -2.897  -1.074  1.00 11.66 ? 17  HIS A C   1 
ATOM   99   O  O   . HIS A 1 13  ? -0.821  -2.644  0.130   1.00 14.03 ? 17  HIS A O   1 
ATOM   100  C  CB  . HIS A 1 13  ? -0.167  -1.424  -2.877  1.00 7.94  ? 17  HIS A CB  1 
ATOM   101  C  CG  . HIS A 1 13  ? -0.306  -0.136  -3.720  1.00 10.44 ? 17  HIS A CG  1 
ATOM   102  N  ND1 . HIS A 1 13  ? -0.913  0.088   -4.911  1.00 7.05  ? 17  HIS A ND1 1 
ATOM   103  C  CD2 . HIS A 1 13  ? 0.140   1.058   -3.235  1.00 8.48  ? 17  HIS A CD2 1 
ATOM   104  C  CE1 . HIS A 1 13  ? -0.792  1.390   -5.099  1.00 7.34  ? 17  HIS A CE1 1 
ATOM   105  N  NE2 . HIS A 1 13  ? -0.185  1.939   -4.106  1.00 12.10 ? 17  HIS A NE2 1 
ATOM   106  N  N   . CYS A 1 14  ? -0.717  -4.096  -1.609  1.00 11.26 ? 18  CYS A N   1 
ATOM   107  C  CA  . CYS A 1 14  ? -0.002  -5.201  -0.964  1.00 13.87 ? 18  CYS A CA  1 
ATOM   108  C  C   . CYS A 1 14  ? 1.243   -5.476  -1.858  1.00 16.96 ? 18  CYS A C   1 
ATOM   109  O  O   . CYS A 1 14  ? 1.273   -5.074  -3.052  1.00 17.68 ? 18  CYS A O   1 
ATOM   110  C  CB  . CYS A 1 14  ? -0.859  -6.480  -0.888  1.00 13.52 ? 18  CYS A CB  1 
ATOM   111  S  SG  . CYS A 1 14  ? -1.497  -7.258  -2.398  1.00 14.83 ? 18  CYS A SG  1 
ATOM   112  N  N   . SER A 1 15  ? 2.292   -6.096  -1.277  1.00 11.75 ? 19  SER A N   1 
ATOM   113  C  CA  . SER A 1 15  ? 3.507   -6.463  -1.982  1.00 6.58  ? 19  SER A CA  1 
ATOM   114  C  C   . SER A 1 15  ? 3.437   -7.770  -2.770  1.00 6.28  ? 19  SER A C   1 
ATOM   115  O  O   . SER A 1 15  ? 4.417   -8.159  -3.405  1.00 8.47  ? 19  SER A O   1 
ATOM   116  C  CB  . SER A 1 15  ? 4.621   -6.553  -0.985  1.00 5.55  ? 19  SER A CB  1 
ATOM   117  O  OG  . SER A 1 15  ? 4.268   -7.515  0.009   1.00 8.32  ? 19  SER A OG  1 
ATOM   118  N  N   . ALA A 1 16  ? 2.319   -8.473  -2.748  1.00 7.20  ? 20  ALA A N   1 
ATOM   119  C  CA  . ALA A 1 16  ? 2.063   -9.753  -3.375  1.00 13.24 ? 20  ALA A CA  1 
ATOM   120  C  C   . ALA A 1 16  ? 3.075   -10.811 -2.955  1.00 13.95 ? 20  ALA A C   1 
ATOM   121  O  O   . ALA A 1 16  ? 3.658   -11.497 -3.799  1.00 15.89 ? 20  ALA A O   1 
ATOM   122  C  CB  . ALA A 1 16  ? 2.069   -9.635  -4.919  1.00 10.60 ? 20  ALA A CB  1 
ATOM   123  N  N   . THR A 1 17  ? 3.331   -10.896 -1.642  1.00 14.79 ? 21  THR A N   1 
ATOM   124  C  CA  . THR A 1 17  ? 4.165   -11.950 -1.094  1.00 13.21 ? 21  THR A CA  1 
ATOM   125  C  C   . THR A 1 17  ? 3.356   -12.851 -0.156  1.00 16.24 ? 21  THR A C   1 
ATOM   126  O  O   . THR A 1 17  ? 2.170   -12.631 0.168   1.00 15.93 ? 21  THR A O   1 
ATOM   127  C  CB  . THR A 1 17  ? 5.351   -11.312 -0.401  1.00 8.63  ? 21  THR A CB  1 
ATOM   128  O  OG1 . THR A 1 17  ? 4.856   -10.229 0.353   1.00 6.90  ? 21  THR A OG1 1 
ATOM   129  C  CG2 . THR A 1 17  ? 6.372   -10.743 -1.388  1.00 5.52  ? 21  THR A CG2 1 
ATOM   130  N  N   . LYS A 1 18  ? 3.955   -14.028 0.070   1.00 19.35 ? 22  LYS A N   1 
ATOM   131  C  CA  . LYS A 1 18  ? 3.383   -15.050 0.929   1.00 18.61 ? 22  LYS A CA  1 
ATOM   132  C  C   . LYS A 1 18  ? 3.615   -14.804 2.420   1.00 16.84 ? 22  LYS A C   1 
ATOM   133  O  O   . LYS A 1 18  ? 4.613   -14.147 2.772   1.00 16.36 ? 22  LYS A O   1 
ATOM   134  C  CB  . LYS A 1 18  ? 3.981   -16.393 0.519   1.00 21.89 ? 22  LYS A CB  1 
ATOM   135  C  CG  . LYS A 1 18  ? 3.552   -16.754 -0.898  1.00 27.86 ? 22  LYS A CG  1 
ATOM   136  C  CD  . LYS A 1 18  ? 4.079   -18.098 -1.342  1.00 33.25 ? 22  LYS A CD  1 
ATOM   137  C  CE  . LYS A 1 18  ? 5.591   -18.026 -1.469  1.00 37.74 ? 22  LYS A CE  1 
ATOM   138  N  NZ  . LYS A 1 18  ? 6.057   -19.128 -2.291  1.00 42.55 ? 22  LYS A NZ  1 
ATOM   139  N  N   . PRO A 1 19  ? 2.798   -15.372 3.332   1.00 15.46 ? 23  PRO A N   1 
ATOM   140  C  CA  . PRO A 1 19  ? 2.989   -15.385 4.782   1.00 16.86 ? 23  PRO A CA  1 
ATOM   141  C  C   . PRO A 1 19  ? 4.412   -15.464 5.337   1.00 19.37 ? 23  PRO A C   1 
ATOM   142  O  O   . PRO A 1 19  ? 4.830   -14.622 6.139   1.00 15.84 ? 23  PRO A O   1 
ATOM   143  C  CB  . PRO A 1 19  ? 2.113   -16.542 5.246   1.00 16.39 ? 23  PRO A CB  1 
ATOM   144  C  CG  . PRO A 1 19  ? 1.158   -16.884 4.121   1.00 12.05 ? 23  PRO A CG  1 
ATOM   145  C  CD  . PRO A 1 19  ? 1.430   -15.827 3.074   1.00 17.24 ? 23  PRO A CD  1 
ATOM   146  N  N   . SER A 1 20  ? 5.187   -16.433 4.821   1.00 20.05 ? 24  SER A N   1 
ATOM   147  C  CA  . SER A 1 20  ? 6.531   -16.684 5.312   1.00 20.54 ? 24  SER A CA  1 
ATOM   148  C  C   . SER A 1 20  ? 7.496   -15.595 4.935   1.00 22.78 ? 24  SER A C   1 
ATOM   149  O  O   . SER A 1 20  ? 8.639   -15.567 5.417   1.00 23.73 ? 24  SER A O   1 
ATOM   150  C  CB  . SER A 1 20  ? 7.073   -18.009 4.762   1.00 22.30 ? 24  SER A CB  1 
ATOM   151  O  OG  . SER A 1 20  ? 6.465   -18.432 3.552   1.00 21.52 ? 24  SER A OG  1 
ATOM   152  N  N   . GLN A 1 21  ? 7.070   -14.698 4.033   1.00 20.52 ? 25  GLN A N   1 
ATOM   153  C  CA  . GLN A 1 21  ? 7.960   -13.668 3.602   1.00 18.30 ? 25  GLN A CA  1 
ATOM   154  C  C   . GLN A 1 21  ? 7.876   -12.475 4.523   1.00 18.83 ? 25  GLN A C   1 
ATOM   155  O  O   . GLN A 1 21  ? 7.156   -11.494 4.339   1.00 19.12 ? 25  GLN A O   1 
ATOM   156  C  CB  . GLN A 1 21  ? 7.619   -13.306 2.180   1.00 18.31 ? 25  GLN A CB  1 
ATOM   157  C  CG  . GLN A 1 21  ? 7.968   -14.482 1.302   1.00 18.26 ? 25  GLN A CG  1 
ATOM   158  C  CD  . GLN A 1 21  ? 8.041   -14.104 -0.146  1.00 17.56 ? 25  GLN A CD  1 
ATOM   159  O  OE1 . GLN A 1 21  ? 7.033   -14.142 -0.840  1.00 20.24 ? 25  GLN A OE1 1 
ATOM   160  N  NE2 . GLN A 1 21  ? 9.217   -13.720 -0.632  1.00 14.14 ? 25  GLN A NE2 1 
ATOM   161  N  N   . ASN A 1 22  ? 8.677   -12.577 5.551   1.00 18.90 ? 26  ASN A N   1 
ATOM   162  C  CA  . ASN A 1 22  ? 8.805   -11.482 6.482   1.00 22.95 ? 26  ASN A CA  1 
ATOM   163  C  C   . ASN A 1 22  ? 9.736   -10.373 5.981   1.00 21.99 ? 26  ASN A C   1 
ATOM   164  O  O   . ASN A 1 22  ? 10.832  -10.101 6.517   1.00 22.25 ? 26  ASN A O   1 
ATOM   165  C  CB  . ASN A 1 22  ? 9.311   -12.033 7.801   1.00 30.10 ? 26  ASN A CB  1 
ATOM   166  C  CG  . ASN A 1 22  ? 9.178   -11.017 8.921   1.00 36.54 ? 26  ASN A CG  1 
ATOM   167  O  OD1 . ASN A 1 22  ? 8.519   -9.980  8.767   1.00 42.05 ? 26  ASN A OD1 1 
ATOM   168  N  ND2 . ASN A 1 22  ? 9.799   -11.269 10.074  1.00 37.80 ? 26  ASN A ND2 1 
ATOM   169  N  N   . VAL A 1 23  ? 9.310   -9.679  4.937   1.00 18.38 ? 27  VAL A N   1 
ATOM   170  C  CA  . VAL A 1 23  ? 10.172  -8.612  4.400   1.00 18.44 ? 27  VAL A CA  1 
ATOM   171  C  C   . VAL A 1 23  ? 9.718   -7.166  4.679   1.00 15.73 ? 27  VAL A C   1 
ATOM   172  O  O   . VAL A 1 23  ? 8.587   -6.926  5.107   1.00 17.25 ? 27  VAL A O   1 
ATOM   173  C  CB  . VAL A 1 23  ? 10.341  -8.854  2.840   1.00 17.15 ? 27  VAL A CB  1 
ATOM   174  C  CG1 . VAL A 1 23  ? 11.055  -10.196 2.634   1.00 11.72 ? 27  VAL A CG1 1 
ATOM   175  C  CG2 . VAL A 1 23  ? 8.986   -8.833  2.128   1.00 12.82 ? 27  VAL A CG2 1 
ATOM   176  N  N   . GLY A 1 24  ? 10.567  -6.185  4.392   1.00 13.64 ? 28  GLY A N   1 
ATOM   177  C  CA  . GLY A 1 24  ? 10.312  -4.762  4.549   1.00 13.18 ? 28  GLY A CA  1 
ATOM   178  C  C   . GLY A 1 24  ? 10.981  -3.935  3.440   1.00 12.51 ? 28  GLY A C   1 
ATOM   179  O  O   . GLY A 1 24  ? 11.381  -4.508  2.412   1.00 12.36 ? 28  GLY A O   1 
ATOM   180  N  N   . VAL A 1 25  ? 11.195  -2.623  3.632   1.00 12.44 ? 29  VAL A N   1 
ATOM   181  C  CA  . VAL A 1 25  ? 11.756  -1.754  2.602   1.00 16.56 ? 29  VAL A CA  1 
ATOM   182  C  C   . VAL A 1 25  ? 13.127  -2.140  2.120   1.00 18.73 ? 29  VAL A C   1 
ATOM   183  O  O   . VAL A 1 25  ? 13.362  -1.864  0.956   1.00 18.03 ? 29  VAL A O   1 
ATOM   184  C  CB  . VAL A 1 25  ? 11.954  -0.247  2.960   1.00 14.92 ? 29  VAL A CB  1 
ATOM   185  C  CG1 . VAL A 1 25  ? 10.641  0.403   3.007   1.00 17.06 ? 29  VAL A CG1 1 
ATOM   186  C  CG2 . VAL A 1 25  ? 12.616  -0.055  4.296   1.00 15.02 ? 29  VAL A CG2 1 
ATOM   187  N  N   . ARG A 1 26  ? 14.036  -2.711  2.925   1.00 22.90 ? 30  ARG A N   1 
ATOM   188  C  CA  . ARG A 1 26  ? 15.355  -3.113  2.459   1.00 27.15 ? 30  ARG A CA  1 
ATOM   189  C  C   . ARG A 1 26  ? 15.237  -4.089  1.271   1.00 26.17 ? 30  ARG A C   1 
ATOM   190  O  O   . ARG A 1 26  ? 15.929  -3.980  0.244   1.00 30.50 ? 30  ARG A O   1 
ATOM   191  C  CB  . ARG A 1 26  ? 16.083  -3.751  3.624   1.00 30.29 ? 30  ARG A CB  1 
ATOM   192  C  CG  . ARG A 1 26  ? 17.572  -4.139  3.483   1.00 41.22 ? 30  ARG A CG  1 
ATOM   193  C  CD  . ARG A 1 26  ? 18.074  -4.766  4.809   1.00 49.46 ? 30  ARG A CD  1 
ATOM   194  N  NE  . ARG A 1 26  ? 19.184  -4.084  5.480   1.00 58.05 ? 30  ARG A NE  1 
ATOM   195  C  CZ  . ARG A 1 26  ? 19.264  -2.752  5.727   1.00 62.98 ? 30  ARG A CZ  1 
ATOM   196  N  NH1 . ARG A 1 26  ? 18.322  -1.856  5.378   1.00 62.73 ? 30  ARG A NH1 1 
ATOM   197  N  NH2 . ARG A 1 26  ? 20.331  -2.279  6.384   1.00 64.76 ? 30  ARG A NH2 1 
ATOM   198  N  N   . GLU A 1 27  ? 14.302  -5.028  1.332   1.00 24.72 ? 31  GLU A N   1 
ATOM   199  C  CA  . GLU A 1 27  ? 14.155  -6.004  0.261   1.00 22.76 ? 31  GLU A CA  1 
ATOM   200  C  C   . GLU A 1 27  ? 13.351  -5.408  -0.884  1.00 20.64 ? 31  GLU A C   1 
ATOM   201  O  O   . GLU A 1 27  ? 13.871  -5.381  -1.995  1.00 22.85 ? 31  GLU A O   1 
ATOM   202  C  CB  . GLU A 1 27  ? 13.453  -7.279  0.751   1.00 23.13 ? 31  GLU A CB  1 
ATOM   203  C  CG  . GLU A 1 27  ? 14.200  -8.102  1.802   1.00 21.57 ? 31  GLU A CG  1 
ATOM   204  C  CD  . GLU A 1 27  ? 14.210  -7.605  3.252   1.00 28.56 ? 31  GLU A CD  1 
ATOM   205  O  OE1 . GLU A 1 27  ? 13.409  -6.752  3.649   1.00 21.74 ? 31  GLU A OE1 1 
ATOM   206  O  OE2 . GLU A 1 27  ? 15.048  -8.101  4.004   1.00 32.87 ? 31  GLU A OE2 1 
ATOM   207  N  N   . ILE A 1 28  ? 12.151  -4.850  -0.678  1.00 15.81 ? 32  ILE A N   1 
ATOM   208  C  CA  . ILE A 1 28  ? 11.321  -4.313  -1.747  1.00 10.70 ? 32  ILE A CA  1 
ATOM   209  C  C   . ILE A 1 28  ? 12.031  -3.160  -2.457  1.00 9.04  ? 32  ILE A C   1 
ATOM   210  O  O   . ILE A 1 28  ? 11.732  -2.923  -3.615  1.00 8.98  ? 32  ILE A O   1 
ATOM   211  C  CB  . ILE A 1 28  ? 9.973   -3.846  -1.129  1.00 11.34 ? 32  ILE A CB  1 
ATOM   212  C  CG1 . ILE A 1 28  ? 9.286   -5.017  -0.371  1.00 13.29 ? 32  ILE A CG1 1 
ATOM   213  C  CG2 . ILE A 1 28  ? 9.084   -3.269  -2.231  1.00 16.98 ? 32  ILE A CG2 1 
ATOM   214  C  CD1 . ILE A 1 28  ? 8.002   -4.582  0.417   1.00 16.32 ? 32  ILE A CD1 1 
ATOM   215  N  N   . ARG A 1 29  ? 12.901  -2.363  -1.859  1.00 12.02 ? 33  ARG A N   1 
ATOM   216  C  CA  . ARG A 1 29  ? 13.650  -1.316  -2.548  1.00 18.67 ? 33  ARG A CA  1 
ATOM   217  C  C   . ARG A 1 29  ? 14.596  -1.995  -3.536  1.00 20.60 ? 33  ARG A C   1 
ATOM   218  O  O   . ARG A 1 29  ? 14.577  -1.665  -4.725  1.00 23.27 ? 33  ARG A O   1 
ATOM   219  C  CB  . ARG A 1 29  ? 14.465  -0.503  -1.555  1.00 19.74 ? 33  ARG A CB  1 
ATOM   220  C  CG  . ARG A 1 29  ? 15.339  0.550   -2.191  1.00 21.35 ? 33  ARG A CG  1 
ATOM   221  C  CD  . ARG A 1 29  ? 16.074  1.307   -1.100  1.00 23.45 ? 33  ARG A CD  1 
ATOM   222  N  NE  . ARG A 1 29  ? 15.262  2.362   -0.503  1.00 24.76 ? 33  ARG A NE  1 
ATOM   223  C  CZ  . ARG A 1 29  ? 15.138  2.460   0.826   1.00 28.09 ? 33  ARG A CZ  1 
ATOM   224  N  NH1 . ARG A 1 29  ? 15.752  1.592   1.641   1.00 26.35 ? 33  ARG A NH1 1 
ATOM   225  N  NH2 . ARG A 1 29  ? 14.412  3.444   1.357   1.00 27.86 ? 33  ARG A NH2 1 
ATOM   226  N  N   . GLN A 1 30  ? 15.287  -3.048  -3.073  1.00 21.81 ? 34  GLN A N   1 
ATOM   227  C  CA  . GLN A 1 30  ? 16.173  -3.862  -3.882  1.00 21.95 ? 34  GLN A CA  1 
ATOM   228  C  C   . GLN A 1 30  ? 15.457  -4.481  -5.061  1.00 20.65 ? 34  GLN A C   1 
ATOM   229  O  O   . GLN A 1 30  ? 15.957  -4.427  -6.191  1.00 22.53 ? 34  GLN A O   1 
ATOM   230  C  CB  . GLN A 1 30  ? 16.779  -4.942  -3.015  1.00 25.77 ? 34  GLN A CB  1 
ATOM   231  C  CG  . GLN A 1 30  ? 17.729  -5.864  -3.773  1.00 35.74 ? 34  GLN A CG  1 
ATOM   232  C  CD  . GLN A 1 30  ? 18.309  -7.043  -2.982  1.00 43.54 ? 34  GLN A CD  1 
ATOM   233  O  OE1 . GLN A 1 30  ? 18.885  -7.959  -3.582  1.00 43.54 ? 34  GLN A OE1 1 
ATOM   234  N  NE2 . GLN A 1 30  ? 18.205  -7.113  -1.650  1.00 46.06 ? 34  GLN A NE2 1 
ATOM   235  N  N   . TRP A 1 31  ? 14.273  -5.039  -4.860  1.00 20.32 ? 35  TRP A N   1 
ATOM   236  C  CA  . TRP A 1 31  ? 13.491  -5.630  -5.943  1.00 18.16 ? 35  TRP A CA  1 
ATOM   237  C  C   . TRP A 1 31  ? 13.033  -4.629  -6.988  1.00 18.98 ? 35  TRP A C   1 
ATOM   238  O  O   . TRP A 1 31  ? 12.902  -4.948  -8.180  1.00 22.23 ? 35  TRP A O   1 
ATOM   239  C  CB  . TRP A 1 31  ? 12.224  -6.291  -5.460  1.00 14.06 ? 35  TRP A CB  1 
ATOM   240  C  CG  . TRP A 1 31  ? 12.369  -7.406  -4.422  1.00 20.02 ? 35  TRP A CG  1 
ATOM   241  C  CD1 . TRP A 1 31  ? 13.574  -7.970  -4.111  1.00 19.03 ? 35  TRP A CD1 1 
ATOM   242  C  CD2 . TRP A 1 31  ? 11.319  -7.970  -3.707  1.00 18.69 ? 35  TRP A CD2 1 
ATOM   243  N  NE1 . TRP A 1 31  ? 13.295  -8.888  -3.212  1.00 19.85 ? 35  TRP A NE1 1 
ATOM   244  C  CE2 . TRP A 1 31  ? 11.975  -8.923  -2.938  1.00 19.42 ? 35  TRP A CE2 1 
ATOM   245  C  CE3 . TRP A 1 31  ? 9.933   -7.811  -3.608  1.00 17.75 ? 35  TRP A CE3 1 
ATOM   246  C  CZ2 . TRP A 1 31  ? 11.265  -9.734  -2.056  1.00 14.24 ? 35  TRP A CZ2 1 
ATOM   247  C  CZ3 . TRP A 1 31  ? 9.225   -8.626  -2.728  1.00 15.99 ? 35  TRP A CZ3 1 
ATOM   248  C  CH2 . TRP A 1 31  ? 9.894   -9.569  -1.968  1.00 13.91 ? 35  TRP A CH2 1 
ATOM   249  N  N   . HIS A 1 32  ? 12.746  -3.402  -6.578  1.00 19.33 ? 36  HIS A N   1 
ATOM   250  C  CA  . HIS A 1 32  ? 12.242  -2.379  -7.481  1.00 18.42 ? 36  HIS A CA  1 
ATOM   251  C  C   . HIS A 1 32  ? 13.362  -1.791  -8.317  1.00 19.06 ? 36  HIS A C   1 
ATOM   252  O  O   . HIS A 1 32  ? 13.183  -1.463  -9.496  1.00 19.42 ? 36  HIS A O   1 
ATOM   253  C  CB  . HIS A 1 32  ? 11.575  -1.288  -6.669  1.00 19.78 ? 36  HIS A CB  1 
ATOM   254  C  CG  . HIS A 1 32  ? 10.172  -1.658  -6.211  1.00 21.93 ? 36  HIS A CG  1 
ATOM   255  N  ND1 . HIS A 1 32  ? 9.558   -2.835  -6.297  1.00 27.56 ? 36  HIS A ND1 1 
ATOM   256  C  CD2 . HIS A 1 32  ? 9.262   -0.776  -5.660  1.00 22.55 ? 36  HIS A CD2 1 
ATOM   257  C  CE1 . HIS A 1 32  ? 8.325   -2.695  -5.835  1.00 26.31 ? 36  HIS A CE1 1 
ATOM   258  N  NE2 . HIS A 1 32  ? 8.156   -1.449  -5.453  1.00 21.36 ? 36  HIS A NE2 1 
ATOM   259  N  N   . LYS A 1 33  ? 14.541  -1.653  -7.724  1.00 19.50 ? 37  LYS A N   1 
ATOM   260  C  CA  . LYS A 1 33  ? 15.706  -1.196  -8.440  1.00 19.32 ? 37  LYS A CA  1 
ATOM   261  C  C   . LYS A 1 33  ? 16.205  -2.272  -9.365  1.00 23.83 ? 37  LYS A C   1 
ATOM   262  O  O   . LYS A 1 33  ? 16.607  -1.903  -10.465 1.00 28.76 ? 37  LYS A O   1 
ATOM   263  C  CB  . LYS A 1 33  ? 16.789  -0.868  -7.520  1.00 19.82 ? 37  LYS A CB  1 
ATOM   264  C  CG  . LYS A 1 33  ? 16.588  0.454   -6.858  1.00 20.17 ? 37  LYS A CG  1 
ATOM   265  C  CD  . LYS A 1 33  ? 17.914  0.519   -6.122  1.00 24.00 ? 37  LYS A CD  1 
ATOM   266  C  CE  . LYS A 1 33  ? 18.101  1.770   -5.302  1.00 28.42 ? 37  LYS A CE  1 
ATOM   267  N  NZ  . LYS A 1 33  ? 19.271  1.559   -4.459  1.00 34.93 ? 37  LYS A NZ  1 
ATOM   268  N  N   . GLU A 1 34  ? 16.223  -3.577  -9.052  1.00 25.64 ? 38  GLU A N   1 
ATOM   269  C  CA  . GLU A 1 34  ? 16.532  -4.596  -10.055 1.00 25.67 ? 38  GLU A CA  1 
ATOM   270  C  C   . GLU A 1 34  ? 15.521  -4.458  -11.196 1.00 26.80 ? 38  GLU A C   1 
ATOM   271  O  O   . GLU A 1 34  ? 15.858  -4.752  -12.328 1.00 28.99 ? 38  GLU A O   1 
ATOM   272  C  CB  . GLU A 1 34  ? 16.328  -6.017  -9.630  1.00 29.29 ? 38  GLU A CB  1 
ATOM   273  C  CG  . GLU A 1 34  ? 17.089  -6.577  -8.433  1.00 36.36 ? 38  GLU A CG  1 
ATOM   274  C  CD  . GLU A 1 34  ? 16.384  -7.771  -7.758  1.00 34.42 ? 38  GLU A CD  1 
ATOM   275  O  OE1 . GLU A 1 34  ? 15.209  -8.077  -8.080  1.00 34.48 ? 38  GLU A OE1 1 
ATOM   276  O  OE2 . GLU A 1 34  ? 17.029  -8.367  -6.885  1.00 32.34 ? 38  GLU A OE2 1 
ATOM   277  N  N   . GLN A 1 35  ? 14.261  -4.068  -11.027 1.00 27.39 ? 39  GLN A N   1 
ATOM   278  C  CA  . GLN A 1 35  ? 13.390  -3.880  -12.176 1.00 27.20 ? 39  GLN A CA  1 
ATOM   279  C  C   . GLN A 1 35  ? 13.620  -2.570  -12.901 1.00 27.23 ? 39  GLN A C   1 
ATOM   280  O  O   . GLN A 1 35  ? 12.859  -2.269  -13.813 1.00 27.62 ? 39  GLN A O   1 
ATOM   281  C  CB  . GLN A 1 35  ? 11.955  -3.933  -11.769 1.00 28.72 ? 39  GLN A CB  1 
ATOM   282  C  CG  . GLN A 1 35  ? 11.600  -5.359  -11.479 1.00 38.73 ? 39  GLN A CG  1 
ATOM   283  C  CD  . GLN A 1 35  ? 10.586  -5.519  -10.356 1.00 43.35 ? 39  GLN A CD  1 
ATOM   284  O  OE1 . GLN A 1 35  ? 9.583   -4.807  -10.232 1.00 43.46 ? 39  GLN A OE1 1 
ATOM   285  N  NE2 . GLN A 1 35  ? 10.870  -6.450  -9.448  1.00 48.66 ? 39  GLN A NE2 1 
ATOM   286  N  N   . GLY A 1 36  ? 14.614  -1.732  -12.577 1.00 27.93 ? 40  GLY A N   1 
ATOM   287  C  CA  . GLY A 1 36  ? 14.853  -0.519  -13.353 1.00 22.12 ? 40  GLY A CA  1 
ATOM   288  C  C   . GLY A 1 36  ? 14.351  0.764   -12.755 1.00 22.07 ? 40  GLY A C   1 
ATOM   289  O  O   . GLY A 1 36  ? 14.596  1.821   -13.349 1.00 23.77 ? 40  GLY A O   1 
ATOM   290  N  N   . TRP A 1 37  ? 13.656  0.793   -11.621 1.00 21.75 ? 41  TRP A N   1 
ATOM   291  C  CA  . TRP A 1 37  ? 13.256  2.089   -11.071 1.00 23.73 ? 41  TRP A CA  1 
ATOM   292  C  C   . TRP A 1 37  ? 14.348  2.666   -10.202 1.00 22.96 ? 41  TRP A C   1 
ATOM   293  O  O   . TRP A 1 37  ? 15.319  2.003   -9.836  1.00 23.00 ? 41  TRP A O   1 
ATOM   294  C  CB  . TRP A 1 37  ? 11.958  2.003   -10.222 1.00 23.74 ? 41  TRP A CB  1 
ATOM   295  C  CG  . TRP A 1 37  ? 10.697  1.916   -11.090 1.00 21.47 ? 41  TRP A CG  1 
ATOM   296  C  CD1 . TRP A 1 37  ? 10.123  2.990   -11.744 1.00 22.84 ? 41  TRP A CD1 1 
ATOM   297  C  CD2 . TRP A 1 37  ? 10.009  0.781   -11.308 1.00 19.09 ? 41  TRP A CD2 1 
ATOM   298  N  NE1 . TRP A 1 37  ? 9.071   2.519   -12.370 1.00 19.79 ? 41  TRP A NE1 1 
ATOM   299  C  CE2 . TRP A 1 37  ? 8.978   1.213   -12.128 1.00 19.62 ? 41  TRP A CE2 1 
ATOM   300  C  CE3 . TRP A 1 37  ? 10.162  -0.514  -10.890 1.00 23.92 ? 41  TRP A CE3 1 
ATOM   301  C  CZ2 . TRP A 1 37  ? 8.043   0.328   -12.581 1.00 26.63 ? 41  TRP A CZ2 1 
ATOM   302  C  CZ3 . TRP A 1 37  ? 9.210   -1.423  -11.342 1.00 31.40 ? 41  TRP A CZ3 1 
ATOM   303  C  CH2 . TRP A 1 37  ? 8.170   -1.005  -12.178 1.00 32.98 ? 41  TRP A CH2 1 
ATOM   304  N  N   . LEU A 1 38  ? 14.161  3.915   -9.825  1.00 23.27 ? 42  LEU A N   1 
ATOM   305  C  CA  . LEU A 1 38  ? 15.157  4.605   -9.063  1.00 23.32 ? 42  LEU A CA  1 
ATOM   306  C  C   . LEU A 1 38  ? 15.114  4.324   -7.577  1.00 25.16 ? 42  LEU A C   1 
ATOM   307  O  O   . LEU A 1 38  ? 16.135  4.526   -6.919  1.00 24.77 ? 42  LEU A O   1 
ATOM   308  C  CB  . LEU A 1 38  ? 15.029  6.118   -9.324  1.00 23.22 ? 42  LEU A CB  1 
ATOM   309  C  CG  . LEU A 1 38  ? 15.513  6.712   -10.675 1.00 26.01 ? 42  LEU A CG  1 
ATOM   310  C  CD1 . LEU A 1 38  ? 16.866  6.126   -11.085 1.00 21.98 ? 42  LEU A CD1 1 
ATOM   311  C  CD2 . LEU A 1 38  ? 14.560  6.339   -11.781 1.00 24.08 ? 42  LEU A CD2 1 
ATOM   312  N  N   . ASP A 1 39  ? 14.011  3.817   -7.014  1.00 24.41 ? 43  ASP A N   1 
ATOM   313  C  CA  . ASP A 1 39  ? 13.884  3.647   -5.572  1.00 23.31 ? 43  ASP A CA  1 
ATOM   314  C  C   . ASP A 1 39  ? 12.648  2.798   -5.383  1.00 25.86 ? 43  ASP A C   1 
ATOM   315  O  O   . ASP A 1 39  ? 12.010  2.355   -6.351  1.00 26.57 ? 43  ASP A O   1 
ATOM   316  C  CB  . ASP A 1 39  ? 13.646  5.008   -4.921  1.00 25.40 ? 43  ASP A CB  1 
ATOM   317  C  CG  . ASP A 1 39  ? 14.110  5.256   -3.489  1.00 28.05 ? 43  ASP A CG  1 
ATOM   318  O  OD1 . ASP A 1 39  ? 14.505  4.305   -2.813  1.00 29.76 ? 43  ASP A OD1 1 
ATOM   319  O  OD2 . ASP A 1 39  ? 14.078  6.416   -3.057  1.00 26.44 ? 43  ASP A OD2 1 
ATOM   320  N  N   . VAL A 1 40  ? 12.298  2.562   -4.116  1.00 23.25 ? 44  VAL A N   1 
ATOM   321  C  CA  . VAL A 1 40  ? 11.036  1.945   -3.740  1.00 20.99 ? 44  VAL A CA  1 
ATOM   322  C  C   . VAL A 1 40  ? 9.974   2.903   -4.270  1.00 18.19 ? 44  VAL A C   1 
ATOM   323  O  O   . VAL A 1 40  ? 10.156  4.098   -4.085  1.00 16.88 ? 44  VAL A O   1 
ATOM   324  C  CB  . VAL A 1 40  ? 10.703  1.879   -2.213  1.00 24.52 ? 44  VAL A CB  1 
ATOM   325  C  CG1 . VAL A 1 40  ? 10.367  0.440   -1.917  1.00 23.14 ? 44  VAL A CG1 1 
ATOM   326  C  CG2 . VAL A 1 40  ? 11.806  2.452   -1.316  1.00 26.77 ? 44  VAL A CG2 1 
ATOM   327  N  N   . GLY A 1 41  ? 8.860   2.437   -4.832  1.00 16.18 ? 45  GLY A N   1 
ATOM   328  C  CA  . GLY A 1 41  ? 7.800   3.313   -5.317  1.00 18.70 ? 45  GLY A CA  1 
ATOM   329  C  C   . GLY A 1 41  ? 6.775   3.755   -4.256  1.00 17.83 ? 45  GLY A C   1 
ATOM   330  O  O   . GLY A 1 41  ? 5.900   4.606   -4.513  1.00 12.60 ? 45  GLY A O   1 
ATOM   331  N  N   . TYR A 1 42  ? 6.871   3.198   -3.027  1.00 17.97 ? 46  TYR A N   1 
ATOM   332  C  CA  . TYR A 1 42  ? 5.836   3.450   -2.018  1.00 14.55 ? 46  TYR A CA  1 
ATOM   333  C  C   . TYR A 1 42  ? 6.431   4.434   -1.041  1.00 10.15 ? 46  TYR A C   1 
ATOM   334  O  O   . TYR A 1 42  ? 7.631   4.469   -0.789  1.00 8.88  ? 46  TYR A O   1 
ATOM   335  C  CB  . TYR A 1 42  ? 5.448   2.185   -1.247  1.00 6.83  ? 46  TYR A CB  1 
ATOM   336  C  CG  . TYR A 1 42  ? 5.062   1.000   -2.111  1.00 7.32  ? 46  TYR A CG  1 
ATOM   337  C  CD1 . TYR A 1 42  ? 3.895   1.026   -2.859  1.00 5.13  ? 46  TYR A CD1 1 
ATOM   338  C  CD2 . TYR A 1 42  ? 5.894   -0.130  -2.140  1.00 7.77  ? 46  TYR A CD2 1 
ATOM   339  C  CE1 . TYR A 1 42  ? 3.550   -0.075  -3.626  1.00 4.09  ? 46  TYR A CE1 1 
ATOM   340  C  CE2 . TYR A 1 42  ? 5.555   -1.239  -2.911  1.00 2.50  ? 46  TYR A CE2 1 
ATOM   341  C  CZ  . TYR A 1 42  ? 4.376   -1.190  -3.631  1.00 4.35  ? 46  TYR A CZ  1 
ATOM   342  O  OH  . TYR A 1 42  ? 3.953   -2.295  -4.328  1.00 7.63  ? 46  TYR A OH  1 
ATOM   343  N  N   . HIS A 1 43  ? 5.532   5.205   -0.456  1.00 11.75 ? 47  HIS A N   1 
ATOM   344  C  CA  . HIS A 1 43  ? 5.885   6.167   0.577   1.00 11.11 ? 47  HIS A CA  1 
ATOM   345  C  C   . HIS A 1 43  ? 5.939   5.431   1.922   1.00 10.19 ? 47  HIS A C   1 
ATOM   346  O  O   . HIS A 1 43  ? 6.835   5.738   2.709   1.00 10.02 ? 47  HIS A O   1 
ATOM   347  C  CB  . HIS A 1 43  ? 4.842   7.291   0.556   1.00 14.13 ? 47  HIS A CB  1 
ATOM   348  C  CG  . HIS A 1 43  ? 4.864   8.082   -0.756  1.00 15.37 ? 47  HIS A CG  1 
ATOM   349  N  ND1 . HIS A 1 43  ? 4.085   8.042   -1.858  1.00 20.68 ? 47  HIS A ND1 1 
ATOM   350  C  CD2 . HIS A 1 43  ? 5.771   9.084   -0.979  1.00 16.70 ? 47  HIS A CD2 1 
ATOM   351  C  CE1 . HIS A 1 43  ? 4.473   8.979   -2.704  1.00 13.59 ? 47  HIS A CE1 1 
ATOM   352  N  NE2 . HIS A 1 43  ? 5.481   9.582   -2.151  1.00 18.52 ? 47  HIS A NE2 1 
ATOM   353  N  N   . PHE A 1 44  ? 5.122   4.380   2.187   1.00 9.81  ? 48  PHE A N   1 
ATOM   354  C  CA  . PHE A 1 44  ? 5.145   3.665   3.462   1.00 6.61  ? 48  PHE A CA  1 
ATOM   355  C  C   . PHE A 1 44  ? 4.990   2.156   3.291   1.00 5.49  ? 48  PHE A C   1 
ATOM   356  O  O   . PHE A 1 44  ? 4.128   1.732   2.496   1.00 2.14  ? 48  PHE A O   1 
ATOM   357  C  CB  . PHE A 1 44  ? 3.998   4.177   4.384   1.00 7.52  ? 48  PHE A CB  1 
ATOM   358  C  CG  . PHE A 1 44  ? 4.134   5.659   4.806   1.00 8.78  ? 48  PHE A CG  1 
ATOM   359  C  CD1 . PHE A 1 44  ? 4.954   6.005   5.858   1.00 9.89  ? 48  PHE A CD1 1 
ATOM   360  C  CD2 . PHE A 1 44  ? 3.418   6.656   4.156   1.00 5.92  ? 48  PHE A CD2 1 
ATOM   361  C  CE1 . PHE A 1 44  ? 5.052   7.324   6.252   1.00 9.04  ? 48  PHE A CE1 1 
ATOM   362  C  CE2 . PHE A 1 44  ? 3.518   7.976   4.548   1.00 3.30  ? 48  PHE A CE2 1 
ATOM   363  C  CZ  . PHE A 1 44  ? 4.336   8.302   5.594   1.00 9.08  ? 48  PHE A CZ  1 
ATOM   364  N  N   . ILE A 1 45  ? 5.810   1.326   3.989   1.00 7.33  ? 49  ILE A N   1 
ATOM   365  C  CA  . ILE A 1 45  ? 5.618   -0.134  4.016   1.00 10.61 ? 49  ILE A CA  1 
ATOM   366  C  C   . ILE A 1 45  ? 5.208   -0.615  5.412   1.00 10.38 ? 49  ILE A C   1 
ATOM   367  O  O   . ILE A 1 45  ? 5.860   -0.265  6.398   1.00 13.21 ? 49  ILE A O   1 
ATOM   368  C  CB  . ILE A 1 45  ? 6.925   -0.917  3.561   1.00 11.71 ? 49  ILE A CB  1 
ATOM   369  C  CG1 . ILE A 1 45  ? 7.099   -0.827  2.024   1.00 17.05 ? 49  ILE A CG1 1 
ATOM   370  C  CG2 . ILE A 1 45  ? 6.806   -2.439  3.800   1.00 15.16 ? 49  ILE A CG2 1 
ATOM   371  C  CD1 . ILE A 1 45  ? 7.832   0.408   1.463   1.00 17.02 ? 49  ILE A CD1 1 
ATOM   372  N  N   . ILE A 1 46  ? 4.187   -1.441  5.561   1.00 8.58  ? 50  ILE A N   1 
ATOM   373  C  CA  . ILE A 1 46  ? 3.834   -1.917  6.877   1.00 9.18  ? 50  ILE A CA  1 
ATOM   374  C  C   . ILE A 1 46  ? 4.235   -3.383  6.914   1.00 8.29  ? 50  ILE A C   1 
ATOM   375  O  O   . ILE A 1 46  ? 3.616   -4.195  6.233   1.00 7.39  ? 50  ILE A O   1 
ATOM   376  C  CB  . ILE A 1 46  ? 2.296   -1.689  7.077   1.00 11.73 ? 50  ILE A CB  1 
ATOM   377  C  CG1 . ILE A 1 46  ? 2.017   -0.187  7.156   1.00 9.03  ? 50  ILE A CG1 1 
ATOM   378  C  CG2 . ILE A 1 46  ? 1.811   -2.292  8.391   1.00 6.17  ? 50  ILE A CG2 1 
ATOM   379  C  CD1 . ILE A 1 46  ? 0.578   0.102   6.805   1.00 7.35  ? 50  ILE A CD1 1 
ATOM   380  N  N   . LYS A 1 47  ? 5.277   -3.718  7.669   1.00 8.69  ? 51  LYS A N   1 
ATOM   381  C  CA  . LYS A 1 47  ? 5.799   -5.094  7.823   1.00 6.89  ? 51  LYS A CA  1 
ATOM   382  C  C   . LYS A 1 47  ? 4.767   -5.924  8.569   1.00 9.90  ? 51  LYS A C   1 
ATOM   383  O  O   . LYS A 1 47  ? 3.859   -5.330  9.178   1.00 9.34  ? 51  LYS A O   1 
ATOM   384  C  CB  . LYS A 1 47  ? 7.067   -5.153  8.645   1.00 6.23  ? 51  LYS A CB  1 
ATOM   385  C  CG  . LYS A 1 47  ? 8.185   -4.191  8.195   1.00 6.44  ? 51  LYS A CG  1 
ATOM   386  C  CD  . LYS A 1 47  ? 9.448   -4.490  8.991   1.00 10.08 ? 51  LYS A CD  1 
ATOM   387  C  CE  . LYS A 1 47  ? 10.095  -5.836  8.739   1.00 11.82 ? 51  LYS A CE  1 
ATOM   388  N  NZ  . LYS A 1 47  ? 11.433  -5.828  9.314   1.00 17.74 ? 51  LYS A NZ  1 
ATOM   389  N  N   . ARG A 1 48  ? 4.903   -7.257  8.620   1.00 7.96  ? 52  ARG A N   1 
ATOM   390  C  CA  . ARG A 1 48  ? 3.896   -8.140  9.177   1.00 10.93 ? 52  ARG A CA  1 
ATOM   391  C  C   . ARG A 1 48  ? 3.795   -8.096  10.676  1.00 11.67 ? 52  ARG A C   1 
ATOM   392  O  O   . ARG A 1 48  ? 2.769   -8.472  11.201  1.00 10.53 ? 52  ARG A O   1 
ATOM   393  C  CB  . ARG A 1 48  ? 4.152   -9.557  8.769   1.00 11.19 ? 52  ARG A CB  1 
ATOM   394  C  CG  . ARG A 1 48  ? 3.855   -9.597  7.302   1.00 15.83 ? 52  ARG A CG  1 
ATOM   395  C  CD  . ARG A 1 48  ? 3.953   -11.001 6.817   1.00 10.47 ? 52  ARG A CD  1 
ATOM   396  N  NE  . ARG A 1 48  ? 2.837   -11.849 7.181   1.00 7.73  ? 52  ARG A NE  1 
ATOM   397  C  CZ  . ARG A 1 48  ? 1.659   -11.767 6.565   1.00 14.83 ? 52  ARG A CZ  1 
ATOM   398  N  NH1 . ARG A 1 48  ? 1.429   -10.875 5.607   1.00 14.22 ? 52  ARG A NH1 1 
ATOM   399  N  NH2 . ARG A 1 48  ? 0.739   -12.694 6.808   1.00 14.60 ? 52  ARG A NH2 1 
ATOM   400  N  N   . ASP A 1 49  ? 4.796   -7.661  11.410  1.00 15.42 ? 53  ASP A N   1 
ATOM   401  C  CA  . ASP A 1 49  ? 4.620   -7.401  12.829  1.00 15.05 ? 53  ASP A CA  1 
ATOM   402  C  C   . ASP A 1 49  ? 3.990   -6.029  13.120  1.00 15.23 ? 53  ASP A C   1 
ATOM   403  O  O   . ASP A 1 49  ? 3.929   -5.666  14.302  1.00 17.05 ? 53  ASP A O   1 
ATOM   404  C  CB  . ASP A 1 49  ? 5.991   -7.519  13.513  1.00 11.76 ? 53  ASP A CB  1 
ATOM   405  C  CG  . ASP A 1 49  ? 7.103   -6.544  13.097  1.00 15.37 ? 53  ASP A CG  1 
ATOM   406  O  OD1 . ASP A 1 49  ? 6.913   -5.744  12.211  1.00 13.84 ? 53  ASP A OD1 1 
ATOM   407  O  OD2 . ASP A 1 49  ? 8.192   -6.592  13.655  1.00 21.14 ? 53  ASP A OD2 1 
ATOM   408  N  N   . GLY A 1 50  ? 3.574   -5.220  12.117  1.00 13.78 ? 54  GLY A N   1 
ATOM   409  C  CA  . GLY A 1 50  ? 2.928   -3.929  12.334  1.00 14.91 ? 54  GLY A CA  1 
ATOM   410  C  C   . GLY A 1 50  ? 3.888   -2.773  12.278  1.00 11.67 ? 54  GLY A C   1 
ATOM   411  O  O   . GLY A 1 50  ? 3.458   -1.642  12.454  1.00 14.14 ? 54  GLY A O   1 
ATOM   412  N  N   . THR A 1 51  ? 5.207   -2.939  12.057  1.00 13.04 ? 55  THR A N   1 
ATOM   413  C  CA  . THR A 1 51  ? 6.191   -1.840  11.990  1.00 14.70 ? 55  THR A CA  1 
ATOM   414  C  C   . THR A 1 51  ? 5.910   -1.089  10.691  1.00 12.32 ? 55  THR A C   1 
ATOM   415  O  O   . THR A 1 51  ? 5.782   -1.771  9.661   1.00 10.75 ? 55  THR A O   1 
ATOM   416  C  CB  . THR A 1 51  ? 7.648   -2.361  11.865  1.00 11.32 ? 55  THR A CB  1 
ATOM   417  O  OG1 . THR A 1 51  ? 7.798   -3.391  12.810  1.00 14.39 ? 55  THR A OG1 1 
ATOM   418  C  CG2 . THR A 1 51  ? 8.704   -1.281  12.066  1.00 12.85 ? 55  THR A CG2 1 
ATOM   419  N  N   . VAL A 1 52  ? 5.821   0.248   10.703  1.00 13.91 ? 56  VAL A N   1 
ATOM   420  C  CA  . VAL A 1 52  ? 5.646   0.978   9.476   1.00 17.06 ? 56  VAL A CA  1 
ATOM   421  C  C   . VAL A 1 52  ? 7.005   1.626   9.208   1.00 18.61 ? 56  VAL A C   1 
ATOM   422  O  O   . VAL A 1 52  ? 7.614   2.213   10.100  1.00 17.39 ? 56  VAL A O   1 
ATOM   423  C  CB  . VAL A 1 52  ? 4.426   2.053   9.537   1.00 16.95 ? 56  VAL A CB  1 
ATOM   424  C  CG1 . VAL A 1 52  ? 3.767   2.070   10.876  1.00 11.81 ? 56  VAL A CG1 1 
ATOM   425  C  CG2 . VAL A 1 52  ? 4.903   3.447   9.129   1.00 17.67 ? 56  VAL A CG2 1 
ATOM   426  N  N   . GLU A 1 53  ? 7.526   1.401   7.998   1.00 16.39 ? 57  GLU A N   1 
ATOM   427  C  CA  . GLU A 1 53  ? 8.822   1.915   7.582   1.00 13.79 ? 57  GLU A CA  1 
ATOM   428  C  C   . GLU A 1 53  ? 8.539   2.878   6.435   1.00 14.78 ? 57  GLU A C   1 
ATOM   429  O  O   . GLU A 1 53  ? 7.579   2.709   5.663   1.00 14.90 ? 57  GLU A O   1 
ATOM   430  C  CB  . GLU A 1 53  ? 9.716   0.825   7.063   1.00 8.86  ? 57  GLU A CB  1 
ATOM   431  C  CG  . GLU A 1 53  ? 9.923   -0.354  7.986   1.00 10.10 ? 57  GLU A CG  1 
ATOM   432  C  CD  . GLU A 1 53  ? 10.696  -1.432  7.243   1.00 15.58 ? 57  GLU A CD  1 
ATOM   433  O  OE1 . GLU A 1 53  ? 10.157  -1.991  6.298   1.00 21.25 ? 57  GLU A OE1 1 
ATOM   434  O  OE2 . GLU A 1 53  ? 11.832  -1.727  7.576   1.00 15.20 ? 57  GLU A OE2 1 
ATOM   435  N  N   . ALA A 1 54  ? 9.358   3.902   6.351   1.00 10.79 ? 58  ALA A N   1 
ATOM   436  C  CA  . ALA A 1 54  ? 9.189   4.897   5.333   1.00 14.04 ? 58  ALA A CA  1 
ATOM   437  C  C   . ALA A 1 54  ? 9.933   4.491   4.058   1.00 13.34 ? 58  ALA A C   1 
ATOM   438  O  O   . ALA A 1 54  ? 10.998  3.862   4.136   1.00 11.86 ? 58  ALA A O   1 
ATOM   439  C  CB  . ALA A 1 54  ? 9.743   6.211   5.860   1.00 17.06 ? 58  ALA A CB  1 
ATOM   440  N  N   . GLY A 1 55  ? 9.405   4.844   2.899   1.00 11.70 ? 59  GLY A N   1 
ATOM   441  C  CA  . GLY A 1 55  ? 10.042  4.466   1.658   1.00 16.39 ? 59  GLY A CA  1 
ATOM   442  C  C   . GLY A 1 55  ? 10.537  5.756   1.050   1.00 19.99 ? 59  GLY A C   1 
ATOM   443  O  O   . GLY A 1 55  ? 11.490  6.366   1.521   1.00 24.58 ? 59  GLY A O   1 
ATOM   444  N  N   . ARG A 1 56  ? 9.870   6.204   -0.006  1.00 21.06 ? 60  ARG A N   1 
ATOM   445  C  CA  . ARG A 1 56  ? 10.135  7.486   -0.619  1.00 22.67 ? 60  ARG A CA  1 
ATOM   446  C  C   . ARG A 1 56  ? 9.736   8.563   0.351   1.00 23.80 ? 60  ARG A C   1 
ATOM   447  O  O   . ARG A 1 56  ? 8.885   8.339   1.206   1.00 23.98 ? 60  ARG A O   1 
ATOM   448  C  CB  . ARG A 1 56  ? 9.297   7.737   -1.850  1.00 26.13 ? 60  ARG A CB  1 
ATOM   449  C  CG  . ARG A 1 56  ? 9.778   6.892   -2.969  1.00 29.79 ? 60  ARG A CG  1 
ATOM   450  C  CD  . ARG A 1 56  ? 9.510   7.588   -4.268  1.00 34.56 ? 60  ARG A CD  1 
ATOM   451  N  NE  . ARG A 1 56  ? 9.692   6.554   -5.267  1.00 40.97 ? 60  ARG A NE  1 
ATOM   452  C  CZ  . ARG A 1 56  ? 10.275  6.723   -6.443  1.00 36.30 ? 60  ARG A CZ  1 
ATOM   453  N  NH1 . ARG A 1 56  ? 10.738  7.909   -6.804  1.00 38.98 ? 60  ARG A NH1 1 
ATOM   454  N  NH2 . ARG A 1 56  ? 10.403  5.655   -7.233  1.00 38.00 ? 60  ARG A NH2 1 
ATOM   455  N  N   . ASP A 1 57  ? 10.267  9.757   0.181   1.00 26.12 ? 61  ASP A N   1 
ATOM   456  C  CA  . ASP A 1 57  ? 9.896   10.882  1.019   1.00 28.68 ? 61  ASP A CA  1 
ATOM   457  C  C   . ASP A 1 57  ? 8.418   11.084  0.844   1.00 28.68 ? 61  ASP A C   1 
ATOM   458  O  O   . ASP A 1 57  ? 7.919   11.000  -0.287  1.00 27.52 ? 61  ASP A O   1 
ATOM   459  C  CB  . ASP A 1 57  ? 10.588  12.150  0.581   1.00 32.54 ? 61  ASP A CB  1 
ATOM   460  C  CG  . ASP A 1 57  ? 10.513  13.251  1.610   1.00 34.57 ? 61  ASP A CG  1 
ATOM   461  O  OD1 . ASP A 1 57  ? 9.559   14.054  1.627   1.00 30.18 ? 61  ASP A OD1 1 
ATOM   462  O  OD2 . ASP A 1 57  ? 11.463  13.270  2.384   1.00 40.31 ? 61  ASP A OD2 1 
ATOM   463  N  N   . GLU A 1 58  ? 7.778   11.392  1.975   1.00 29.49 ? 62  GLU A N   1 
ATOM   464  C  CA  . GLU A 1 58  ? 6.342   11.586  2.045   1.00 28.78 ? 62  GLU A CA  1 
ATOM   465  C  C   . GLU A 1 58  ? 5.896   12.573  0.995   1.00 28.69 ? 62  GLU A C   1 
ATOM   466  O  O   . GLU A 1 58  ? 4.866   12.348  0.387   1.00 33.12 ? 62  GLU A O   1 
ATOM   467  C  CB  . GLU A 1 58  ? 5.951   12.087  3.430   1.00 26.94 ? 62  GLU A CB  1 
ATOM   468  C  CG  . GLU A 1 58  ? 4.435   12.045  3.695   1.00 29.75 ? 62  GLU A CG  1 
ATOM   469  C  CD  . GLU A 1 58  ? 4.009   12.462  5.110   1.00 28.35 ? 62  GLU A CD  1 
ATOM   470  O  OE1 . GLU A 1 58  ? 3.994   11.622  6.001   1.00 33.85 ? 62  GLU A OE1 1 
ATOM   471  O  OE2 . GLU A 1 58  ? 3.692   13.622  5.335   1.00 27.74 ? 62  GLU A OE2 1 
ATOM   472  N  N   . MET A 1 59  ? 6.671   13.579  0.634   1.00 30.29 ? 63  MET A N   1 
ATOM   473  C  CA  . MET A 1 59  ? 6.203   14.584  -0.318  1.00 34.74 ? 63  MET A CA  1 
ATOM   474  C  C   . MET A 1 59  ? 6.574   14.381  -1.798  1.00 32.52 ? 63  MET A C   1 
ATOM   475  O  O   . MET A 1 59  ? 6.196   15.157  -2.675  1.00 31.49 ? 63  MET A O   1 
ATOM   476  C  CB  . MET A 1 59  ? 6.729   15.894  0.206   1.00 40.08 ? 63  MET A CB  1 
ATOM   477  C  CG  . MET A 1 59  ? 5.849   17.072  -0.133  1.00 48.60 ? 63  MET A CG  1 
ATOM   478  S  SD  . MET A 1 59  ? 4.164   16.812  0.460   1.00 53.64 ? 63  MET A SD  1 
ATOM   479  C  CE  . MET A 1 59  ? 3.202   17.352  -0.944  1.00 48.26 ? 63  MET A CE  1 
ATOM   480  N  N   . ALA A 1 60  ? 7.263   13.291  -2.131  1.00 31.93 ? 64  ALA A N   1 
ATOM   481  C  CA  . ALA A 1 60  ? 7.784   13.041  -3.471  1.00 25.79 ? 64  ALA A CA  1 
ATOM   482  C  C   . ALA A 1 60  ? 6.841   12.243  -4.322  1.00 24.31 ? 64  ALA A C   1 
ATOM   483  O  O   . ALA A 1 60  ? 5.882   11.644  -3.823  1.00 23.15 ? 64  ALA A O   1 
ATOM   484  C  CB  . ALA A 1 60  ? 9.089   12.294  -3.361  1.00 24.17 ? 64  ALA A CB  1 
ATOM   485  N  N   . VAL A 1 61  ? 7.087   12.260  -5.633  1.00 24.94 ? 65  VAL A N   1 
ATOM   486  C  CA  . VAL A 1 61  ? 6.320   11.466  -6.601  1.00 18.64 ? 65  VAL A CA  1 
ATOM   487  C  C   . VAL A 1 61  ? 6.881   10.059  -6.438  1.00 18.59 ? 65  VAL A C   1 
ATOM   488  O  O   . VAL A 1 61  ? 8.089   9.866   -6.280  1.00 19.96 ? 65  VAL A O   1 
ATOM   489  C  CB  . VAL A 1 61  ? 6.581   12.045  -7.986  1.00 17.13 ? 65  VAL A CB  1 
ATOM   490  C  CG1 . VAL A 1 61  ? 5.971   11.153  -9.036  1.00 17.67 ? 65  VAL A CG1 1 
ATOM   491  C  CG2 . VAL A 1 61  ? 5.961   13.449  -8.071  1.00 15.42 ? 65  VAL A CG2 1 
ATOM   492  N  N   . GLY A 1 62  ? 6.057   9.048   -6.331  1.00 17.78 ? 66  GLY A N   1 
ATOM   493  C  CA  . GLY A 1 62  ? 6.588   7.702   -6.195  1.00 19.28 ? 66  GLY A CA  1 
ATOM   494  C  C   . GLY A 1 62  ? 6.119   6.908   -7.387  1.00 17.67 ? 66  GLY A C   1 
ATOM   495  O  O   . GLY A 1 62  ? 5.476   7.490   -8.255  1.00 15.39 ? 66  GLY A O   1 
ATOM   496  N  N   . SER A 1 63  ? 6.341   5.601   -7.480  1.00 17.92 ? 67  SER A N   1 
ATOM   497  C  CA  . SER A 1 63  ? 5.858   4.818   -8.609  1.00 19.49 ? 67  SER A CA  1 
ATOM   498  C  C   . SER A 1 63  ? 5.012   3.626   -8.135  1.00 17.75 ? 67  SER A C   1 
ATOM   499  O  O   . SER A 1 63  ? 5.522   2.523   -7.870  1.00 21.89 ? 67  SER A O   1 
ATOM   500  C  CB  . SER A 1 63  ? 7.116   4.408   -9.444  1.00 21.26 ? 67  SER A CB  1 
ATOM   501  O  OG  . SER A 1 63  ? 8.367   4.594   -8.732  1.00 29.39 ? 67  SER A OG  1 
ATOM   502  N  N   . HIS A 1 64  ? 3.702   3.782   -8.018  1.00 12.05 ? 68  HIS A N   1 
ATOM   503  C  CA  . HIS A 1 64  ? 2.907   2.755   -7.374  1.00 13.51 ? 68  HIS A CA  1 
ATOM   504  C  C   . HIS A 1 64  ? 1.566   2.562   -8.048  1.00 16.96 ? 68  HIS A C   1 
ATOM   505  O  O   . HIS A 1 64  ? 0.935   1.464   -8.001  1.00 12.74 ? 68  HIS A O   1 
ATOM   506  C  CB  . HIS A 1 64  ? 2.723   3.081   -5.816  1.00 13.24 ? 68  HIS A CB  1 
ATOM   507  C  CG  . HIS A 1 64  ? 2.020   4.402   -5.439  1.00 4.62  ? 68  HIS A CG  1 
ATOM   508  N  ND1 . HIS A 1 64  ? 0.728   4.744   -5.562  1.00 2.25  ? 68  HIS A ND1 1 
ATOM   509  C  CD2 . HIS A 1 64  ? 2.719   5.548   -5.105  1.00 7.89  ? 68  HIS A CD2 1 
ATOM   510  C  CE1 . HIS A 1 64  ? 0.645   6.033   -5.353  1.00 3.32  ? 68  HIS A CE1 1 
ATOM   511  N  NE2 . HIS A 1 64  ? 1.841   6.524   -5.079  1.00 7.98  ? 68  HIS A NE2 1 
ATOM   512  N  N   . ALA A 1 65  ? 1.068   3.651   -8.646  1.00 19.79 ? 69  ALA A N   1 
ATOM   513  C  CA  . ALA A 1 65  ? -0.213  3.569   -9.359  1.00 26.96 ? 69  ALA A CA  1 
ATOM   514  C  C   . ALA A 1 65  ? 0.049   4.481   -10.575 1.00 32.09 ? 69  ALA A C   1 
ATOM   515  O  O   . ALA A 1 65  ? 0.335   5.686   -10.377 1.00 32.92 ? 69  ALA A O   1 
ATOM   516  C  CB  . ALA A 1 65  ? -1.356  4.120   -8.469  1.00 22.25 ? 69  ALA A CB  1 
ATOM   517  N  N   . LYS A 1 66  ? 0.030   3.935   -11.808 1.00 31.40 ? 70  LYS A N   1 
ATOM   518  C  CA  . LYS A 1 66  ? 0.483   4.746   -12.923 1.00 30.81 ? 70  LYS A CA  1 
ATOM   519  C  C   . LYS A 1 66  ? -0.704  5.542   -13.400 1.00 28.35 ? 70  LYS A C   1 
ATOM   520  O  O   . LYS A 1 66  ? -1.841  5.067   -13.477 1.00 25.07 ? 70  LYS A O   1 
ATOM   521  C  CB  . LYS A 1 66  ? 1.023   3.891   -14.056 1.00 37.54 ? 70  LYS A CB  1 
ATOM   522  C  CG  . LYS A 1 66  ? 1.798   4.765   -15.072 1.00 49.76 ? 70  LYS A CG  1 
ATOM   523  C  CD  . LYS A 1 66  ? 2.166   3.939   -16.311 1.00 59.31 ? 70  LYS A CD  1 
ATOM   524  C  CE  . LYS A 1 66  ? 2.852   4.755   -17.411 1.00 62.61 ? 70  LYS A CE  1 
ATOM   525  N  NZ  . LYS A 1 66  ? 2.799   4.023   -18.669 1.00 67.02 ? 70  LYS A NZ  1 
ATOM   526  N  N   . GLY A 1 67  ? -0.357  6.793   -13.641 1.00 26.87 ? 71  GLY A N   1 
ATOM   527  C  CA  . GLY A 1 67  ? -1.316  7.810   -14.002 1.00 29.71 ? 71  GLY A CA  1 
ATOM   528  C  C   . GLY A 1 67  ? -1.831  8.514   -12.752 1.00 28.96 ? 71  GLY A C   1 
ATOM   529  O  O   . GLY A 1 67  ? -2.749  9.353   -12.809 1.00 29.74 ? 71  GLY A O   1 
ATOM   530  N  N   . TYR A 1 68  ? -1.263  8.129   -11.592 1.00 25.04 ? 72  TYR A N   1 
ATOM   531  C  CA  . TYR A 1 68  ? -1.644  8.684   -10.321 1.00 19.04 ? 72  TYR A CA  1 
ATOM   532  C  C   . TYR A 1 68  ? -0.412  8.942   -9.547  1.00 18.12 ? 72  TYR A C   1 
ATOM   533  O  O   . TYR A 1 68  ? -0.523  9.441   -8.425  1.00 21.26 ? 72  TYR A O   1 
ATOM   534  C  CB  . TYR A 1 68  ? -2.462  7.770   -9.481  1.00 16.88 ? 72  TYR A CB  1 
ATOM   535  C  CG  . TYR A 1 68  ? -3.833  7.612   -10.034 1.00 19.90 ? 72  TYR A CG  1 
ATOM   536  C  CD1 . TYR A 1 68  ? -4.839  8.482   -9.673  1.00 24.82 ? 72  TYR A CD1 1 
ATOM   537  C  CD2 . TYR A 1 68  ? -4.069  6.591   -10.928 1.00 29.60 ? 72  TYR A CD2 1 
ATOM   538  C  CE1 . TYR A 1 68  ? -6.100  8.325   -10.219 1.00 28.87 ? 72  TYR A CE1 1 
ATOM   539  C  CE2 . TYR A 1 68  ? -5.329  6.425   -11.488 1.00 31.46 ? 72  TYR A CE2 1 
ATOM   540  C  CZ  . TYR A 1 68  ? -6.339  7.295   -11.127 1.00 33.34 ? 72  TYR A CZ  1 
ATOM   541  O  OH  . TYR A 1 68  ? -7.603  7.115   -11.683 1.00 36.40 ? 72  TYR A OH  1 
ATOM   542  N  N   . ASN A 1 69  ? 0.794   8.713   -10.048 1.00 15.47 ? 73  ASN A N   1 
ATOM   543  C  CA  . ASN A 1 69  ? 1.906   8.946   -9.182  1.00 13.22 ? 73  ASN A CA  1 
ATOM   544  C  C   . ASN A 1 69  ? 2.107   10.391  -8.922  1.00 16.01 ? 73  ASN A C   1 
ATOM   545  O  O   . ASN A 1 69  ? 2.709   10.720  -7.889  1.00 19.60 ? 73  ASN A O   1 
ATOM   546  C  CB  . ASN A 1 69  ? 3.140   8.426   -9.744  1.00 13.54 ? 73  ASN A CB  1 
ATOM   547  C  CG  . ASN A 1 69  ? 2.998   6.939   -9.779  1.00 21.86 ? 73  ASN A CG  1 
ATOM   548  O  OD1 . ASN A 1 69  ? 2.811   6.214   -8.786  1.00 24.06 ? 73  ASN A OD1 1 
ATOM   549  N  ND2 . ASN A 1 69  ? 2.999   6.442   -10.993 1.00 31.33 ? 73  ASN A ND2 1 
ATOM   550  N  N   . HIS A 1 70  ? 1.627   11.230  -9.834  1.00 16.24 ? 74  HIS A N   1 
ATOM   551  C  CA  . HIS A 1 70  ? 1.738   12.668  -9.692  1.00 19.31 ? 74  HIS A CA  1 
ATOM   552  C  C   . HIS A 1 70  ? 0.996   13.325  -8.519  1.00 22.88 ? 74  HIS A C   1 
ATOM   553  O  O   . HIS A 1 70  ? 1.345   14.428  -8.085  1.00 22.52 ? 74  HIS A O   1 
ATOM   554  C  CB  . HIS A 1 70  ? 1.287   13.341  -11.005 1.00 15.93 ? 74  HIS A CB  1 
ATOM   555  C  CG  . HIS A 1 70  ? -0.171  13.256  -11.471 1.00 16.75 ? 74  HIS A CG  1 
ATOM   556  N  ND1 . HIS A 1 70  ? -0.830  12.211  -11.934 1.00 15.34 ? 74  HIS A ND1 1 
ATOM   557  C  CD2 . HIS A 1 70  ? -1.054  14.306  -11.527 1.00 15.04 ? 74  HIS A CD2 1 
ATOM   558  C  CE1 . HIS A 1 70  ? -2.061  12.545  -12.268 1.00 15.14 ? 74  HIS A CE1 1 
ATOM   559  N  NE2 . HIS A 1 70  ? -2.180  13.822  -12.017 1.00 15.65 ? 74  HIS A NE2 1 
ATOM   560  N  N   . ASN A 1 71  ? -0.027  12.700  -7.964  1.00 24.75 ? 75  ASN A N   1 
ATOM   561  C  CA  . ASN A 1 71  ? -0.821  13.375  -6.948  1.00 28.97 ? 75  ASN A CA  1 
ATOM   562  C  C   . ASN A 1 71  ? -1.301  12.452  -5.798  1.00 28.22 ? 75  ASN A C   1 
ATOM   563  O  O   . ASN A 1 71  ? -2.471  12.560  -5.354  1.00 29.63 ? 75  ASN A O   1 
ATOM   564  C  CB  . ASN A 1 71  ? -1.987  14.015  -7.716  1.00 25.66 ? 75  ASN A CB  1 
ATOM   565  C  CG  . ASN A 1 71  ? -2.814  12.982  -8.467  1.00 28.73 ? 75  ASN A CG  1 
ATOM   566  O  OD1 . ASN A 1 71  ? -2.321  11.888  -8.766  1.00 28.55 ? 75  ASN A OD1 1 
ATOM   567  N  ND2 . ASN A 1 71  ? -4.038  13.257  -8.906  1.00 26.53 ? 75  ASN A ND2 1 
ATOM   568  N  N   . SER A 1 72  ? -0.454  11.560  -5.242  1.00 23.80 ? 76  SER A N   1 
ATOM   569  C  CA  . SER A 1 72  ? -0.950  10.602  -4.277  1.00 18.78 ? 76  SER A CA  1 
ATOM   570  C  C   . SER A 1 72  ? 0.094   10.014  -3.391  1.00 16.12 ? 76  SER A C   1 
ATOM   571  O  O   . SER A 1 72  ? 1.267   10.188  -3.669  1.00 14.96 ? 76  SER A O   1 
ATOM   572  C  CB  . SER A 1 72  ? -1.684  9.439   -4.972  1.00 19.72 ? 76  SER A CB  1 
ATOM   573  O  OG  . SER A 1 72  ? -0.888  8.514   -5.665  1.00 20.10 ? 76  SER A OG  1 
ATOM   574  N  N   . ILE A 1 73  ? -0.304  9.352   -2.295  1.00 17.37 ? 77  ILE A N   1 
ATOM   575  C  CA  . ILE A 1 73  ? 0.571   8.651   -1.341  1.00 13.31 ? 77  ILE A CA  1 
ATOM   576  C  C   . ILE A 1 73  ? 0.347   7.187   -1.660  1.00 10.13 ? 77  ILE A C   1 
ATOM   577  O  O   . ILE A 1 73  ? -0.777  6.774   -1.930  1.00 11.36 ? 77  ILE A O   1 
ATOM   578  C  CB  . ILE A 1 73  ? 0.162   8.890   0.171   1.00 17.15 ? 77  ILE A CB  1 
ATOM   579  C  CG1 . ILE A 1 73  ? 0.235   10.383  0.502   1.00 18.34 ? 77  ILE A CG1 1 
ATOM   580  C  CG2 . ILE A 1 73  ? 1.091   8.143   1.141   1.00 16.18 ? 77  ILE A CG2 1 
ATOM   581  C  CD1 . ILE A 1 73  ? 1.632   10.955  0.735   1.00 20.87 ? 77  ILE A CD1 1 
ATOM   582  N  N   . GLY A 1 74  ? 1.376   6.349   -1.638  1.00 8.35  ? 78  GLY A N   1 
ATOM   583  C  CA  . GLY A 1 74  ? 1.164   4.932   -1.858  1.00 6.68  ? 78  GLY A CA  1 
ATOM   584  C  C   . GLY A 1 74  ? 1.591   4.194   -0.588  1.00 5.75  ? 78  GLY A C   1 
ATOM   585  O  O   . GLY A 1 74  ? 2.703   4.467   -0.082  1.00 3.08  ? 78  GLY A O   1 
ATOM   586  N  N   . VAL A 1 75  ? 0.710   3.330   -0.080  1.00 2.96  ? 79  VAL A N   1 
ATOM   587  C  CA  . VAL A 1 75  ? 0.994   2.627   1.159   1.00 5.68  ? 79  VAL A CA  1 
ATOM   588  C  C   . VAL A 1 75  ? 1.006   1.152   0.794   1.00 3.34  ? 79  VAL A C   1 
ATOM   589  O  O   . VAL A 1 75  ? 0.124   0.650   0.086   1.00 3.71  ? 79  VAL A O   1 
ATOM   590  C  CB  . VAL A 1 75  ? -0.140  2.934   2.288   1.00 7.94  ? 79  VAL A CB  1 
ATOM   591  C  CG1 . VAL A 1 75  ? 0.262   2.292   3.608   1.00 4.60  ? 79  VAL A CG1 1 
ATOM   592  C  CG2 . VAL A 1 75  ? -0.294  4.433   2.588   1.00 5.35  ? 79  VAL A CG2 1 
ATOM   593  N  N   . CYS A 1 76  ? 1.982   0.413   1.271   1.00 4.31  ? 80  CYS A N   1 
ATOM   594  C  CA  . CYS A 1 76  ? 2.048   -1.020  0.984   1.00 4.53  ? 80  CYS A CA  1 
ATOM   595  C  C   . CYS A 1 76  ? 2.033   -1.988  2.171   1.00 4.00  ? 80  CYS A C   1 
ATOM   596  O  O   . CYS A 1 76  ? 2.852   -1.915  3.084   1.00 4.00  ? 80  CYS A O   1 
ATOM   597  C  CB  . CYS A 1 76  ? 3.312   -1.345  0.160   1.00 5.04  ? 80  CYS A CB  1 
ATOM   598  S  SG  . CYS A 1 76  ? 3.472   -3.091  -0.297  1.00 11.24 ? 80  CYS A SG  1 
ATOM   599  N  N   . LEU A 1 77  ? 1.129   -2.944  2.130   1.00 2.55  ? 81  LEU A N   1 
ATOM   600  C  CA  . LEU A 1 77  ? 1.074   -4.042  3.113   1.00 7.86  ? 81  LEU A CA  1 
ATOM   601  C  C   . LEU A 1 77  ? 1.883   -5.255  2.661   1.00 7.10  ? 81  LEU A C   1 
ATOM   602  O  O   . LEU A 1 77  ? 1.683   -5.713  1.514   1.00 10.79 ? 81  LEU A O   1 
ATOM   603  C  CB  . LEU A 1 77  ? -0.380  -4.547  3.340   1.00 5.28  ? 81  LEU A CB  1 
ATOM   604  C  CG  . LEU A 1 77  ? -1.367  -3.561  3.911   1.00 12.08 ? 81  LEU A CG  1 
ATOM   605  C  CD1 . LEU A 1 77  ? -2.752  -4.044  3.628   1.00 10.84 ? 81  LEU A CD1 1 
ATOM   606  C  CD2 . LEU A 1 77  ? -1.100  -3.369  5.400   1.00 12.73 ? 81  LEU A CD2 1 
ATOM   607  N  N   . VAL A 1 78  ? 2.773   -5.815  3.483   1.00 5.92  ? 82  VAL A N   1 
ATOM   608  C  CA  . VAL A 1 78  ? 3.507   -7.003  3.144   1.00 2.77  ? 82  VAL A CA  1 
ATOM   609  C  C   . VAL A 1 78  ? 2.578   -8.209  3.226   1.00 8.73  ? 82  VAL A C   1 
ATOM   610  O  O   . VAL A 1 78  ? 2.006   -8.549  4.270   1.00 10.10 ? 82  VAL A O   1 
ATOM   611  C  CB  . VAL A 1 78  ? 4.708   -7.049  4.101   1.00 6.30  ? 82  VAL A CB  1 
ATOM   612  C  CG1 . VAL A 1 78  ? 5.610   -8.227  3.821   1.00 3.27  ? 82  VAL A CG1 1 
ATOM   613  C  CG2 . VAL A 1 78  ? 5.594   -5.844  3.852   1.00 2.00  ? 82  VAL A CG2 1 
ATOM   614  N  N   . GLY A 1 79  ? 2.331   -8.843  2.073   1.00 6.69  ? 83  GLY A N   1 
ATOM   615  C  CA  . GLY A 1 79  ? 1.463   -10.001 2.037   1.00 3.41  ? 83  GLY A CA  1 
ATOM   616  C  C   . GLY A 1 79  ? 0.665   -9.931  0.753   1.00 3.67  ? 83  GLY A C   1 
ATOM   617  O  O   . GLY A 1 79  ? 1.000   -9.145  -0.145  1.00 8.05  ? 83  GLY A O   1 
ATOM   618  N  N   . GLY A 1 80  ? -0.400  -10.677 0.616   1.00 4.20  ? 84  GLY A N   1 
ATOM   619  C  CA  . GLY A 1 80  ? -1.287  -10.530 -0.523  1.00 3.22  ? 84  GLY A CA  1 
ATOM   620  C  C   . GLY A 1 80  ? -1.475  -11.811 -1.280  1.00 6.70  ? 84  GLY A C   1 
ATOM   621  O  O   . GLY A 1 80  ? -2.452  -11.921 -2.019  1.00 7.49  ? 84  GLY A O   1 
ATOM   622  N  N   . ILE A 1 81  ? -0.593  -12.809 -1.187  1.00 7.79  ? 85  ILE A N   1 
ATOM   623  C  CA  . ILE A 1 81  ? -0.863  -14.047 -1.935  1.00 14.31 ? 85  ILE A CA  1 
ATOM   624  C  C   . ILE A 1 81  ? -0.571  -15.234 -1.038  1.00 15.19 ? 85  ILE A C   1 
ATOM   625  O  O   . ILE A 1 81  ? 0.199   -15.147 -0.071  1.00 12.18 ? 85  ILE A O   1 
ATOM   626  C  CB  . ILE A 1 81  ? 0.021   -14.250 -3.294  1.00 12.46 ? 85  ILE A CB  1 
ATOM   627  C  CG1 . ILE A 1 81  ? 1.498   -14.330 -2.971  1.00 15.37 ? 85  ILE A CG1 1 
ATOM   628  C  CG2 . ILE A 1 81  ? -0.122  -13.070 -4.252  1.00 14.73 ? 85  ILE A CG2 1 
ATOM   629  C  CD1 . ILE A 1 81  ? 2.399   -14.748 -4.169  1.00 23.65 ? 85  ILE A CD1 1 
ATOM   630  N  N   . ASP A 1 82  ? -1.256  -16.320 -1.362  1.00 20.03 ? 86  ASP A N   1 
ATOM   631  C  CA  . ASP A 1 82  ? -0.960  -17.590 -0.744  1.00 25.36 ? 86  ASP A CA  1 
ATOM   632  C  C   . ASP A 1 82  ? 0.148   -18.349 -1.485  1.00 31.40 ? 86  ASP A C   1 
ATOM   633  O  O   . ASP A 1 82  ? 0.686   -17.908 -2.515  1.00 31.34 ? 86  ASP A O   1 
ATOM   634  C  CB  . ASP A 1 82  ? -2.237  -18.413 -0.701  1.00 24.05 ? 86  ASP A CB  1 
ATOM   635  C  CG  . ASP A 1 82  ? -2.860  -18.831 -2.020  1.00 27.32 ? 86  ASP A CG  1 
ATOM   636  O  OD1 . ASP A 1 82  ? -2.204  -18.883 -3.057  1.00 29.74 ? 86  ASP A OD1 1 
ATOM   637  O  OD2 . ASP A 1 82  ? -4.047  -19.124 -2.011  1.00 27.66 ? 86  ASP A OD2 1 
ATOM   638  N  N   . ASP A 1 83  ? 0.357   -19.603 -1.056  1.00 37.58 ? 87  ASP A N   1 
ATOM   639  C  CA  . ASP A 1 83  ? 1.391   -20.471 -1.619  1.00 42.28 ? 87  ASP A CA  1 
ATOM   640  C  C   . ASP A 1 83  ? 1.098   -20.936 -3.034  1.00 41.81 ? 87  ASP A C   1 
ATOM   641  O  O   . ASP A 1 83  ? 1.996   -21.375 -3.750  1.00 44.18 ? 87  ASP A O   1 
ATOM   642  C  CB  . ASP A 1 83  ? 1.613   -21.715 -0.731  1.00 46.73 ? 87  ASP A CB  1 
ATOM   643  C  CG  . ASP A 1 83  ? 0.348   -22.338 -0.143  1.00 54.77 ? 87  ASP A CG  1 
ATOM   644  O  OD1 . ASP A 1 83  ? -0.701  -22.372 -0.801  1.00 58.97 ? 87  ASP A OD1 1 
ATOM   645  O  OD2 . ASP A 1 83  ? 0.416   -22.786 1.005   1.00 60.72 ? 87  ASP A OD2 1 
ATOM   646  N  N   . LYS A 1 84  ? -0.169  -20.889 -3.444  1.00 38.04 ? 88  LYS A N   1 
ATOM   647  C  CA  . LYS A 1 84  ? -0.521  -21.192 -4.814  1.00 34.68 ? 88  LYS A CA  1 
ATOM   648  C  C   . LYS A 1 84  ? -0.297  -20.024 -5.771  1.00 32.57 ? 88  LYS A C   1 
ATOM   649  O  O   . LYS A 1 84  ? -0.354  -20.188 -7.001  1.00 34.56 ? 88  LYS A O   1 
ATOM   650  C  CB  . LYS A 1 84  ? -1.955  -21.613 -4.831  1.00 36.61 ? 88  LYS A CB  1 
ATOM   651  C  CG  . LYS A 1 84  ? -1.942  -22.974 -4.169  1.00 44.23 ? 88  LYS A CG  1 
ATOM   652  C  CD  . LYS A 1 84  ? -3.300  -23.590 -3.935  1.00 49.46 ? 88  LYS A CD  1 
ATOM   653  C  CE  . LYS A 1 84  ? -3.109  -25.013 -3.430  1.00 54.11 ? 88  LYS A CE  1 
ATOM   654  N  NZ  . LYS A 1 84  ? -2.169  -25.079 -2.313  1.00 58.05 ? 88  LYS A NZ  1 
ATOM   655  N  N   . GLY A 1 85  ? -0.021  -18.826 -5.235  1.00 27.81 ? 89  GLY A N   1 
ATOM   656  C  CA  . GLY A 1 85  ? 0.175   -17.650 -6.053  1.00 20.35 ? 89  GLY A CA  1 
ATOM   657  C  C   . GLY A 1 85  ? -1.107  -16.882 -6.270  1.00 18.97 ? 89  GLY A C   1 
ATOM   658  O  O   . GLY A 1 85  ? -1.103  -15.918 -7.021  1.00 15.74 ? 89  GLY A O   1 
ATOM   659  N  N   . LYS A 1 86  ? -2.207  -17.286 -5.633  1.00 17.95 ? 90  LYS A N   1 
ATOM   660  C  CA  . LYS A 1 86  ? -3.491  -16.601 -5.755  1.00 21.61 ? 90  LYS A CA  1 
ATOM   661  C  C   . LYS A 1 86  ? -3.624  -15.447 -4.766  1.00 21.57 ? 90  LYS A C   1 
ATOM   662  O  O   . LYS A 1 86  ? -2.985  -15.504 -3.694  1.00 22.89 ? 90  LYS A O   1 
ATOM   663  C  CB  . LYS A 1 86  ? -4.597  -17.620 -5.529  1.00 24.03 ? 90  LYS A CB  1 
ATOM   664  C  CG  . LYS A 1 86  ? -4.524  -18.609 -6.649  1.00 26.32 ? 90  LYS A CG  1 
ATOM   665  C  CD  . LYS A 1 86  ? -5.313  -19.835 -6.419  1.00 32.66 ? 90  LYS A CD  1 
ATOM   666  C  CE  . LYS A 1 86  ? -6.217  -19.923 -7.607  1.00 41.04 ? 90  LYS A CE  1 
ATOM   667  N  NZ  . LYS A 1 86  ? -6.706  -21.263 -7.906  1.00 46.09 ? 90  LYS A NZ  1 
ATOM   668  N  N   . PHE A 1 87  ? -4.444  -14.433 -5.055  1.00 20.98 ? 91  PHE A N   1 
ATOM   669  C  CA  . PHE A 1 87  ? -4.532  -13.289 -4.140  1.00 20.69 ? 91  PHE A CA  1 
ATOM   670  C  C   . PHE A 1 87  ? -5.319  -13.732 -2.894  1.00 20.34 ? 91  PHE A C   1 
ATOM   671  O  O   . PHE A 1 87  ? -6.218  -14.573 -2.967  1.00 19.10 ? 91  PHE A O   1 
ATOM   672  C  CB  . PHE A 1 87  ? -5.189  -12.086 -4.852  1.00 17.28 ? 91  PHE A CB  1 
ATOM   673  C  CG  . PHE A 1 87  ? -6.639  -12.131 -5.295  1.00 18.26 ? 91  PHE A CG  1 
ATOM   674  C  CD1 . PHE A 1 87  ? -7.652  -11.836 -4.395  1.00 16.45 ? 91  PHE A CD1 1 
ATOM   675  C  CD2 . PHE A 1 87  ? -6.951  -12.413 -6.618  1.00 19.68 ? 91  PHE A CD2 1 
ATOM   676  C  CE1 . PHE A 1 87  ? -8.971  -11.819 -4.816  1.00 23.81 ? 91  PHE A CE1 1 
ATOM   677  C  CE2 . PHE A 1 87  ? -8.290  -12.395 -7.036  1.00 22.61 ? 91  PHE A CE2 1 
ATOM   678  C  CZ  . PHE A 1 87  ? -9.306  -12.098 -6.135  1.00 21.51 ? 91  PHE A CZ  1 
ATOM   679  N  N   . ASP A 1 88  ? -4.927  -13.241 -1.730  1.00 17.23 ? 92  ASP A N   1 
ATOM   680  C  CA  . ASP A 1 88  ? -5.437  -13.738 -0.472  1.00 15.25 ? 92  ASP A CA  1 
ATOM   681  C  C   . ASP A 1 88  ? -5.300  -12.640 0.560   1.00 10.72 ? 92  ASP A C   1 
ATOM   682  O  O   . ASP A 1 88  ? -4.213  -12.111 0.677   1.00 10.71 ? 92  ASP A O   1 
ATOM   683  C  CB  . ASP A 1 88  ? -4.596  -14.953 -0.079  1.00 16.16 ? 92  ASP A CB  1 
ATOM   684  C  CG  . ASP A 1 88  ? -5.066  -15.782 1.116   1.00 18.30 ? 92  ASP A CG  1 
ATOM   685  O  OD1 . ASP A 1 88  ? -6.241  -15.724 1.482   1.00 17.14 ? 92  ASP A OD1 1 
ATOM   686  O  OD2 . ASP A 1 88  ? -4.236  -16.489 1.679   1.00 22.08 ? 92  ASP A OD2 1 
ATOM   687  N  N   . ALA A 1 89  ? -6.281  -12.253 1.344   1.00 11.69 ? 93  ALA A N   1 
ATOM   688  C  CA  . ALA A 1 89  ? -6.094  -11.186 2.338   1.00 14.34 ? 93  ALA A CA  1 
ATOM   689  C  C   . ALA A 1 89  ? -5.516  -11.821 3.593   1.00 14.36 ? 93  ALA A C   1 
ATOM   690  O  O   . ALA A 1 89  ? -6.207  -12.149 4.566   1.00 18.06 ? 93  ALA A O   1 
ATOM   691  C  CB  . ALA A 1 89  ? -7.426  -10.513 2.716   1.00 12.64 ? 93  ALA A CB  1 
ATOM   692  N  N   . ASN A 1 90  ? -4.224  -12.072 3.576   1.00 11.68 ? 94  ASN A N   1 
ATOM   693  C  CA  . ASN A 1 90  ? -3.580  -12.753 4.686   1.00 10.27 ? 94  ASN A CA  1 
ATOM   694  C  C   . ASN A 1 90  ? -2.861  -11.820 5.641   1.00 10.06 ? 94  ASN A C   1 
ATOM   695  O  O   . ASN A 1 90  ? -1.883  -12.209 6.301   1.00 8.53  ? 94  ASN A O   1 
ATOM   696  C  CB  . ASN A 1 90  ? -2.591  -13.792 4.140   1.00 11.12 ? 94  ASN A CB  1 
ATOM   697  C  CG  . ASN A 1 90  ? -1.582  -13.256 3.132   1.00 12.14 ? 94  ASN A CG  1 
ATOM   698  O  OD1 . ASN A 1 90  ? -1.350  -12.049 3.020   1.00 12.80 ? 94  ASN A OD1 1 
ATOM   699  N  ND2 . ASN A 1 90  ? -1.023  -14.131 2.308   1.00 11.37 ? 94  ASN A ND2 1 
ATOM   700  N  N   . PHE A 1 91  ? -3.322  -10.572 5.758   1.00 8.90  ? 95  PHE A N   1 
ATOM   701  C  CA  . PHE A 1 91  ? -2.613  -9.631  6.607   1.00 10.24 ? 95  PHE A CA  1 
ATOM   702  C  C   . PHE A 1 91  ? -2.980  -9.941  8.053   1.00 10.98 ? 95  PHE A C   1 
ATOM   703  O  O   . PHE A 1 91  ? -4.057  -10.398 8.433   1.00 15.34 ? 95  PHE A O   1 
ATOM   704  C  CB  . PHE A 1 91  ? -3.013  -8.200  6.236   1.00 7.74  ? 95  PHE A CB  1 
ATOM   705  C  CG  . PHE A 1 91  ? -2.915  -8.008  4.718   1.00 10.67 ? 95  PHE A CG  1 
ATOM   706  C  CD1 . PHE A 1 91  ? -1.663  -7.934  4.092   1.00 7.87  ? 95  PHE A CD1 1 
ATOM   707  C  CD2 . PHE A 1 91  ? -4.084  -7.985  3.944   1.00 8.54  ? 95  PHE A CD2 1 
ATOM   708  C  CE1 . PHE A 1 91  ? -1.603  -7.853  2.702   1.00 7.98  ? 95  PHE A CE1 1 
ATOM   709  C  CE2 . PHE A 1 91  ? -4.021  -7.905  2.546   1.00 7.27  ? 95  PHE A CE2 1 
ATOM   710  C  CZ  . PHE A 1 91  ? -2.782  -7.838  1.923   1.00 8.91  ? 95  PHE A CZ  1 
ATOM   711  N  N   . THR A 1 92  ? -1.957  -9.791  8.847   1.00 12.65 ? 96  THR A N   1 
ATOM   712  C  CA  . THR A 1 92  ? -1.934  -9.859  10.317  1.00 10.11 ? 96  THR A CA  1 
ATOM   713  C  C   . THR A 1 92  ? -2.793  -8.826  11.072  1.00 12.80 ? 96  THR A C   1 
ATOM   714  O  O   . THR A 1 92  ? -2.847  -7.689  10.584  1.00 8.81  ? 96  THR A O   1 
ATOM   715  C  CB  . THR A 1 92  ? -0.424  -9.791  10.443  1.00 9.60  ? 96  THR A CB  1 
ATOM   716  O  OG1 . THR A 1 92  ? -0.008  -11.151 10.532  1.00 17.91 ? 96  THR A OG1 1 
ATOM   717  C  CG2 . THR A 1 92  ? 0.011   -8.769  11.390  1.00 17.00 ? 96  THR A CG2 1 
ATOM   718  N  N   . PRO A 1 93  ? -3.429  -9.086  12.251  1.00 15.00 ? 97  PRO A N   1 
ATOM   719  C  CA  . PRO A 1 93  ? -4.096  -8.086  13.101  1.00 12.91 ? 97  PRO A CA  1 
ATOM   720  C  C   . PRO A 1 93  ? -3.274  -6.828  13.352  1.00 13.81 ? 97  PRO A C   1 
ATOM   721  O  O   . PRO A 1 93  ? -3.767  -5.691  13.214  1.00 17.68 ? 97  PRO A O   1 
ATOM   722  C  CB  . PRO A 1 93  ? -4.416  -8.804  14.392  1.00 11.99 ? 97  PRO A CB  1 
ATOM   723  C  CG  . PRO A 1 93  ? -4.664  -10.201 13.902  1.00 11.45 ? 97  PRO A CG  1 
ATOM   724  C  CD  . PRO A 1 93  ? -3.577  -10.414 12.859  1.00 14.00 ? 97  PRO A CD  1 
ATOM   725  N  N   . ALA A 1 94  ? -1.979  -7.039  13.601  1.00 8.94  ? 98  ALA A N   1 
ATOM   726  C  CA  . ALA A 1 94  ? -1.076  -5.956  13.884  1.00 12.23 ? 98  ALA A CA  1 
ATOM   727  C  C   . ALA A 1 94  ? -0.800  -5.049  12.685  1.00 12.73 ? 98  ALA A C   1 
ATOM   728  O  O   . ALA A 1 94  ? -0.650  -3.819  12.829  1.00 16.33 ? 98  ALA A O   1 
ATOM   729  C  CB  . ALA A 1 94  ? 0.234   -6.530  14.397  1.00 12.37 ? 98  ALA A CB  1 
ATOM   730  N  N   . GLN A 1 95  ? -0.782  -5.602  11.465  1.00 13.06 ? 99  GLN A N   1 
ATOM   731  C  CA  . GLN A 1 95  ? -0.629  -4.773  10.265  1.00 10.48 ? 99  GLN A CA  1 
ATOM   732  C  C   . GLN A 1 95  ? -1.870  -3.945  10.108  1.00 8.75  ? 99  GLN A C   1 
ATOM   733  O  O   . GLN A 1 95  ? -1.723  -2.764  9.828   1.00 12.57 ? 99  GLN A O   1 
ATOM   734  C  CB  . GLN A 1 95  ? -0.529  -5.537  8.923   1.00 11.64 ? 99  GLN A CB  1 
ATOM   735  C  CG  . GLN A 1 95  ? 0.846   -6.001  8.615   1.00 10.64 ? 99  GLN A CG  1 
ATOM   736  C  CD  . GLN A 1 95  ? 0.919   -6.957  7.445   1.00 16.54 ? 99  GLN A CD  1 
ATOM   737  O  OE1 . GLN A 1 95  ? 1.645   -6.733  6.487   1.00 12.30 ? 99  GLN A OE1 1 
ATOM   738  N  NE2 . GLN A 1 95  ? 0.163   -8.048  7.465   1.00 8.17  ? 99  GLN A NE2 1 
ATOM   739  N  N   . MET A 1 96  ? -3.072  -4.500  10.309  1.00 6.05  ? 100 MET A N   1 
ATOM   740  C  CA  . MET A 1 96  ? -4.271  -3.729  10.048  1.00 5.97  ? 100 MET A CA  1 
ATOM   741  C  C   . MET A 1 96  ? -4.483  -2.595  11.056  1.00 12.40 ? 100 MET A C   1 
ATOM   742  O  O   . MET A 1 96  ? -4.986  -1.507  10.733  1.00 12.64 ? 100 MET A O   1 
ATOM   743  C  CB  . MET A 1 96  ? -5.429  -4.705  10.035  1.00 7.03  ? 100 MET A CB  1 
ATOM   744  C  CG  . MET A 1 96  ? -5.318  -5.825  8.967   1.00 14.06 ? 100 MET A CG  1 
ATOM   745  S  SD  . MET A 1 96  ? -4.742  -5.350  7.296   1.00 13.28 ? 100 MET A SD  1 
ATOM   746  C  CE  . MET A 1 96  ? -6.058  -4.329  6.685   1.00 10.02 ? 100 MET A CE  1 
ATOM   747  N  N   . GLN A 1 97  ? -4.039  -2.834  12.309  1.00 12.03 ? 101 GLN A N   1 
ATOM   748  C  CA  . GLN A 1 97  ? -4.059  -1.843  13.364  1.00 10.08 ? 101 GLN A CA  1 
ATOM   749  C  C   . GLN A 1 97  ? -3.134  -0.718  13.028  1.00 8.47  ? 101 GLN A C   1 
ATOM   750  O  O   . GLN A 1 97  ? -3.553  0.442   13.196  1.00 5.63  ? 101 GLN A O   1 
ATOM   751  C  CB  . GLN A 1 97  ? -3.588  -2.370  14.714  1.00 15.41 ? 101 GLN A CB  1 
ATOM   752  C  CG  . GLN A 1 97  ? -4.541  -3.409  15.288  1.00 22.07 ? 101 GLN A CG  1 
ATOM   753  C  CD  . GLN A 1 97  ? -4.495  -3.568  16.810  1.00 21.85 ? 101 GLN A CD  1 
ATOM   754  O  OE1 . GLN A 1 97  ? -3.589  -3.123  17.530  1.00 15.49 ? 101 GLN A OE1 1 
ATOM   755  N  NE2 . GLN A 1 97  ? -5.546  -4.205  17.307  1.00 18.80 ? 101 GLN A NE2 1 
ATOM   756  N  N   . SER A 1 98  ? -1.888  -1.007  12.589  1.00 6.05  ? 102 SER A N   1 
ATOM   757  C  CA  . SER A 1 98  ? -1.018  0.121   12.226  1.00 5.86  ? 102 SER A CA  1 
ATOM   758  C  C   . SER A 1 98  ? -1.555  0.888   11.021  1.00 5.90  ? 102 SER A C   1 
ATOM   759  O  O   . SER A 1 98  ? -1.429  2.121   10.948  1.00 3.03  ? 102 SER A O   1 
ATOM   760  C  CB  . SER A 1 98  ? 0.360   -0.332  11.878  1.00 5.03  ? 102 SER A CB  1 
ATOM   761  O  OG  . SER A 1 98  ? 0.946   -0.710  13.089  1.00 13.59 ? 102 SER A OG  1 
ATOM   762  N  N   . LEU A 1 99  ? -2.180  0.146   10.082  1.00 4.95  ? 103 LEU A N   1 
ATOM   763  C  CA  . LEU A 1 99  ? -2.644  0.777   8.866   1.00 10.63 ? 103 LEU A CA  1 
ATOM   764  C  C   . LEU A 1 99  ? -3.702  1.816   9.217   1.00 11.17 ? 103 LEU A C   1 
ATOM   765  O  O   . LEU A 1 99  ? -3.615  2.981   8.768   1.00 13.17 ? 103 LEU A O   1 
ATOM   766  C  CB  . LEU A 1 99  ? -3.208  -0.320  7.848   1.00 10.49 ? 103 LEU A CB  1 
ATOM   767  C  CG  . LEU A 1 99  ? -3.860  0.204   6.511   1.00 10.03 ? 103 LEU A CG  1 
ATOM   768  C  CD1 . LEU A 1 99  ? -2.798  0.965   5.739   1.00 12.55 ? 103 LEU A CD1 1 
ATOM   769  C  CD2 . LEU A 1 99  ? -4.517  -0.931  5.716   1.00 8.94  ? 103 LEU A CD2 1 
ATOM   770  N  N   . ARG A 1 100 ? -4.684  1.415   10.047  1.00 12.24 ? 104 ARG A N   1 
ATOM   771  C  CA  . ARG A 1 100 ? -5.776  2.309   10.424  1.00 7.69  ? 104 ARG A CA  1 
ATOM   772  C  C   . ARG A 1 100 ? -5.235  3.556   11.122  1.00 3.86  ? 104 ARG A C   1 
ATOM   773  O  O   . ARG A 1 100 ? -5.740  4.618   10.781  1.00 2.00  ? 104 ARG A O   1 
ATOM   774  C  CB  . ARG A 1 100 ? -6.761  1.514   11.295  1.00 11.03 ? 104 ARG A CB  1 
ATOM   775  C  CG  . ARG A 1 100 ? -8.070  2.214   11.787  1.00 8.15  ? 104 ARG A CG  1 
ATOM   776  C  CD  . ARG A 1 100 ? -9.057  1.133   12.244  1.00 7.15  ? 104 ARG A CD  1 
ATOM   777  N  NE  . ARG A 1 100 ? -10.097 1.196   11.252  1.00 10.54 ? 104 ARG A NE  1 
ATOM   778  C  CZ  . ARG A 1 100 ? -10.663 0.152   10.710  1.00 5.53  ? 104 ARG A CZ  1 
ATOM   779  N  NH1 . ARG A 1 100 ? -10.380 -1.102  10.974  1.00 13.23 ? 104 ARG A NH1 1 
ATOM   780  N  NH2 . ARG A 1 100 ? -11.594 0.408   9.857   1.00 14.91 ? 104 ARG A NH2 1 
ATOM   781  N  N   . SER A 1 101 ? -4.237  3.622   12.003  1.00 5.25  ? 105 SER A N   1 
ATOM   782  C  CA  . SER A 1 101 ? -3.795  4.924   12.556  1.00 4.44  ? 105 SER A CA  1 
ATOM   783  C  C   . SER A 1 101 ? -3.017  5.730   11.522  1.00 6.97  ? 105 SER A C   1 
ATOM   784  O  O   . SER A 1 101 ? -3.074  6.979   11.511  1.00 8.27  ? 105 SER A O   1 
ATOM   785  C  CB  . SER A 1 101 ? -2.802  4.834   13.718  1.00 7.14  ? 105 SER A CB  1 
ATOM   786  O  OG  . SER A 1 101 ? -3.004  3.600   14.340  1.00 17.30 ? 105 SER A OG  1 
ATOM   787  N  N   . LEU A 1 102 ? -2.165  5.081   10.690  1.00 11.58 ? 106 LEU A N   1 
ATOM   788  C  CA  . LEU A 1 102 ? -1.394  5.801   9.642   1.00 9.72  ? 106 LEU A CA  1 
ATOM   789  C  C   . LEU A 1 102 ? -2.382  6.511   8.753   1.00 4.38  ? 106 LEU A C   1 
ATOM   790  O  O   . LEU A 1 102 ? -2.274  7.714   8.598   1.00 4.41  ? 106 LEU A O   1 
ATOM   791  C  CB  . LEU A 1 102 ? -0.570  4.851   8.768   1.00 10.85 ? 106 LEU A CB  1 
ATOM   792  C  CG  . LEU A 1 102 ? 0.327   5.452   7.669   1.00 11.94 ? 106 LEU A CG  1 
ATOM   793  C  CD1 . LEU A 1 102 ? 1.267   6.511   8.226   1.00 7.59  ? 106 LEU A CD1 1 
ATOM   794  C  CD2 . LEU A 1 102 ? 1.128   4.313   7.053   1.00 9.89  ? 106 LEU A CD2 1 
ATOM   795  N  N   . LEU A 1 103 ? -3.433  5.836   8.310   1.00 3.04  ? 107 LEU A N   1 
ATOM   796  C  CA  . LEU A 1 103 ? -4.426  6.451   7.423   1.00 6.69  ? 107 LEU A CA  1 
ATOM   797  C  C   . LEU A 1 103 ? -5.196  7.558   8.121   1.00 9.81  ? 107 LEU A C   1 
ATOM   798  O  O   . LEU A 1 103 ? -5.327  8.604   7.510   1.00 14.83 ? 107 LEU A O   1 
ATOM   799  C  CB  . LEU A 1 103 ? -5.416  5.370   6.891   1.00 5.98  ? 107 LEU A CB  1 
ATOM   800  C  CG  . LEU A 1 103 ? -4.928  4.247   5.915   1.00 7.12  ? 107 LEU A CG  1 
ATOM   801  C  CD1 . LEU A 1 103 ? -6.130  3.516   5.452   1.00 2.00  ? 107 LEU A CD1 1 
ATOM   802  C  CD2 . LEU A 1 103 ? -4.174  4.778   4.692   1.00 4.75  ? 107 LEU A CD2 1 
ATOM   803  N  N   . VAL A 1 104 ? -5.734  7.439   9.348   1.00 9.06  ? 108 VAL A N   1 
ATOM   804  C  CA  . VAL A 1 104 ? -6.377  8.537   10.045  1.00 8.96  ? 108 VAL A CA  1 
ATOM   805  C  C   . VAL A 1 104 ? -5.380  9.681   10.087  1.00 8.76  ? 108 VAL A C   1 
ATOM   806  O  O   . VAL A 1 104 ? -5.744  10.783  9.708   1.00 12.24 ? 108 VAL A O   1 
ATOM   807  C  CB  . VAL A 1 104 ? -6.811  8.099   11.502  1.00 9.25  ? 108 VAL A CB  1 
ATOM   808  C  CG1 . VAL A 1 104 ? -7.512  9.233   12.225  1.00 5.64  ? 108 VAL A CG1 1 
ATOM   809  C  CG2 . VAL A 1 104 ? -7.853  7.038   11.427  1.00 2.00  ? 108 VAL A CG2 1 
ATOM   810  N  N   . THR A 1 105 ? -4.103  9.472   10.375  1.00 10.77 ? 109 THR A N   1 
ATOM   811  C  CA  . THR A 1 105 ? -3.112  10.548  10.376  1.00 13.36 ? 109 THR A CA  1 
ATOM   812  C  C   . THR A 1 105 ? -2.933  11.212  9.009   1.00 15.22 ? 109 THR A C   1 
ATOM   813  O  O   . THR A 1 105 ? -2.811  12.444  8.888   1.00 20.28 ? 109 THR A O   1 
ATOM   814  C  CB  . THR A 1 105 ? -1.768  9.976   10.829  1.00 14.03 ? 109 THR A CB  1 
ATOM   815  O  OG1 . THR A 1 105 ? -2.013  9.505   12.146  1.00 17.95 ? 109 THR A OG1 1 
ATOM   816  C  CG2 . THR A 1 105 ? -0.597  10.958  10.735  1.00 18.05 ? 109 THR A CG2 1 
ATOM   817  N  N   . LEU A 1 106 ? -2.924  10.399  7.956   1.00 13.94 ? 110 LEU A N   1 
ATOM   818  C  CA  . LEU A 1 106 ? -2.695  10.880  6.612   1.00 11.60 ? 110 LEU A CA  1 
ATOM   819  C  C   . LEU A 1 106 ? -3.897  11.610  6.100   1.00 11.08 ? 110 LEU A C   1 
ATOM   820  O  O   . LEU A 1 106 ? -3.764  12.697  5.562   1.00 15.32 ? 110 LEU A O   1 
ATOM   821  C  CB  . LEU A 1 106 ? -2.363  9.704   5.738   1.00 7.88  ? 110 LEU A CB  1 
ATOM   822  C  CG  . LEU A 1 106 ? -0.907  9.401   5.392   1.00 7.66  ? 110 LEU A CG  1 
ATOM   823  C  CD1 . LEU A 1 106 ? -0.003  9.442   6.567   1.00 11.84 ? 110 LEU A CD1 1 
ATOM   824  C  CD2 . LEU A 1 106 ? -0.856  7.970   4.804   1.00 9.13  ? 110 LEU A CD2 1 
ATOM   825  N  N   . LEU A 1 107 ? -5.104  11.132  6.318   1.00 12.61 ? 111 LEU A N   1 
ATOM   826  C  CA  . LEU A 1 107 ? -6.293  11.792  5.817   1.00 15.60 ? 111 LEU A CA  1 
ATOM   827  C  C   . LEU A 1 107 ? -6.503  13.129  6.488   1.00 18.99 ? 111 LEU A C   1 
ATOM   828  O  O   . LEU A 1 107 ? -7.264  13.987  6.027   1.00 22.21 ? 111 LEU A O   1 
ATOM   829  C  CB  . LEU A 1 107 ? -7.518  10.963  6.080   1.00 13.07 ? 111 LEU A CB  1 
ATOM   830  C  CG  . LEU A 1 107 ? -7.621  9.688   5.329   1.00 15.27 ? 111 LEU A CG  1 
ATOM   831  C  CD1 . LEU A 1 107 ? -8.817  8.882   5.803   1.00 16.04 ? 111 LEU A CD1 1 
ATOM   832  C  CD2 . LEU A 1 107 ? -7.712  10.045  3.839   1.00 15.53 ? 111 LEU A CD2 1 
ATOM   833  N  N   . ALA A 1 108 ? -5.846  13.287  7.620   1.00 21.40 ? 112 ALA A N   1 
ATOM   834  C  CA  . ALA A 1 108 ? -6.048  14.484  8.399   1.00 24.13 ? 112 ALA A CA  1 
ATOM   835  C  C   . ALA A 1 108 ? -5.079  15.527  7.944   1.00 22.34 ? 112 ALA A C   1 
ATOM   836  O  O   . ALA A 1 108 ? -5.439  16.714  7.935   1.00 26.36 ? 112 ALA A O   1 
ATOM   837  C  CB  . ALA A 1 108 ? -5.819  14.232  9.910   1.00 25.03 ? 112 ALA A CB  1 
ATOM   838  N  N   . LYS A 1 109 ? -3.868  15.096  7.582   1.00 19.86 ? 113 LYS A N   1 
ATOM   839  C  CA  . LYS A 1 109 ? -2.901  16.062  7.177   1.00 19.68 ? 113 LYS A CA  1 
ATOM   840  C  C   . LYS A 1 109 ? -2.901  16.425  5.720   1.00 22.87 ? 113 LYS A C   1 
ATOM   841  O  O   . LYS A 1 109 ? -2.173  17.347  5.354   1.00 29.39 ? 113 LYS A O   1 
ATOM   842  C  CB  . LYS A 1 109 ? -1.515  15.621  7.546   1.00 19.26 ? 113 LYS A CB  1 
ATOM   843  C  CG  . LYS A 1 109 ? -0.774  14.557  6.795   1.00 22.95 ? 113 LYS A CG  1 
ATOM   844  C  CD  . LYS A 1 109 ? 0.686   14.587  7.242   1.00 20.33 ? 113 LYS A CD  1 
ATOM   845  C  CE  . LYS A 1 109 ? 1.261   15.967  6.967   1.00 21.55 ? 113 LYS A CE  1 
ATOM   846  N  NZ  . LYS A 1 109 ? 2.713   15.906  6.981   1.00 27.37 ? 113 LYS A NZ  1 
ATOM   847  N  N   . TYR A 1 110 ? -3.708  15.805  4.871   1.00 22.24 ? 114 TYR A N   1 
ATOM   848  C  CA  . TYR A 1 110 ? -3.706  16.075  3.445   1.00 20.51 ? 114 TYR A CA  1 
ATOM   849  C  C   . TYR A 1 110 ? -5.123  16.338  3.119   1.00 22.11 ? 114 TYR A C   1 
ATOM   850  O  O   . TYR A 1 110 ? -5.888  15.535  2.623   1.00 21.55 ? 114 TYR A O   1 
ATOM   851  C  CB  . TYR A 1 110 ? -3.202  14.878  2.606   1.00 17.14 ? 114 TYR A CB  1 
ATOM   852  C  CG  . TYR A 1 110 ? -1.686  14.834  2.698   1.00 15.04 ? 114 TYR A CG  1 
ATOM   853  C  CD1 . TYR A 1 110 ? -0.950  15.928  2.270   1.00 14.58 ? 114 TYR A CD1 1 
ATOM   854  C  CD2 . TYR A 1 110 ? -1.058  13.752  3.261   1.00 9.05  ? 114 TYR A CD2 1 
ATOM   855  C  CE1 . TYR A 1 110 ? 0.411   15.956  2.435   1.00 10.93 ? 114 TYR A CE1 1 
ATOM   856  C  CE2 . TYR A 1 110 ? 0.299   13.792  3.424   1.00 12.08 ? 114 TYR A CE2 1 
ATOM   857  C  CZ  . TYR A 1 110 ? 1.014   14.882  3.022   1.00 9.39  ? 114 TYR A CZ  1 
ATOM   858  O  OH  . TYR A 1 110 ? 2.380   14.907  3.213   1.00 16.18 ? 114 TYR A OH  1 
ATOM   859  N  N   . GLU A 1 111 ? -5.439  17.507  3.619   1.00 29.70 ? 115 GLU A N   1 
ATOM   860  C  CA  . GLU A 1 111 ? -6.720  18.166  3.462   1.00 36.25 ? 115 GLU A CA  1 
ATOM   861  C  C   . GLU A 1 111 ? -7.439  17.769  2.189   1.00 34.15 ? 115 GLU A C   1 
ATOM   862  O  O   . GLU A 1 111 ? -6.873  17.933  1.123   1.00 37.85 ? 115 GLU A O   1 
ATOM   863  C  CB  . GLU A 1 111 ? -6.435  19.668  3.508   1.00 45.09 ? 115 GLU A CB  1 
ATOM   864  C  CG  . GLU A 1 111 ? -5.352  20.057  2.479   1.00 53.56 ? 115 GLU A CG  1 
ATOM   865  C  CD  . GLU A 1 111 ? -4.816  21.468  2.565   1.00 60.75 ? 115 GLU A CD  1 
ATOM   866  O  OE1 . GLU A 1 111 ? -5.528  22.412  2.167   1.00 60.51 ? 115 GLU A OE1 1 
ATOM   867  O  OE2 . GLU A 1 111 ? -3.669  21.580  3.022   1.00 64.00 ? 115 GLU A OE2 1 
ATOM   868  N  N   . GLY A 1 112 ? -8.588  17.135  2.228   1.00 33.50 ? 116 GLY A N   1 
ATOM   869  C  CA  . GLY A 1 112 ? -9.280  16.857  0.995   1.00 32.84 ? 116 GLY A CA  1 
ATOM   870  C  C   . GLY A 1 112 ? -8.865  15.559  0.308   1.00 35.30 ? 116 GLY A C   1 
ATOM   871  O  O   . GLY A 1 112 ? -9.584  15.169  -0.628  1.00 39.00 ? 116 GLY A O   1 
ATOM   872  N  N   . ALA A 1 113 ? -7.798  14.843  0.713   1.00 28.71 ? 117 ALA A N   1 
ATOM   873  C  CA  . ALA A 1 113 ? -7.400  13.593  0.070   1.00 22.31 ? 117 ALA A CA  1 
ATOM   874  C  C   . ALA A 1 113 ? -8.415  12.507  0.266   1.00 18.65 ? 117 ALA A C   1 
ATOM   875  O  O   . ALA A 1 113 ? -9.110  12.488  1.269   1.00 18.68 ? 117 ALA A O   1 
ATOM   876  C  CB  . ALA A 1 113 ? -6.089  13.087  0.614   1.00 20.05 ? 117 ALA A CB  1 
ATOM   877  N  N   . VAL A 1 114 ? -8.557  11.604  -0.680  1.00 21.08 ? 118 VAL A N   1 
ATOM   878  C  CA  . VAL A 1 114 ? -9.544  10.532  -0.626  1.00 20.06 ? 118 VAL A CA  1 
ATOM   879  C  C   . VAL A 1 114 ? -8.772  9.240   -0.409  1.00 18.49 ? 118 VAL A C   1 
ATOM   880  O  O   . VAL A 1 114 ? -7.601  9.135   -0.790  1.00 20.51 ? 118 VAL A O   1 
ATOM   881  C  CB  . VAL A 1 114 ? -10.333 10.555  -1.965  1.00 21.63 ? 118 VAL A CB  1 
ATOM   882  C  CG1 . VAL A 1 114 ? -9.435  10.306  -3.175  1.00 21.85 ? 118 VAL A CG1 1 
ATOM   883  C  CG2 . VAL A 1 114 ? -11.324 9.447   -1.974  1.00 23.68 ? 118 VAL A CG2 1 
ATOM   884  N  N   . LEU A 1 115 ? -9.354  8.261   0.254   1.00 18.25 ? 119 LEU A N   1 
ATOM   885  C  CA  . LEU A 1 115 ? -8.704  6.974   0.497   1.00 20.04 ? 119 LEU A CA  1 
ATOM   886  C  C   . LEU A 1 115 ? -9.111  5.953   -0.602  1.00 21.21 ? 119 LEU A C   1 
ATOM   887  O  O   . LEU A 1 115 ? -10.305 5.749   -0.893  1.00 18.84 ? 119 LEU A O   1 
ATOM   888  C  CB  . LEU A 1 115 ? -9.115  6.594   1.924   1.00 21.06 ? 119 LEU A CB  1 
ATOM   889  C  CG  . LEU A 1 115 ? -8.896  5.283   2.634   1.00 20.47 ? 119 LEU A CG  1 
ATOM   890  C  CD1 . LEU A 1 115 ? -10.131 4.464   2.444   1.00 19.95 ? 119 LEU A CD1 1 
ATOM   891  C  CD2 . LEU A 1 115 ? -7.638  4.604   2.143   1.00 15.64 ? 119 LEU A CD2 1 
ATOM   892  N  N   . ARG A 1 116 ? -8.120  5.314   -1.271  1.00 19.64 ? 120 ARG A N   1 
ATOM   893  C  CA  . ARG A 1 116 ? -8.390  4.422   -2.391  1.00 16.69 ? 120 ARG A CA  1 
ATOM   894  C  C   . ARG A 1 116 ? -7.518  3.177   -2.349  1.00 14.19 ? 120 ARG A C   1 
ATOM   895  O  O   . ARG A 1 116 ? -6.404  3.131   -1.857  1.00 13.69 ? 120 ARG A O   1 
ATOM   896  C  CB  . ARG A 1 116 ? -8.128  5.089   -3.726  1.00 24.55 ? 120 ARG A CB  1 
ATOM   897  C  CG  . ARG A 1 116 ? -8.243  6.612   -3.796  1.00 30.79 ? 120 ARG A CG  1 
ATOM   898  C  CD  . ARG A 1 116 ? -8.791  7.061   -5.111  1.00 34.72 ? 120 ARG A CD  1 
ATOM   899  N  NE  . ARG A 1 116 ? -10.081 6.444   -5.331  1.00 40.18 ? 120 ARG A NE  1 
ATOM   900  C  CZ  . ARG A 1 116 ? -10.596 6.419   -6.565  1.00 46.77 ? 120 ARG A CZ  1 
ATOM   901  N  NH1 . ARG A 1 116 ? -9.946  6.954   -7.616  1.00 46.33 ? 120 ARG A NH1 1 
ATOM   902  N  NH2 . ARG A 1 116 ? -11.787 5.849   -6.749  1.00 46.74 ? 120 ARG A NH2 1 
ATOM   903  N  N   . ALA A 1 117 ? -8.088  2.170   -2.950  1.00 14.06 ? 121 ALA A N   1 
ATOM   904  C  CA  . ALA A 1 117 ? -7.608  0.805   -3.120  1.00 17.57 ? 121 ALA A CA  1 
ATOM   905  C  C   . ALA A 1 117 ? -7.126  0.816   -4.579  1.00 19.05 ? 121 ALA A C   1 
ATOM   906  O  O   . ALA A 1 117 ? -7.869  1.318   -5.440  1.00 17.81 ? 121 ALA A O   1 
ATOM   907  C  CB  . ALA A 1 117 ? -8.755  -0.217  -3.010  1.00 14.37 ? 121 ALA A CB  1 
ATOM   908  N  N   . HIS A 1 118 ? -5.918  0.290   -4.874  1.00 21.43 ? 122 HIS A N   1 
ATOM   909  C  CA  . HIS A 1 118 ? -5.440  0.258   -6.255  1.00 22.35 ? 122 HIS A CA  1 
ATOM   910  C  C   . HIS A 1 118 ? -6.475  -0.441  -7.146  1.00 21.03 ? 122 HIS A C   1 
ATOM   911  O  O   . HIS A 1 118 ? -6.791  0.154   -8.183  1.00 18.18 ? 122 HIS A O   1 
ATOM   912  C  CB  . HIS A 1 118 ? -4.064  -0.482  -6.389  1.00 25.37 ? 122 HIS A CB  1 
ATOM   913  C  CG  . HIS A 1 118 ? -3.327  -0.290  -7.732  1.00 28.68 ? 122 HIS A CG  1 
ATOM   914  N  ND1 . HIS A 1 118 ? -2.012  -0.439  -7.999  1.00 30.29 ? 122 HIS A ND1 1 
ATOM   915  C  CD2 . HIS A 1 118 ? -3.951  0.083   -8.916  1.00 29.85 ? 122 HIS A CD2 1 
ATOM   916  C  CE1 . HIS A 1 118 ? -1.889  -0.186  -9.306  1.00 33.53 ? 122 HIS A CE1 1 
ATOM   917  N  NE2 . HIS A 1 118 ? -3.041  0.129   -9.822  1.00 34.34 ? 122 HIS A NE2 1 
ATOM   918  N  N   . HIS A 1 119 ? -7.043  -1.606  -6.814  1.00 18.68 ? 123 HIS A N   1 
ATOM   919  C  CA  . HIS A 1 119 ? -8.019  -2.238  -7.691  1.00 21.98 ? 123 HIS A CA  1 
ATOM   920  C  C   . HIS A 1 119 ? -9.251  -1.441  -8.076  1.00 26.17 ? 123 HIS A C   1 
ATOM   921  O  O   . HIS A 1 119 ? -10.119 -1.940  -8.782  1.00 29.01 ? 123 HIS A O   1 
ATOM   922  C  CB  . HIS A 1 119 ? -8.522  -3.594  -7.119  1.00 20.57 ? 123 HIS A CB  1 
ATOM   923  C  CG  . HIS A 1 119 ? -9.070  -3.894  -5.713  1.00 21.75 ? 123 HIS A CG  1 
ATOM   924  N  ND1 . HIS A 1 119 ? -8.752  -4.982  -5.003  1.00 19.08 ? 123 HIS A ND1 1 
ATOM   925  C  CD2 . HIS A 1 119 ? -10.032 -3.215  -4.977  1.00 19.99 ? 123 HIS A CD2 1 
ATOM   926  C  CE1 . HIS A 1 119 ? -9.472  -4.994  -3.914  1.00 17.11 ? 123 HIS A CE1 1 
ATOM   927  N  NE2 . HIS A 1 119 ? -10.234 -3.935  -3.906  1.00 14.61 ? 123 HIS A NE2 1 
ATOM   928  N  N   . GLU A 1 120 ? -9.449  -0.214  -7.611  1.00 30.84 ? 124 GLU A N   1 
ATOM   929  C  CA  . GLU A 1 120 ? -10.604 0.572   -8.025  1.00 35.38 ? 124 GLU A CA  1 
ATOM   930  C  C   . GLU A 1 120 ? -10.329 1.214   -9.374  1.00 35.10 ? 124 GLU A C   1 
ATOM   931  O  O   . GLU A 1 120 ? -11.220 1.467   -10.158 1.00 37.39 ? 124 GLU A O   1 
ATOM   932  C  CB  . GLU A 1 120 ? -10.904 1.722   -7.053  1.00 39.13 ? 124 GLU A CB  1 
ATOM   933  C  CG  . GLU A 1 120 ? -11.397 1.403   -5.638  1.00 43.02 ? 124 GLU A CG  1 
ATOM   934  C  CD  . GLU A 1 120 ? -11.439 2.653   -4.743  1.00 45.96 ? 124 GLU A CD  1 
ATOM   935  O  OE1 . GLU A 1 120 ? -12.090 3.656   -5.079  1.00 47.29 ? 124 GLU A OE1 1 
ATOM   936  O  OE2 . GLU A 1 120 ? -10.818 2.634   -3.692  1.00 43.22 ? 124 GLU A OE2 1 
ATOM   937  N  N   . VAL A 1 121 ? -9.073  1.544   -9.596  1.00 35.66 ? 125 VAL A N   1 
ATOM   938  C  CA  . VAL A 1 121 ? -8.586  2.322   -10.709 1.00 33.87 ? 125 VAL A CA  1 
ATOM   939  C  C   . VAL A 1 121 ? -7.788  1.494   -11.754 1.00 36.40 ? 125 VAL A C   1 
ATOM   940  O  O   . VAL A 1 121 ? -7.577  1.953   -12.881 1.00 38.90 ? 125 VAL A O   1 
ATOM   941  C  CB  . VAL A 1 121 ? -7.829  3.423   -9.931  1.00 35.16 ? 125 VAL A CB  1 
ATOM   942  C  CG1 . VAL A 1 121 ? -6.399  3.562   -10.443 1.00 34.75 ? 125 VAL A CG1 1 
ATOM   943  C  CG2 . VAL A 1 121 ? -8.675  4.683   -9.941  1.00 31.00 ? 125 VAL A CG2 1 
ATOM   944  N  N   . ALA A 1 122 ? -7.292  0.291   -11.474 1.00 32.42 ? 126 ALA A N   1 
ATOM   945  C  CA  . ALA A 1 122 ? -6.550  -0.493  -12.441 1.00 29.48 ? 126 ALA A CA  1 
ATOM   946  C  C   . ALA A 1 122 ? -7.100  -1.907  -12.497 1.00 28.75 ? 126 ALA A C   1 
ATOM   947  O  O   . ALA A 1 122 ? -7.781  -2.324  -11.556 1.00 26.86 ? 126 ALA A O   1 
ATOM   948  C  CB  . ALA A 1 122 ? -5.107  -0.569  -12.051 1.00 26.13 ? 126 ALA A CB  1 
ATOM   949  N  N   . PRO A 1 123 ? -6.885  -2.719  -13.534 1.00 29.11 ? 127 PRO A N   1 
ATOM   950  C  CA  . PRO A 1 123 ? -7.432  -4.065  -13.594 1.00 29.24 ? 127 PRO A CA  1 
ATOM   951  C  C   . PRO A 1 123 ? -6.654  -5.013  -12.694 1.00 30.25 ? 127 PRO A C   1 
ATOM   952  O  O   . PRO A 1 123 ? -6.188  -6.035  -13.181 1.00 33.27 ? 127 PRO A O   1 
ATOM   953  C  CB  . PRO A 1 123 ? -7.366  -4.380  -15.072 1.00 28.29 ? 127 PRO A CB  1 
ATOM   954  C  CG  . PRO A 1 123 ? -6.089  -3.686  -15.494 1.00 32.16 ? 127 PRO A CG  1 
ATOM   955  C  CD  . PRO A 1 123 ? -6.201  -2.351  -14.770 1.00 29.55 ? 127 PRO A CD  1 
ATOM   956  N  N   . LYS A 1 124 ? -6.483  -4.782  -11.385 1.00 30.39 ? 128 LYS A N   1 
ATOM   957  C  CA  . LYS A 1 124 ? -5.650  -5.655  -10.563 1.00 27.77 ? 128 LYS A CA  1 
ATOM   958  C  C   . LYS A 1 124 ? -6.403  -6.104  -9.335  1.00 26.83 ? 128 LYS A C   1 
ATOM   959  O  O   . LYS A 1 124 ? -7.354  -5.428  -8.951  1.00 27.30 ? 128 LYS A O   1 
ATOM   960  C  CB  . LYS A 1 124 ? -4.407  -4.956  -10.057 1.00 28.90 ? 128 LYS A CB  1 
ATOM   961  C  CG  . LYS A 1 124 ? -3.696  -4.179  -11.114 1.00 31.12 ? 128 LYS A CG  1 
ATOM   962  C  CD  . LYS A 1 124 ? -2.224  -4.298  -10.955 1.00 30.95 ? 128 LYS A CD  1 
ATOM   963  C  CE  . LYS A 1 124 ? -1.783  -3.632  -12.231 1.00 31.11 ? 128 LYS A CE  1 
ATOM   964  N  NZ  . LYS A 1 124 ? -0.353  -3.763  -12.377 1.00 35.02 ? 128 LYS A NZ  1 
ATOM   965  N  N   . ALA A 1 125 ? -6.003  -7.203  -8.673  1.00 24.29 ? 129 ALA A N   1 
ATOM   966  C  CA  . ALA A 1 125 ? -6.630  -7.592  -7.413  1.00 23.03 ? 129 ALA A CA  1 
ATOM   967  C  C   . ALA A 1 125 ? -6.021  -6.820  -6.252  1.00 20.83 ? 129 ALA A C   1 
ATOM   968  O  O   . ALA A 1 125 ? -6.661  -6.680  -5.213  1.00 21.32 ? 129 ALA A O   1 
ATOM   969  C  CB  . ALA A 1 125 ? -6.433  -9.031  -7.117  1.00 22.67 ? 129 ALA A CB  1 
ATOM   970  N  N   . CYS A 1 126 ? -4.826  -6.248  -6.402  1.00 18.74 ? 130 CYS A N   1 
ATOM   971  C  CA  . CYS A 1 126 ? -4.191  -5.443  -5.358  1.00 18.35 ? 130 CYS A CA  1 
ATOM   972  C  C   . CYS A 1 126 ? -5.089  -4.387  -4.711  1.00 17.83 ? 130 CYS A C   1 
ATOM   973  O  O   . CYS A 1 126 ? -5.564  -3.512  -5.447  1.00 19.73 ? 130 CYS A O   1 
ATOM   974  C  CB  . CYS A 1 126 ? -2.998  -4.779  -5.958  1.00 14.89 ? 130 CYS A CB  1 
ATOM   975  S  SG  . CYS A 1 126 ? -2.050  -3.553  -4.997  1.00 18.72 ? 130 CYS A SG  1 
ATOM   976  N  N   . PRO A 1 127 ? -5.312  -4.297  -3.392  1.00 17.60 ? 131 PRO A N   1 
ATOM   977  C  CA  . PRO A 1 127 ? -4.536  -4.919  -2.316  1.00 12.83 ? 131 PRO A CA  1 
ATOM   978  C  C   . PRO A 1 127 ? -4.865  -6.330  -1.842  1.00 14.40 ? 131 PRO A C   1 
ATOM   979  O  O   . PRO A 1 127 ? -4.243  -6.752  -0.860  1.00 16.68 ? 131 PRO A O   1 
ATOM   980  C  CB  . PRO A 1 127 ? -4.665  -3.948  -1.209  1.00 12.37 ? 131 PRO A CB  1 
ATOM   981  C  CG  . PRO A 1 127 ? -5.512  -2.808  -1.727  1.00 12.97 ? 131 PRO A CG  1 
ATOM   982  C  CD  . PRO A 1 127 ? -6.314  -3.407  -2.804  1.00 15.32 ? 131 PRO A CD  1 
ATOM   983  N  N   . SER A 1 128 ? -5.826  -7.011  -2.506  1.00 12.10 ? 132 SER A N   1 
ATOM   984  C  CA  . SER A 1 128 ? -6.394  -8.337  -2.182  1.00 11.95 ? 132 SER A CA  1 
ATOM   985  C  C   . SER A 1 128 ? -7.491  -8.374  -1.099  1.00 12.35 ? 132 SER A C   1 
ATOM   986  O  O   . SER A 1 128 ? -7.949  -9.435  -0.634  1.00 13.66 ? 132 SER A O   1 
ATOM   987  C  CB  . SER A 1 128 ? -5.276  -9.298  -1.796  1.00 10.59 ? 132 SER A CB  1 
ATOM   988  O  OG  . SER A 1 128 ? -4.323  -9.183  -2.853  1.00 21.57 ? 132 SER A OG  1 
ATOM   989  N  N   . PHE A 1 129 ? -8.047  -7.208  -0.749  1.00 11.73 ? 133 PHE A N   1 
ATOM   990  C  CA  . PHE A 1 129 ? -9.135  -7.170  0.185   1.00 11.49 ? 133 PHE A CA  1 
ATOM   991  C  C   . PHE A 1 129 ? -9.989  -6.003  -0.207  1.00 10.33 ? 133 PHE A C   1 
ATOM   992  O  O   . PHE A 1 129 ? -9.595  -5.155  -1.028  1.00 4.88  ? 133 PHE A O   1 
ATOM   993  C  CB  . PHE A 1 129 ? -8.616  -7.034  1.658   1.00 13.35 ? 133 PHE A CB  1 
ATOM   994  C  CG  . PHE A 1 129 ? -8.030  -5.708  2.130   1.00 13.37 ? 133 PHE A CG  1 
ATOM   995  C  CD1 . PHE A 1 129 ? -6.716  -5.402  1.865   1.00 11.17 ? 133 PHE A CD1 1 
ATOM   996  C  CD2 . PHE A 1 129 ? -8.814  -4.824  2.859   1.00 15.99 ? 133 PHE A CD2 1 
ATOM   997  C  CE1 . PHE A 1 129 ? -6.204  -4.217  2.337   1.00 8.40  ? 133 PHE A CE1 1 
ATOM   998  C  CE2 . PHE A 1 129 ? -8.288  -3.641  3.323   1.00 8.76  ? 133 PHE A CE2 1 
ATOM   999  C  CZ  . PHE A 1 129 ? -6.977  -3.339  3.058   1.00 7.51  ? 133 PHE A CZ  1 
ATOM   1000 N  N   . ASP A 1 130 ? -11.186 -6.048  0.368   1.00 10.46 ? 134 ASP A N   1 
ATOM   1001 C  CA  . ASP A 1 130 ? -12.184 -5.027  0.131   1.00 11.90 ? 134 ASP A CA  1 
ATOM   1002 C  C   . ASP A 1 130 ? -11.894 -3.900  1.109   1.00 13.91 ? 134 ASP A C   1 
ATOM   1003 O  O   . ASP A 1 130 ? -12.227 -4.069  2.275   1.00 14.42 ? 134 ASP A O   1 
ATOM   1004 C  CB  . ASP A 1 130 ? -13.543 -5.673  0.375   1.00 16.93 ? 134 ASP A CB  1 
ATOM   1005 C  CG  . ASP A 1 130 ? -14.795 -4.814  0.221   1.00 19.87 ? 134 ASP A CG  1 
ATOM   1006 O  OD1 . ASP A 1 130 ? -14.795 -3.609  0.507   1.00 19.07 ? 134 ASP A OD1 1 
ATOM   1007 O  OD2 . ASP A 1 130 ? -15.791 -5.402  -0.184  1.00 24.13 ? 134 ASP A OD2 1 
ATOM   1008 N  N   . LEU A 1 131 ? -11.338 -2.767  0.680   1.00 12.79 ? 135 LEU A N   1 
ATOM   1009 C  CA  . LEU A 1 131 ? -10.976 -1.640  1.490   1.00 14.43 ? 135 LEU A CA  1 
ATOM   1010 C  C   . LEU A 1 131 ? -12.174 -1.013  2.185   1.00 19.65 ? 135 LEU A C   1 
ATOM   1011 O  O   . LEU A 1 131 ? -12.103 -0.750  3.383   1.00 18.91 ? 135 LEU A O   1 
ATOM   1012 C  CB  . LEU A 1 131 ? -10.360 -0.525  0.678   1.00 10.11 ? 135 LEU A CB  1 
ATOM   1013 C  CG  . LEU A 1 131 ? -9.039  0.105   1.044   1.00 8.44  ? 135 LEU A CG  1 
ATOM   1014 C  CD1 . LEU A 1 131 ? -8.961  1.423   0.319   1.00 12.00 ? 135 LEU A CD1 1 
ATOM   1015 C  CD2 . LEU A 1 131 ? -8.905  0.291   2.549   1.00 10.11 ? 135 LEU A CD2 1 
ATOM   1016 N  N   . LYS A 1 132 ? -13.279 -0.726  1.500   1.00 22.44 ? 136 LYS A N   1 
ATOM   1017 C  CA  . LYS A 1 132 ? -14.438 -0.128  2.126   1.00 25.61 ? 136 LYS A CA  1 
ATOM   1018 C  C   . LYS A 1 132 ? -14.953 -0.957  3.317   1.00 25.62 ? 136 LYS A C   1 
ATOM   1019 O  O   . LYS A 1 132 ? -15.117 -0.424  4.418   1.00 28.55 ? 136 LYS A O   1 
ATOM   1020 C  CB  . LYS A 1 132 ? -15.530 0.010   1.097   1.00 28.00 ? 136 LYS A CB  1 
ATOM   1021 C  CG  . LYS A 1 132 ? -16.495 1.067   1.548   1.00 35.20 ? 136 LYS A CG  1 
ATOM   1022 C  CD  . LYS A 1 132 ? -17.941 0.741   1.193   1.00 41.79 ? 136 LYS A CD  1 
ATOM   1023 C  CE  . LYS A 1 132 ? -18.737 1.978   1.574   1.00 42.35 ? 136 LYS A CE  1 
ATOM   1024 N  NZ  . LYS A 1 132 ? -20.163 1.788   1.429   1.00 47.56 ? 136 LYS A NZ  1 
ATOM   1025 N  N   . ARG A 1 133 ? -15.113 -2.270  3.184   1.00 23.79 ? 137 ARG A N   1 
ATOM   1026 C  CA  . ARG A 1 133 ? -15.666 -3.111  4.226   1.00 21.50 ? 137 ARG A CA  1 
ATOM   1027 C  C   . ARG A 1 133 ? -14.752 -3.198  5.455   1.00 22.25 ? 137 ARG A C   1 
ATOM   1028 O  O   . ARG A 1 133 ? -15.234 -3.252  6.602   1.00 24.03 ? 137 ARG A O   1 
ATOM   1029 C  CB  . ARG A 1 133 ? -15.914 -4.482  3.634   1.00 20.16 ? 137 ARG A CB  1 
ATOM   1030 C  CG  . ARG A 1 133 ? -16.642 -5.386  4.590   1.00 24.06 ? 137 ARG A CG  1 
ATOM   1031 C  CD  . ARG A 1 133 ? -16.979 -6.649  3.881   1.00 27.97 ? 137 ARG A CD  1 
ATOM   1032 N  NE  . ARG A 1 133 ? -17.535 -7.630  4.794   1.00 36.68 ? 137 ARG A NE  1 
ATOM   1033 C  CZ  . ARG A 1 133 ? -17.825 -8.869  4.344   1.00 45.51 ? 137 ARG A CZ  1 
ATOM   1034 N  NH1 . ARG A 1 133 ? -17.665 -9.228  3.054   1.00 47.13 ? 137 ARG A NH1 1 
ATOM   1035 N  NH2 . ARG A 1 133 ? -18.327 -9.786  5.173   1.00 47.91 ? 137 ARG A NH2 1 
ATOM   1036 N  N   . TRP A 1 134 ? -13.435 -3.256  5.263   1.00 16.17 ? 138 TRP A N   1 
ATOM   1037 C  CA  . TRP A 1 134 ? -12.520 -3.216  6.372   1.00 14.96 ? 138 TRP A CA  1 
ATOM   1038 C  C   . TRP A 1 134 ? -12.512 -1.827  6.995   1.00 15.88 ? 138 TRP A C   1 
ATOM   1039 O  O   . TRP A 1 134 ? -12.565 -1.811  8.226   1.00 16.82 ? 138 TRP A O   1 
ATOM   1040 C  CB  . TRP A 1 134 ? -11.105 -3.545  5.953   1.00 10.90 ? 138 TRP A CB  1 
ATOM   1041 C  CG  . TRP A 1 134 ? -10.085 -3.253  7.051   1.00 4.40  ? 138 TRP A CG  1 
ATOM   1042 C  CD1 . TRP A 1 134 ? -9.880  -4.140  8.071   1.00 4.54  ? 138 TRP A CD1 1 
ATOM   1043 C  CD2 . TRP A 1 134 ? -9.304  -2.129  7.155   1.00 3.85  ? 138 TRP A CD2 1 
ATOM   1044 N  NE1 . TRP A 1 134 ? -8.966  -3.559  8.830   1.00 10.28 ? 138 TRP A NE1 1 
ATOM   1045 C  CE2 . TRP A 1 134 ? -8.599  -2.369  8.312   1.00 6.31  ? 138 TRP A CE2 1 
ATOM   1046 C  CE3 . TRP A 1 134 ? -9.093  -0.991  6.448   1.00 2.62  ? 138 TRP A CE3 1 
ATOM   1047 C  CZ2 . TRP A 1 134 ? -7.671  -1.470  8.784   1.00 7.72  ? 138 TRP A CZ2 1 
ATOM   1048 C  CZ3 . TRP A 1 134 ? -8.169  -0.090  6.913   1.00 5.22  ? 138 TRP A CZ3 1 
ATOM   1049 C  CH2 . TRP A 1 134 ? -7.457  -0.314  8.058   1.00 6.34  ? 138 TRP A CH2 1 
ATOM   1050 N  N   . TRP A 1 135 ? -12.433 -0.698  6.253   1.00 14.63 ? 139 TRP A N   1 
ATOM   1051 C  CA  . TRP A 1 135 ? -12.409 0.634   6.836   1.00 11.64 ? 139 TRP A CA  1 
ATOM   1052 C  C   . TRP A 1 135 ? -13.672 0.864   7.641   1.00 14.98 ? 139 TRP A C   1 
ATOM   1053 O  O   . TRP A 1 135 ? -13.580 1.407   8.731   1.00 11.55 ? 139 TRP A O   1 
ATOM   1054 C  CB  . TRP A 1 135 ? -12.357 1.726   5.804   1.00 9.34  ? 139 TRP A CB  1 
ATOM   1055 C  CG  . TRP A 1 135 ? -12.228 3.161   6.356   1.00 4.59  ? 139 TRP A CG  1 
ATOM   1056 C  CD1 . TRP A 1 135 ? -13.245 4.092   6.229   1.00 4.92  ? 139 TRP A CD1 1 
ATOM   1057 C  CD2 . TRP A 1 135 ? -11.107 3.725   6.936   1.00 2.31  ? 139 TRP A CD2 1 
ATOM   1058 N  NE1 . TRP A 1 135 ? -12.762 5.241   6.703   1.00 7.88  ? 139 TRP A NE1 1 
ATOM   1059 C  CE2 . TRP A 1 135 ? -11.486 5.041   7.131   1.00 2.68  ? 139 TRP A CE2 1 
ATOM   1060 C  CE3 . TRP A 1 135 ? -9.856  3.298   7.302   1.00 7.60  ? 139 TRP A CE3 1 
ATOM   1061 C  CZ2 . TRP A 1 135 ? -10.631 5.947   7.685   1.00 3.12  ? 139 TRP A CZ2 1 
ATOM   1062 C  CZ3 . TRP A 1 135 ? -8.980  4.198   7.865   1.00 4.14  ? 139 TRP A CZ3 1 
ATOM   1063 C  CH2 . TRP A 1 135 ? -9.376  5.519   8.048   1.00 8.68  ? 139 TRP A CH2 1 
ATOM   1064 N  N   . GLU A 1 136 ? -14.828 0.423   7.150   1.00 17.16 ? 140 GLU A N   1 
ATOM   1065 C  CA  . GLU A 1 136 ? -16.089 0.614   7.846   1.00 19.09 ? 140 GLU A CA  1 
ATOM   1066 C  C   . GLU A 1 136 ? -16.515 -0.339  8.947   1.00 17.21 ? 140 GLU A C   1 
ATOM   1067 O  O   . GLU A 1 136 ? -17.091 0.091   9.931   1.00 16.21 ? 140 GLU A O   1 
ATOM   1068 C  CB  . GLU A 1 136 ? -17.235 0.653   6.826   1.00 22.81 ? 140 GLU A CB  1 
ATOM   1069 C  CG  . GLU A 1 136 ? -17.147 1.938   6.037   1.00 25.72 ? 140 GLU A CG  1 
ATOM   1070 C  CD  . GLU A 1 136 ? -18.276 2.196   5.055   1.00 30.67 ? 140 GLU A CD  1 
ATOM   1071 O  OE1 . GLU A 1 136 ? -19.126 1.326   4.813   1.00 29.50 ? 140 GLU A OE1 1 
ATOM   1072 O  OE2 . GLU A 1 136 ? -18.277 3.315   4.531   1.00 34.70 ? 140 GLU A OE2 1 
ATOM   1073 N  N   . LYS A 1 137 ? -16.368 -1.629  8.738   1.00 15.62 ? 141 LYS A N   1 
ATOM   1074 C  CA  . LYS A 1 137 ? -16.841 -2.645  9.642   1.00 15.08 ? 141 LYS A CA  1 
ATOM   1075 C  C   . LYS A 1 137 ? -15.709 -3.341  10.338  1.00 20.42 ? 141 LYS A C   1 
ATOM   1076 O  O   . LYS A 1 137 ? -15.984 -4.226  11.167  1.00 22.38 ? 141 LYS A O   1 
ATOM   1077 C  CB  . LYS A 1 137 ? -17.596 -3.766  8.951   1.00 18.83 ? 141 LYS A CB  1 
ATOM   1078 C  CG  . LYS A 1 137 ? -18.921 -3.463  8.268   1.00 26.42 ? 141 LYS A CG  1 
ATOM   1079 C  CD  . LYS A 1 137 ? -19.904 -3.062  9.344   1.00 36.62 ? 141 LYS A CD  1 
ATOM   1080 C  CE  . LYS A 1 137 ? -21.274 -2.845  8.713   1.00 45.61 ? 141 LYS A CE  1 
ATOM   1081 N  NZ  . LYS A 1 137 ? -22.116 -2.059  9.612   1.00 49.90 ? 141 LYS A NZ  1 
ATOM   1082 N  N   . ASN A 1 138 ? -14.442 -3.053  9.987   1.00 14.64 ? 142 ASN A N   1 
ATOM   1083 C  CA  . ASN A 1 138 ? -13.327 -3.789  10.555  1.00 16.04 ? 142 ASN A CA  1 
ATOM   1084 C  C   . ASN A 1 138 ? -13.412 -5.308  10.303  1.00 16.74 ? 142 ASN A C   1 
ATOM   1085 O  O   . ASN A 1 138 ? -12.998 -6.178  11.074  1.00 14.43 ? 142 ASN A O   1 
ATOM   1086 C  CB  . ASN A 1 138 ? -13.246 -3.488  12.072  1.00 17.09 ? 142 ASN A CB  1 
ATOM   1087 C  CG  . ASN A 1 138 ? -11.858 -3.779  12.563  1.00 17.85 ? 142 ASN A CG  1 
ATOM   1088 O  OD1 . ASN A 1 138 ? -10.911 -3.531  11.842  1.00 17.46 ? 142 ASN A OD1 1 
ATOM   1089 N  ND2 . ASN A 1 138 ? -11.579 -4.321  13.737  1.00 18.57 ? 142 ASN A ND2 1 
ATOM   1090 N  N   . GLU A 1 139 ? -13.899 -5.656  9.105   1.00 21.52 ? 143 GLU A N   1 
ATOM   1091 C  CA  . GLU A 1 139 ? -13.992 -7.033  8.621   1.00 23.34 ? 143 GLU A CA  1 
ATOM   1092 C  C   . GLU A 1 139 ? -13.032 -7.138  7.456   1.00 25.01 ? 143 GLU A C   1 
ATOM   1093 O  O   . GLU A 1 139 ? -13.084 -6.290  6.547   1.00 25.74 ? 143 GLU A O   1 
ATOM   1094 C  CB  . GLU A 1 139 ? -15.327 -7.371  8.071   1.00 26.57 ? 143 GLU A CB  1 
ATOM   1095 C  CG  . GLU A 1 139 ? -16.419 -7.710  9.034   1.00 31.90 ? 143 GLU A CG  1 
ATOM   1096 C  CD  . GLU A 1 139 ? -17.679 -8.077  8.257   1.00 35.56 ? 143 GLU A CD  1 
ATOM   1097 O  OE1 . GLU A 1 139 ? -17.809 -9.251  7.894   1.00 36.34 ? 143 GLU A OE1 1 
ATOM   1098 O  OE2 . GLU A 1 139 ? -18.513 -7.201  8.010   1.00 34.40 ? 143 GLU A OE2 1 
ATOM   1099 N  N   . LEU A 1 140 ? -12.124 -8.126  7.476   1.00 23.85 ? 144 LEU A N   1 
ATOM   1100 C  CA  . LEU A 1 140 ? -11.141 -8.336  6.416   1.00 23.91 ? 144 LEU A CA  1 
ATOM   1101 C  C   . LEU A 1 140 ? -11.589 -9.496  5.517   1.00 23.53 ? 144 LEU A C   1 
ATOM   1102 O  O   . LEU A 1 140 ? -11.681 -10.658 5.949   1.00 24.15 ? 144 LEU A O   1 
ATOM   1103 C  CB  . LEU A 1 140 ? -9.752  -8.643  7.042   1.00 19.98 ? 144 LEU A CB  1 
ATOM   1104 C  CG  . LEU A 1 140 ? -8.487  -8.725  6.196   1.00 21.36 ? 144 LEU A CG  1 
ATOM   1105 C  CD1 . LEU A 1 140 ? -8.245  -7.423  5.475   1.00 15.16 ? 144 LEU A CD1 1 
ATOM   1106 C  CD2 . LEU A 1 140 ? -7.326  -9.084  7.112   1.00 22.60 ? 144 LEU A CD2 1 
ATOM   1107 N  N   . VAL A 1 141 ? -11.973 -9.289  4.281   1.00 20.72 ? 145 VAL A N   1 
ATOM   1108 C  CA  . VAL A 1 141 ? -12.317 -10.382 3.412   1.00 22.66 ? 145 VAL A CA  1 
ATOM   1109 C  C   . VAL A 1 141 ? -11.501 -10.260 2.117   1.00 19.14 ? 145 VAL A C   1 
ATOM   1110 O  O   . VAL A 1 141 ? -11.335 -9.188  1.520   1.00 14.79 ? 145 VAL A O   1 
ATOM   1111 C  CB  . VAL A 1 141 ? -13.861 -10.386 3.080   1.00 23.74 ? 145 VAL A CB  1 
ATOM   1112 C  CG1 . VAL A 1 141 ? -14.608 -10.596 4.373   1.00 27.32 ? 145 VAL A CG1 1 
ATOM   1113 C  CG2 . VAL A 1 141 ? -14.338 -9.078  2.442   1.00 22.93 ? 145 VAL A CG2 1 
ATOM   1114 N  N   . THR A 1 142 ? -11.071 -11.420 1.641   1.00 18.50 ? 146 THR A N   1 
ATOM   1115 C  CA  . THR A 1 142 ? -10.371 -11.514 0.377   1.00 18.27 ? 146 THR A CA  1 
ATOM   1116 C  C   . THR A 1 142 ? -11.202 -10.982 -0.795  1.00 20.22 ? 146 THR A C   1 
ATOM   1117 O  O   . THR A 1 142 ? -12.360 -11.395 -0.961  1.00 17.21 ? 146 THR A O   1 
ATOM   1118 C  CB  . THR A 1 142 ? -10.013 -12.946 0.143   1.00 16.00 ? 146 THR A CB  1 
ATOM   1119 O  OG1 . THR A 1 142 ? -9.096  -13.316 1.179   1.00 16.30 ? 146 THR A OG1 1 
ATOM   1120 C  CG2 . THR A 1 142 ? -9.352  -13.131 -1.230  1.00 22.71 ? 146 THR A CG2 1 
ATOM   1121 N  N   . SER A 1 143 ? -10.635 -10.035 -1.560  1.00 22.83 ? 147 SER A N   1 
ATOM   1122 C  CA  . SER A 1 143 ? -11.391 -9.462  -2.659  1.00 24.46 ? 147 SER A CA  1 
ATOM   1123 C  C   . SER A 1 143 ? -10.552 -8.732  -3.672  1.00 27.06 ? 147 SER A C   1 
ATOM   1124 O  O   . SER A 1 143 ? -9.541  -8.094  -3.370  1.00 26.06 ? 147 SER A O   1 
ATOM   1125 C  CB  . SER A 1 143 ? -12.436 -8.475  -2.160  1.00 24.35 ? 147 SER A CB  1 
ATOM   1126 O  OG  . SER A 1 143 ? -13.300 -8.026  -3.192  1.00 19.82 ? 147 SER A OG  1 
ATOM   1127 N  N   . ASP A 1 144 ? -11.043 -8.864  -4.900  1.00 31.74 ? 148 ASP A N   1 
ATOM   1128 C  CA  . ASP A 1 144 ? -10.513 -8.130  -6.032  1.00 37.55 ? 148 ASP A CA  1 
ATOM   1129 C  C   . ASP A 1 144 ? -11.293 -6.846  -6.233  1.00 37.67 ? 148 ASP A C   1 
ATOM   1130 O  O   . ASP A 1 144 ? -10.862 -5.986  -6.998  1.00 39.74 ? 148 ASP A O   1 
ATOM   1131 C  CB  . ASP A 1 144 ? -10.549 -8.938  -7.360  1.00 44.61 ? 148 ASP A CB  1 
ATOM   1132 C  CG  . ASP A 1 144 ? -11.737 -9.850  -7.708  1.00 50.42 ? 148 ASP A CG  1 
ATOM   1133 O  OD1 . ASP A 1 144 ? -12.731 -9.911  -6.962  1.00 53.34 ? 148 ASP A OD1 1 
ATOM   1134 O  OD2 . ASP A 1 144 ? -11.640 -10.518 -8.745  1.00 49.45 ? 148 ASP A OD2 1 
ATOM   1135 N  N   . ARG A 1 145 ? -12.372 -6.580  -5.517  1.00 38.61 ? 149 ARG A N   1 
ATOM   1136 C  CA  . ARG A 1 145 ? -13.038 -5.305  -5.668  1.00 39.86 ? 149 ARG A CA  1 
ATOM   1137 C  C   . ARG A 1 145 ? -13.370 -4.770  -4.277  1.00 36.89 ? 149 ARG A C   1 
ATOM   1138 O  O   . ARG A 1 145 ? -13.360 -5.539  -3.316  1.00 36.18 ? 149 ARG A O   1 
ATOM   1139 C  CB  . ARG A 1 145 ? -14.281 -5.521  -6.516  1.00 45.74 ? 149 ARG A CB  1 
ATOM   1140 C  CG  . ARG A 1 145 ? -15.328 -6.427  -5.903  1.00 53.52 ? 149 ARG A CG  1 
ATOM   1141 C  CD  . ARG A 1 145 ? -16.009 -7.204  -7.006  1.00 62.63 ? 149 ARG A CD  1 
ATOM   1142 N  NE  . ARG A 1 145 ? -15.209 -8.332  -7.466  1.00 69.87 ? 149 ARG A NE  1 
ATOM   1143 C  CZ  . ARG A 1 145 ? -15.790 -9.386  -8.050  1.00 74.65 ? 149 ARG A CZ  1 
ATOM   1144 N  NH1 . ARG A 1 145 ? -17.110 -9.461  -8.260  1.00 78.42 ? 149 ARG A NH1 1 
ATOM   1145 N  NH2 . ARG A 1 145 ? -15.036 -10.397 -8.459  1.00 78.68 ? 149 ARG A NH2 1 
ATOM   1146 N  N   . GLY A 1 146 ? -13.560 -3.464  -4.126  1.00 33.61 ? 150 GLY A N   1 
ATOM   1147 C  CA  . GLY A 1 146 ? -13.960 -2.913  -2.849  1.00 31.18 ? 150 GLY A CA  1 
ATOM   1148 C  C   . GLY A 1 146 ? -12.933 -1.993  -2.215  1.00 28.26 ? 150 GLY A C   1 
ATOM   1149 O  O   . GLY A 1 146 ? -13.344 -0.994  -1.640  1.00 25.81 ? 150 GLY A O   1 
ATOM   1150 O  OXT . GLY A 1 146 ? -11.744 -2.279  -2.259  1.00 24.60 ? 150 GLY A OXT 1 
HETATM 1151 ZN ZN  . ZN  B 2 .   ? -0.990  -2.095  -6.173  1.00 22.91 ? 151 ZN  A ZN  1 
HETATM 1152 O  O   . HOH C 3 .   ? 1.823   -2.260  -6.467  1.00 28.17 ? 199 HOH A O   1 
HETATM 1153 O  O   . HOH C 3 .   ? 4.922   -11.412 2.901   1.00 13.73 ? 200 HOH A O   1 
HETATM 1154 O  O   . HOH C 3 .   ? 7.009   -8.315  7.131   1.00 17.31 ? 201 HOH A O   1 
HETATM 1155 O  O   . HOH C 3 .   ? -0.428  0.259   -11.996 1.00 38.10 ? 202 HOH A O   1 
HETATM 1156 O  O   . HOH C 3 .   ? 2.991   8.941   -5.905  1.00 24.12 ? 203 HOH A O   1 
HETATM 1157 O  O   . HOH C 3 .   ? -6.242  -10.375 10.301  1.00 25.28 ? 204 HOH A O   1 
HETATM 1158 O  O   . HOH C 3 .   ? -11.210 4.067   11.118  1.00 41.36 ? 205 HOH A O   1 
HETATM 1159 O  O   . HOH C 3 .   ? -4.923  4.993   16.652  1.00 16.46 ? 206 HOH A O   1 
HETATM 1160 O  O   . HOH C 3 .   ? -12.055 8.650   2.110   1.00 46.15 ? 207 HOH A O   1 
HETATM 1161 O  O   . HOH C 3 .   ? -12.083 -6.533  3.981   1.00 14.17 ? 208 HOH A O   1 
HETATM 1162 O  O   . HOH C 3 .   ? -16.708 -2.263  -0.691  1.00 35.53 ? 209 HOH A O   1 
HETATM 1163 O  O   . HOH C 3 .   ? 7.705   8.680   3.752   1.00 29.12 ? 210 HOH A O   1 
HETATM 1164 O  O   . HOH C 3 .   ? 7.859   -8.174  10.849  1.00 22.94 ? 211 HOH A O   1 
HETATM 1165 O  O   . HOH C 3 .   ? 13.303  -5.801  6.486   1.00 36.52 ? 212 HOH A O   1 
HETATM 1166 O  O   . HOH C 3 .   ? 10.904  2.336   11.278  1.00 30.07 ? 213 HOH A O   1 
HETATM 1167 O  O   . HOH C 3 .   ? 19.006  0.771   -9.604  1.00 41.41 ? 214 HOH A O   1 
HETATM 1168 O  O   . HOH C 3 .   ? 0.931   -3.307  15.239  1.00 20.89 ? 215 HOH A O   1 
HETATM 1169 O  O   . HOH C 3 .   ? 13.595  -3.018  5.846   1.00 25.28 ? 216 HOH A O   1 
HETATM 1170 O  O   . HOH C 3 .   ? -1.204  -9.486  14.527  1.00 49.35 ? 217 HOH A O   1 
HETATM 1171 O  O   . HOH C 3 .   ? -10.207 9.792   9.257   1.00 41.80 ? 218 HOH A O   1 
HETATM 1172 O  O   . HOH C 3 .   ? -5.377  2.185   -14.012 1.00 35.93 ? 219 HOH A O   1 
HETATM 1173 O  O   . HOH C 3 .   ? -6.529  -6.230  13.719  1.00 34.14 ? 220 HOH A O   1 
HETATM 1174 O  O   . HOH C 3 .   ? -12.294 2.229   -1.208  1.00 42.36 ? 221 HOH A O   1 
HETATM 1175 O  O   . HOH C 3 .   ? -4.722  -21.021 -3.884  1.00 38.47 ? 222 HOH A O   1 
HETATM 1176 O  O   . HOH C 3 .   ? -1.528  -17.274 2.746   1.00 34.15 ? 223 HOH A O   1 
HETATM 1177 O  O   . HOH C 3 .   ? -8.994  13.817  3.922   1.00 36.00 ? 224 HOH A O   1 
# 
